data_5AWG
#
_entry.id   5AWG
#
_cell.length_a   119.848
_cell.length_b   139.379
_cell.length_c   124.414
_cell.angle_alpha   90.00
_cell.angle_beta   113.55
_cell.angle_gamma   90.00
#
_symmetry.space_group_name_H-M   'P 1 21 1'
#
loop_
_entity.id
_entity.type
_entity.pdbx_description
1 polymer 'FeS cluster assembly protein SufB'
2 polymer 'FeS cluster assembly protein SufD'
3 polymer 'Probable ATP-dependent transporter SufC'
4 non-polymer 'MERCURY (II) ION'
#
loop_
_entity_poly.entity_id
_entity_poly.type
_entity_poly.pdbx_seq_one_letter_code
_entity_poly.pdbx_strand_id
1 'polypeptide(L)'
;MSRNTEATDDVKTWTGGPLNYKEGFFTQLATDELAKGINEEVVRAISAKRNEPEWMLEFRLNAYRAWLEMEEPHWLKAHY
DKLNYQDYSYYSAPSCGNCDDTCASEPGAVQQTGANAFLSKEVEAAFEQLGVPVREGKEVAVDAIFDSVSVATTYREKLA
EQGIIFCSFGEAIHDHPELVRKYLGTVVPGNDNFFAALNAAVASDGTFIYVPKGVRCPMELSTYFRINAEKTGQFERTIL
VADEDSYVSYIEGCSAPVRDSYQLHAAVVEVIIHKNAEVKYSTVQNWFPGDNNTGGILNFVTKRALCEGENSKMSWTQSE
TGSAITWKYPSCILRGDNSIGEFYSVALTSGHQQADTGTKMIHIGKNTKSTIISKGISAGHSQNSYRGLVKIMPTATNAR
NFTQCDSMLIGANCGAHTFPYVECRNNSAQLEHEATTSRIGEDQLFYCLQRGISEEDAISMIVNGFCKDVFSELPLEFAV
EAQKLLAISLEHSVG
;
A,E
2 'polypeptide(L)'
;MAGLPNSSNALQQWHHLFEAEGTKRSPQAQQHLQQLLRTGLPTRKHENWKYTPLEGLINSQFVSIAGEISPQQRDALALT
LDSVRLVFVDGRYVPALSDATEGSGYEVSINDDRQGLPDAIQAEVFLHLTESLAQSVTHIAVKRGQRPAKPLLLMHITQG
VAGEEVNTAHYRHHLDLAEGAEATVIEHFVSLNDARHFTGARFTINVAANAHLQHIKLAFENPLSHHFAHNDLLLAEDAT
AFSHSFLLGGAVLRHNTSTQLNGENSTLRINSLAMPVKNEVCDTRTWLEHNKGFCNSRQLHKTIVSDKGRAVFNGLINVA
QHAIKTDGQMTNNNLLMGKLAEVDTKPQLEIYADDVKCSHGATVGRIDDEQIFYLRSRGINQQDAQQMIIYAFAAELTEA
LRDEGLKQQVLARIGQRLPGGAR
;
B,F
3 'polypeptide(L)'
;MLSIKDLHVSVEDKAILRGLSLDVHPGEVHAIMGPNGSGKSTLSATLAGREDYEVTGGTVEFKGKDLLALSPEDRAGEGI
FMAFQYPVEIPGVSNQFFLQTALNAVRSYRGQETLDRFDFQDLMEEKIALLKMPEDLLTRSVNVGFSGGEKKRNDILQMA
VLEPELCILDESDSGLDIDALKVVADGVNSLRDGKRSFIIVTHYQRILDYIKPDYVHVLYQGRIVKSGDFTLVKQLEEQG
YGWLTEQQ
;
C,D,G,H
#
# COMPACT_ATOMS: atom_id res chain seq x y z
N LEU A 34 -20.31 -18.57 -66.93
CA LEU A 34 -19.07 -18.69 -67.68
C LEU A 34 -19.28 -19.45 -68.99
N ALA A 35 -19.96 -20.59 -68.91
CA ALA A 35 -20.20 -21.50 -70.05
C ALA A 35 -20.55 -20.72 -71.33
N LYS A 36 -20.30 -21.27 -72.53
CA LYS A 36 -20.18 -22.70 -72.83
C LYS A 36 -18.80 -23.32 -72.64
N GLY A 37 -18.79 -24.53 -72.09
CA GLY A 37 -17.66 -25.44 -72.21
C GLY A 37 -16.41 -25.14 -71.40
N ILE A 38 -15.57 -26.15 -71.25
CA ILE A 38 -14.22 -25.98 -70.73
C ILE A 38 -13.18 -26.89 -71.40
N ASN A 39 -12.13 -26.29 -71.95
CA ASN A 39 -11.07 -27.07 -72.58
C ASN A 39 -9.69 -26.55 -72.11
N GLU A 40 -8.63 -26.99 -72.77
CA GLU A 40 -7.28 -26.50 -72.43
C GLU A 40 -7.13 -25.08 -72.95
N GLU A 41 -7.79 -24.78 -74.07
CA GLU A 41 -7.70 -23.45 -74.66
C GLU A 41 -8.49 -22.43 -73.84
N VAL A 42 -9.66 -22.83 -73.34
CA VAL A 42 -10.42 -21.98 -72.43
C VAL A 42 -9.56 -21.55 -71.25
N VAL A 43 -8.86 -22.51 -70.65
CA VAL A 43 -7.90 -22.20 -69.60
C VAL A 43 -6.90 -21.19 -70.16
N ARG A 44 -6.37 -21.50 -71.34
CA ARG A 44 -5.41 -20.65 -72.02
C ARG A 44 -6.05 -19.33 -72.46
N ALA A 45 -7.38 -19.29 -72.48
CA ALA A 45 -8.14 -18.10 -72.86
C ALA A 45 -8.41 -17.17 -71.69
N ILE A 46 -8.77 -17.72 -70.54
CA ILE A 46 -8.95 -16.92 -69.32
C ILE A 46 -7.62 -16.33 -68.88
N SER A 47 -6.58 -17.16 -68.87
CA SER A 47 -5.20 -16.66 -68.90
C SER A 47 -5.07 -15.95 -70.25
N ALA A 48 -4.30 -14.86 -70.29
CA ALA A 48 -4.10 -14.07 -71.51
C ALA A 48 -5.25 -13.11 -71.77
N LYS A 49 -6.37 -13.27 -71.07
CA LYS A 49 -7.37 -12.22 -71.04
C LYS A 49 -6.79 -11.05 -70.22
N ARG A 50 -5.90 -11.38 -69.28
CA ARG A 50 -4.99 -10.43 -68.62
C ARG A 50 -3.56 -10.72 -69.14
N ASN A 51 -2.69 -9.74 -69.41
CA ASN A 51 -1.30 -10.18 -69.66
C ASN A 51 -0.89 -11.00 -68.44
N GLU A 52 -0.91 -12.31 -68.63
CA GLU A 52 -0.54 -13.19 -67.56
C GLU A 52 0.76 -13.90 -67.79
N PRO A 53 1.66 -13.75 -66.80
CA PRO A 53 2.92 -14.50 -66.71
C PRO A 53 2.64 -16.00 -66.79
N GLU A 54 3.67 -16.80 -67.03
CA GLU A 54 3.43 -18.21 -67.31
C GLU A 54 3.38 -19.07 -66.05
N TRP A 55 3.90 -18.56 -64.94
CA TRP A 55 3.70 -19.23 -63.66
C TRP A 55 2.26 -19.33 -63.19
N MET A 56 1.52 -18.24 -63.31
CA MET A 56 0.09 -18.24 -63.00
C MET A 56 -0.68 -19.24 -63.86
N LEU A 57 -0.32 -19.26 -65.14
CA LEU A 57 -0.97 -20.08 -66.16
C LEU A 57 -0.85 -21.57 -65.88
N GLU A 58 0.38 -22.04 -65.75
CA GLU A 58 0.64 -23.48 -65.70
C GLU A 58 0.03 -24.08 -64.44
N PHE A 59 0.06 -23.30 -63.35
CA PHE A 59 -0.62 -23.65 -62.11
C PHE A 59 -2.04 -24.14 -62.40
N ARG A 60 -2.74 -23.39 -63.26
CA ARG A 60 -4.05 -23.80 -63.75
C ARG A 60 -4.01 -25.10 -64.55
N LEU A 61 -2.98 -25.28 -65.37
CA LEU A 61 -2.94 -26.43 -66.23
C LEU A 61 -2.81 -27.72 -65.43
N ASN A 62 -1.88 -27.81 -64.48
CA ASN A 62 -1.76 -29.05 -63.72
C ASN A 62 -3.10 -29.36 -63.05
N ALA A 63 -3.69 -28.32 -62.48
CA ALA A 63 -5.03 -28.39 -61.89
C ALA A 63 -5.99 -29.02 -62.90
N TYR A 64 -6.09 -28.40 -64.07
CA TYR A 64 -6.93 -28.85 -65.16
C TYR A 64 -6.57 -30.30 -65.49
N ARG A 65 -5.27 -30.59 -65.58
CA ARG A 65 -4.78 -31.95 -65.86
C ARG A 65 -5.20 -32.86 -64.71
N ALA A 66 -5.13 -32.34 -63.48
CA ALA A 66 -5.58 -33.10 -62.32
C ALA A 66 -7.09 -33.29 -62.41
N TRP A 67 -7.82 -32.28 -62.88
CA TRP A 67 -9.27 -32.37 -63.01
C TRP A 67 -9.68 -33.46 -63.95
N LEU A 68 -8.84 -33.63 -64.97
CA LEU A 68 -9.07 -34.59 -66.01
C LEU A 68 -8.92 -36.06 -65.61
N GLU A 69 -7.91 -36.35 -64.80
CA GLU A 69 -7.68 -37.72 -64.37
C GLU A 69 -8.73 -38.17 -63.37
N MET A 70 -9.41 -37.20 -62.78
CA MET A 70 -10.39 -37.45 -61.73
C MET A 70 -11.79 -37.81 -62.23
N GLU A 71 -12.43 -38.76 -61.56
CA GLU A 71 -13.83 -39.04 -61.85
C GLU A 71 -14.61 -38.01 -61.06
N GLU A 72 -15.91 -37.86 -61.31
CA GLU A 72 -16.67 -36.88 -60.54
C GLU A 72 -17.38 -37.55 -59.36
N PRO A 73 -17.09 -37.07 -58.14
CA PRO A 73 -17.55 -37.59 -56.85
C PRO A 73 -19.04 -37.33 -56.59
N HIS A 74 -19.72 -38.36 -56.09
CA HIS A 74 -21.08 -38.30 -55.52
C HIS A 74 -21.57 -36.91 -55.09
N TRP A 75 -22.87 -36.67 -55.32
CA TRP A 75 -23.54 -35.45 -54.91
C TRP A 75 -23.27 -35.08 -53.44
N GLU A 157 -10.56 3.69 -45.44
CA GLU A 157 -11.30 3.88 -46.68
C GLU A 157 -10.46 4.53 -47.78
N LYS A 158 -9.71 3.70 -48.51
CA LYS A 158 -8.83 4.11 -49.64
C LYS A 158 -7.43 4.35 -49.10
N LEU A 159 -7.33 4.40 -47.76
CA LEU A 159 -6.12 4.77 -47.01
C LEU A 159 -4.82 4.18 -47.55
N ALA A 160 -3.73 4.92 -47.36
CA ALA A 160 -2.38 4.46 -47.67
C ALA A 160 -1.56 3.86 -46.51
N GLU A 161 -1.20 2.59 -46.68
CA GLU A 161 -0.59 1.71 -45.67
C GLU A 161 0.81 2.17 -45.23
N GLN A 162 1.37 1.74 -44.09
CA GLN A 162 1.07 0.56 -43.24
C GLN A 162 1.33 -0.78 -43.96
N GLY A 163 2.10 -0.71 -45.05
CA GLY A 163 2.41 -1.81 -45.96
C GLY A 163 1.36 -2.76 -46.50
N ILE A 164 0.17 -2.75 -45.92
CA ILE A 164 -0.92 -3.66 -46.26
C ILE A 164 -1.29 -3.58 -47.74
N ILE A 165 -1.60 -4.70 -48.38
CA ILE A 165 -2.12 -4.60 -49.73
C ILE A 165 -3.54 -5.18 -49.67
N PHE A 166 -4.49 -4.33 -50.05
CA PHE A 166 -5.88 -4.73 -50.21
C PHE A 166 -6.41 -4.31 -51.57
N CYS A 167 -6.21 -5.19 -52.55
CA CYS A 167 -6.64 -4.90 -53.90
C CYS A 167 -7.33 -6.15 -54.44
N SER A 168 -7.67 -6.15 -55.73
CA SER A 168 -8.35 -7.30 -56.28
C SER A 168 -7.37 -8.42 -56.54
N PHE A 169 -7.89 -9.62 -56.77
CA PHE A 169 -7.07 -10.77 -57.12
C PHE A 169 -6.36 -10.57 -58.45
N GLY A 170 -7.11 -10.20 -59.48
CA GLY A 170 -6.52 -9.95 -60.78
C GLY A 170 -5.47 -8.87 -60.80
N GLU A 171 -5.78 -7.73 -60.19
CA GLU A 171 -4.82 -6.64 -60.09
C GLU A 171 -3.51 -7.09 -59.43
N ALA A 172 -3.62 -7.98 -58.44
CA ALA A 172 -2.45 -8.48 -57.73
C ALA A 172 -1.46 -9.22 -58.60
N ILE A 173 -1.91 -10.18 -59.39
CA ILE A 173 -1.03 -10.88 -60.32
C ILE A 173 -0.22 -9.87 -61.14
N HIS A 174 -0.95 -8.93 -61.74
CA HIS A 174 -0.38 -7.94 -62.64
C HIS A 174 0.64 -7.03 -61.96
N ASP A 175 0.26 -6.38 -60.87
CA ASP A 175 1.16 -5.39 -60.26
C ASP A 175 2.10 -6.02 -59.22
N HIS A 176 1.67 -7.12 -58.62
CA HIS A 176 2.47 -7.82 -57.60
C HIS A 176 2.55 -9.33 -57.80
N PRO A 177 3.41 -9.78 -58.71
CA PRO A 177 3.55 -11.19 -59.10
C PRO A 177 4.43 -11.94 -58.09
N GLU A 178 5.53 -11.32 -57.68
CA GLU A 178 6.50 -11.93 -56.77
C GLU A 178 5.79 -12.24 -55.44
N LEU A 179 4.90 -11.34 -55.05
CA LEU A 179 4.06 -11.47 -53.85
C LEU A 179 3.24 -12.74 -53.97
N VAL A 180 2.46 -12.79 -55.05
CA VAL A 180 1.57 -13.88 -55.41
C VAL A 180 2.39 -15.17 -55.51
N ARG A 181 3.61 -15.04 -56.02
CA ARG A 181 4.48 -16.16 -56.34
C ARG A 181 4.83 -16.97 -55.10
N LYS A 182 4.98 -16.29 -53.97
CA LYS A 182 5.43 -16.98 -52.78
C LYS A 182 4.37 -17.75 -51.98
N TYR A 183 3.08 -17.50 -52.19
CA TYR A 183 2.09 -18.15 -51.33
C TYR A 183 1.08 -19.10 -51.97
N LEU A 184 0.73 -18.86 -53.22
CA LEU A 184 -0.34 -19.64 -53.85
C LEU A 184 0.03 -21.10 -54.10
N GLY A 185 -0.81 -21.99 -53.61
CA GLY A 185 -0.64 -23.42 -53.78
C GLY A 185 0.25 -24.05 -52.74
N THR A 186 0.79 -23.22 -51.84
CA THR A 186 1.63 -23.70 -50.76
C THR A 186 0.86 -24.63 -49.81
N VAL A 187 -0.41 -24.31 -49.58
CA VAL A 187 -1.20 -25.07 -48.61
C VAL A 187 -2.27 -25.95 -49.25
N VAL A 188 -3.02 -25.40 -50.18
CA VAL A 188 -3.92 -26.22 -51.00
C VAL A 188 -3.45 -26.30 -52.44
N PRO A 189 -2.61 -27.31 -52.76
CA PRO A 189 -2.23 -27.67 -54.12
C PRO A 189 -3.43 -27.73 -55.06
N GLY A 190 -3.25 -27.26 -56.29
CA GLY A 190 -4.11 -27.71 -57.36
C GLY A 190 -3.86 -29.20 -57.52
N ASN A 191 -4.95 -29.98 -57.47
CA ASN A 191 -5.03 -31.46 -57.33
C ASN A 191 -5.41 -32.01 -55.96
N ASP A 192 -5.53 -31.15 -54.95
CA ASP A 192 -5.76 -31.59 -53.55
C ASP A 192 -7.01 -32.47 -53.59
N ASN A 193 -7.98 -32.04 -54.38
CA ASN A 193 -9.21 -32.77 -54.65
C ASN A 193 -9.92 -32.18 -55.87
N PHE A 194 -11.00 -32.83 -56.28
CA PHE A 194 -11.79 -32.50 -57.46
C PHE A 194 -12.04 -31.01 -57.72
N PHE A 195 -12.80 -30.37 -56.84
CA PHE A 195 -13.23 -28.97 -57.06
C PHE A 195 -12.16 -27.91 -56.85
N ALA A 196 -11.13 -28.22 -56.09
CA ALA A 196 -10.06 -27.26 -55.84
C ALA A 196 -9.15 -27.21 -57.07
N ALA A 197 -9.15 -28.25 -57.88
CA ALA A 197 -8.42 -28.15 -59.12
C ALA A 197 -9.19 -27.22 -60.09
N LEU A 198 -10.47 -27.49 -60.30
CA LEU A 198 -11.33 -26.64 -61.14
C LEU A 198 -11.46 -25.14 -60.83
N ASN A 199 -11.35 -24.76 -59.57
CA ASN A 199 -11.48 -23.35 -59.19
C ASN A 199 -10.20 -22.59 -59.50
N ALA A 200 -9.04 -23.21 -59.27
CA ALA A 200 -7.76 -22.54 -59.43
C ALA A 200 -7.57 -22.15 -60.89
N ALA A 201 -7.55 -23.15 -61.78
CA ALA A 201 -7.96 -22.93 -63.16
C ALA A 201 -9.35 -22.30 -63.21
N VAL A 202 -9.62 -21.45 -64.19
CA VAL A 202 -10.98 -20.97 -64.52
C VAL A 202 -11.38 -19.71 -63.72
N ALA A 203 -10.75 -19.47 -62.57
CA ALA A 203 -11.16 -18.35 -61.72
C ALA A 203 -10.46 -17.05 -62.05
N SER A 204 -11.26 -16.01 -62.28
CA SER A 204 -10.77 -14.67 -62.56
C SER A 204 -11.00 -13.77 -61.35
N ASP A 205 -12.18 -13.89 -60.75
CA ASP A 205 -12.55 -13.02 -59.63
C ASP A 205 -11.96 -13.52 -58.32
N GLY A 206 -11.90 -12.64 -57.33
CA GLY A 206 -11.38 -12.96 -56.01
C GLY A 206 -10.72 -11.76 -55.35
N THR A 207 -10.03 -12.02 -54.24
CA THR A 207 -9.48 -10.97 -53.39
C THR A 207 -8.09 -11.36 -52.85
N PHE A 208 -7.14 -10.44 -52.90
CA PHE A 208 -5.82 -10.70 -52.32
C PHE A 208 -5.45 -9.80 -51.15
N ILE A 209 -4.94 -10.41 -50.08
CA ILE A 209 -4.47 -9.69 -48.90
C ILE A 209 -3.13 -10.20 -48.34
N TYR A 210 -2.17 -9.29 -48.24
CA TYR A 210 -0.90 -9.56 -47.57
C TYR A 210 -0.75 -8.57 -46.43
N VAL A 211 -0.30 -9.06 -45.28
CA VAL A 211 -0.04 -8.16 -44.15
C VAL A 211 1.37 -8.25 -43.56
N PRO A 212 2.11 -7.14 -43.69
CA PRO A 212 3.49 -6.75 -43.34
C PRO A 212 3.79 -6.73 -41.84
N LYS A 213 5.06 -6.60 -41.50
CA LYS A 213 5.53 -6.66 -40.12
C LYS A 213 4.91 -5.59 -39.23
N GLY A 214 4.80 -5.87 -37.93
CA GLY A 214 4.34 -4.89 -36.97
C GLY A 214 3.00 -4.19 -37.13
N VAL A 215 2.18 -4.62 -38.08
CA VAL A 215 0.92 -3.92 -38.34
C VAL A 215 -0.37 -4.56 -37.82
N ARG A 216 -1.05 -3.80 -36.98
CA ARG A 216 -2.39 -4.09 -36.54
C ARG A 216 -3.29 -3.36 -37.52
N CYS A 217 -4.07 -4.14 -38.26
CA CYS A 217 -4.99 -3.61 -39.25
C CYS A 217 -5.89 -2.61 -38.57
N PRO A 218 -5.95 -1.38 -39.10
CA PRO A 218 -6.70 -0.35 -38.38
C PRO A 218 -8.17 -0.72 -38.30
N MET A 219 -8.75 -1.18 -39.40
CA MET A 219 -10.15 -1.55 -39.37
C MET A 219 -10.24 -3.04 -39.64
N GLU A 220 -11.45 -3.58 -39.57
CA GLU A 220 -11.66 -4.99 -39.82
C GLU A 220 -12.01 -5.00 -41.30
N LEU A 221 -11.25 -5.71 -42.13
CA LEU A 221 -11.63 -5.71 -43.54
C LEU A 221 -12.83 -6.60 -43.80
N SER A 222 -13.79 -6.08 -44.54
CA SER A 222 -14.99 -6.84 -44.88
C SER A 222 -15.48 -6.49 -46.26
N THR A 223 -15.99 -7.47 -47.01
CA THR A 223 -16.69 -7.09 -48.23
C THR A 223 -18.11 -7.62 -48.27
N TYR A 224 -18.64 -8.07 -47.14
CA TYR A 224 -20.01 -8.55 -47.19
C TYR A 224 -20.97 -7.35 -47.25
N PHE A 225 -21.76 -7.31 -48.32
CA PHE A 225 -22.78 -6.29 -48.59
C PHE A 225 -24.05 -6.99 -49.09
N ARG A 226 -25.21 -6.41 -48.76
CA ARG A 226 -26.47 -7.09 -49.01
C ARG A 226 -27.09 -6.66 -50.33
N ILE A 227 -26.45 -7.19 -51.36
CA ILE A 227 -26.68 -6.98 -52.77
C ILE A 227 -28.11 -7.42 -53.08
N ASN A 228 -28.76 -6.73 -54.01
CA ASN A 228 -30.02 -7.20 -54.57
C ASN A 228 -29.97 -7.34 -56.08
N ALA A 229 -28.90 -6.85 -56.70
CA ALA A 229 -28.56 -7.37 -58.02
C ALA A 229 -28.38 -8.88 -57.90
N GLU A 230 -28.71 -9.61 -58.95
CA GLU A 230 -28.54 -11.06 -58.95
C GLU A 230 -27.09 -11.49 -59.17
N LYS A 231 -26.81 -12.78 -58.93
CA LYS A 231 -25.46 -13.24 -58.58
C LYS A 231 -24.38 -13.10 -59.66
N THR A 232 -23.25 -12.55 -59.23
CA THR A 232 -22.12 -12.17 -60.10
C THR A 232 -21.41 -13.30 -60.86
N GLY A 233 -20.93 -14.31 -60.13
CA GLY A 233 -19.89 -15.20 -60.62
C GLY A 233 -19.87 -16.52 -59.90
N GLN A 234 -19.34 -17.54 -60.56
CA GLN A 234 -19.61 -18.88 -60.08
C GLN A 234 -18.47 -19.41 -59.21
N PHE A 235 -17.23 -19.04 -59.57
CA PHE A 235 -16.02 -19.51 -58.89
C PHE A 235 -15.14 -18.37 -58.38
N GLU A 236 -14.50 -18.61 -57.24
CA GLU A 236 -13.49 -17.68 -56.73
C GLU A 236 -12.49 -18.28 -55.73
N ARG A 237 -11.40 -17.55 -55.48
CA ARG A 237 -10.39 -17.96 -54.50
C ARG A 237 -9.86 -16.72 -53.78
N THR A 238 -9.96 -16.71 -52.46
CA THR A 238 -9.31 -15.65 -51.72
C THR A 238 -8.07 -16.23 -51.04
N ILE A 239 -6.99 -15.46 -51.02
CA ILE A 239 -5.80 -15.86 -50.31
C ILE A 239 -5.32 -14.73 -49.42
N LEU A 240 -5.42 -14.97 -48.12
CA LEU A 240 -4.99 -14.02 -47.10
C LEU A 240 -3.77 -14.56 -46.39
N VAL A 241 -2.72 -13.75 -46.35
CA VAL A 241 -1.51 -14.16 -45.67
C VAL A 241 -1.17 -13.10 -44.65
N ALA A 242 -0.96 -13.55 -43.42
CA ALA A 242 -0.53 -12.66 -42.36
C ALA A 242 0.85 -13.08 -41.87
N ASP A 243 1.84 -12.26 -42.17
CA ASP A 243 3.21 -12.51 -41.79
C ASP A 243 3.28 -12.14 -40.29
N GLU A 244 4.42 -12.32 -39.64
CA GLU A 244 4.49 -12.17 -38.17
C GLU A 244 3.92 -10.86 -37.59
N ASP A 245 3.48 -10.98 -36.35
CA ASP A 245 2.97 -9.87 -35.53
C ASP A 245 1.74 -9.15 -36.13
N SER A 246 1.01 -9.89 -36.95
CA SER A 246 -0.14 -9.42 -37.70
C SER A 246 -1.47 -9.67 -36.98
N TYR A 247 -2.39 -8.72 -37.06
CA TYR A 247 -3.76 -9.00 -36.65
C TYR A 247 -4.60 -8.47 -37.80
N VAL A 248 -5.42 -9.34 -38.37
CA VAL A 248 -6.39 -8.96 -39.40
C VAL A 248 -7.74 -9.68 -39.27
N SER A 249 -8.83 -8.94 -39.39
CA SER A 249 -10.14 -9.56 -39.49
C SER A 249 -10.68 -9.48 -40.92
N TYR A 250 -10.97 -10.63 -41.53
CA TYR A 250 -11.46 -10.63 -42.90
C TYR A 250 -12.89 -11.17 -42.87
N ILE A 251 -13.75 -10.57 -43.67
CA ILE A 251 -15.13 -11.04 -43.82
C ILE A 251 -15.49 -11.33 -45.28
N GLU A 252 -16.25 -12.40 -45.50
CA GLU A 252 -16.50 -12.92 -46.84
C GLU A 252 -17.97 -13.31 -46.95
N GLY A 253 -18.50 -13.26 -48.16
CA GLY A 253 -19.86 -13.72 -48.40
C GLY A 253 -20.64 -12.79 -49.32
N CYS A 254 -21.89 -13.16 -49.56
CA CYS A 254 -22.80 -12.37 -50.39
C CYS A 254 -24.21 -12.75 -49.96
N SER A 255 -25.19 -11.91 -50.28
CA SER A 255 -26.57 -12.19 -49.94
C SER A 255 -27.54 -11.89 -51.08
N ALA A 256 -27.64 -12.78 -52.07
CA ALA A 256 -28.40 -12.47 -53.27
C ALA A 256 -29.63 -13.36 -53.46
N PRO A 257 -30.63 -12.85 -54.19
CA PRO A 257 -31.80 -13.65 -54.61
C PRO A 257 -31.29 -14.67 -55.62
N VAL A 258 -32.01 -15.76 -55.88
CA VAL A 258 -31.46 -16.76 -56.78
C VAL A 258 -32.32 -17.31 -57.91
N ARG A 259 -31.64 -17.45 -59.05
CA ARG A 259 -32.12 -17.98 -60.32
C ARG A 259 -32.96 -19.25 -60.26
N ASP A 260 -33.51 -19.59 -61.42
CA ASP A 260 -34.22 -20.85 -61.61
C ASP A 260 -33.34 -21.80 -62.41
N SER A 261 -32.03 -21.54 -62.42
CA SER A 261 -31.04 -22.54 -62.80
C SER A 261 -30.17 -22.97 -61.62
N TYR A 262 -29.75 -24.22 -61.61
CA TYR A 262 -28.67 -24.65 -60.73
C TYR A 262 -27.38 -23.86 -61.01
N GLN A 263 -26.91 -23.08 -60.04
CA GLN A 263 -25.63 -22.41 -60.20
C GLN A 263 -24.62 -22.94 -59.18
N LEU A 264 -23.37 -23.13 -59.58
CA LEU A 264 -22.39 -23.77 -58.70
C LEU A 264 -21.33 -22.79 -58.19
N HIS A 265 -21.37 -22.50 -56.90
CA HIS A 265 -20.36 -21.69 -56.23
C HIS A 265 -19.30 -22.56 -55.53
N ALA A 266 -18.11 -22.69 -56.10
CA ALA A 266 -17.10 -23.59 -55.52
C ALA A 266 -15.77 -22.91 -55.17
N ALA A 267 -15.82 -21.98 -54.22
CA ALA A 267 -14.63 -21.21 -53.83
C ALA A 267 -13.56 -21.98 -53.01
N VAL A 268 -12.33 -21.45 -52.99
CA VAL A 268 -11.22 -21.96 -52.17
C VAL A 268 -10.44 -20.85 -51.48
N VAL A 269 -10.37 -20.93 -50.16
CA VAL A 269 -9.65 -19.92 -49.39
C VAL A 269 -8.41 -20.52 -48.74
N GLU A 270 -7.25 -19.91 -49.01
CA GLU A 270 -5.99 -20.32 -48.40
C GLU A 270 -5.42 -19.23 -47.49
N VAL A 271 -5.09 -19.61 -46.27
CA VAL A 271 -4.52 -18.67 -45.30
C VAL A 271 -3.22 -19.19 -44.69
N ILE A 272 -2.18 -18.36 -44.67
CA ILE A 272 -0.89 -18.80 -44.13
C ILE A 272 -0.44 -17.86 -43.04
N ILE A 273 -0.32 -18.40 -41.83
CA ILE A 273 0.01 -17.62 -40.67
C ILE A 273 1.33 -17.98 -39.91
N HIS A 274 2.24 -17.02 -39.94
CA HIS A 274 3.57 -17.12 -39.35
C HIS A 274 3.71 -16.75 -37.87
N LYS A 275 4.97 -16.75 -37.41
CA LYS A 275 5.27 -16.59 -36.00
C LYS A 275 4.60 -15.39 -35.33
N ASN A 276 3.92 -15.64 -34.21
CA ASN A 276 3.30 -14.57 -33.40
C ASN A 276 2.18 -13.82 -34.13
N ALA A 277 1.67 -14.37 -35.22
CA ALA A 277 0.60 -13.72 -35.97
C ALA A 277 -0.79 -14.27 -35.65
N GLU A 278 -1.81 -13.49 -35.99
CA GLU A 278 -3.20 -13.88 -35.76
C GLU A 278 -4.11 -13.56 -36.94
N VAL A 279 -4.96 -14.50 -37.34
CA VAL A 279 -5.89 -14.27 -38.45
C VAL A 279 -7.31 -14.56 -37.98
N LYS A 280 -8.20 -13.58 -38.17
CA LYS A 280 -9.60 -13.74 -37.87
C LYS A 280 -10.44 -13.75 -39.15
N TYR A 281 -11.05 -14.90 -39.43
CA TYR A 281 -11.77 -15.11 -40.69
C TYR A 281 -13.28 -15.29 -40.53
N SER A 282 -14.09 -14.40 -41.09
CA SER A 282 -15.54 -14.51 -40.94
C SER A 282 -16.21 -14.86 -42.25
N THR A 283 -17.41 -15.44 -42.18
CA THR A 283 -18.14 -15.78 -43.39
C THR A 283 -19.66 -15.73 -43.20
N VAL A 284 -20.32 -14.89 -43.99
CA VAL A 284 -21.77 -14.79 -43.99
C VAL A 284 -22.27 -14.93 -45.43
N GLN A 285 -22.64 -16.14 -45.85
CA GLN A 285 -23.27 -16.30 -47.16
C GLN A 285 -24.76 -16.56 -46.91
N ASN A 286 -25.66 -15.82 -47.58
CA ASN A 286 -27.11 -16.09 -47.49
C ASN A 286 -27.93 -15.99 -48.77
N TRP A 287 -28.45 -17.12 -49.26
CA TRP A 287 -29.23 -17.09 -50.49
C TRP A 287 -30.74 -17.22 -50.30
N PHE A 288 -31.51 -16.63 -51.21
CA PHE A 288 -32.97 -16.60 -51.12
C PHE A 288 -33.65 -16.94 -52.45
N PRO A 289 -34.31 -18.10 -52.51
CA PRO A 289 -35.04 -18.61 -53.68
C PRO A 289 -36.51 -18.93 -53.41
N GLY A 290 -37.31 -17.91 -53.07
CA GLY A 290 -38.73 -18.13 -52.83
C GLY A 290 -39.48 -18.65 -54.04
N ASP A 291 -40.44 -19.55 -53.81
CA ASP A 291 -40.64 -20.16 -52.50
C ASP A 291 -39.78 -21.41 -52.37
N ASN A 292 -40.07 -22.42 -53.19
CA ASN A 292 -39.13 -23.50 -53.39
C ASN A 292 -38.97 -23.58 -54.90
N ASN A 293 -37.74 -23.54 -55.36
CA ASN A 293 -37.51 -23.32 -56.78
C ASN A 293 -36.56 -24.36 -57.39
N THR A 294 -35.27 -24.08 -57.27
CA THR A 294 -34.22 -25.07 -57.49
C THR A 294 -33.87 -26.02 -56.30
N GLY A 295 -33.62 -25.54 -55.07
CA GLY A 295 -33.81 -24.17 -54.63
C GLY A 295 -32.82 -23.60 -53.63
N GLY A 296 -31.55 -23.43 -53.99
CA GLY A 296 -30.97 -24.03 -55.18
C GLY A 296 -29.73 -23.39 -55.76
N ILE A 297 -28.58 -23.84 -55.26
CA ILE A 297 -27.25 -23.32 -55.57
C ILE A 297 -26.29 -24.38 -55.03
N LEU A 298 -25.21 -24.65 -55.74
CA LEU A 298 -24.33 -25.70 -55.24
C LEU A 298 -23.06 -25.06 -54.68
N ASN A 299 -22.96 -25.10 -53.35
CA ASN A 299 -21.84 -24.53 -52.62
C ASN A 299 -20.76 -25.57 -52.31
N PHE A 300 -19.74 -25.66 -53.15
CA PHE A 300 -18.71 -26.68 -52.95
C PHE A 300 -17.35 -26.09 -52.57
N VAL A 301 -17.24 -25.53 -51.38
CA VAL A 301 -16.02 -24.80 -51.01
C VAL A 301 -14.96 -25.66 -50.31
N THR A 302 -13.69 -25.41 -50.61
CA THR A 302 -12.59 -26.03 -49.87
C THR A 302 -11.70 -24.94 -49.26
N LYS A 303 -11.99 -24.51 -48.04
CA LYS A 303 -11.14 -23.52 -47.36
C LYS A 303 -10.22 -24.17 -46.31
N ARG A 304 -8.93 -23.84 -46.38
CA ARG A 304 -7.93 -24.41 -45.47
C ARG A 304 -6.90 -23.35 -45.08
N ALA A 305 -6.45 -23.41 -43.84
CA ALA A 305 -5.46 -22.47 -43.31
C ALA A 305 -4.26 -23.12 -42.64
N LEU A 306 -3.07 -22.58 -42.90
CA LEU A 306 -1.83 -23.09 -42.32
C LEU A 306 -1.20 -22.16 -41.28
N CYS A 307 -1.07 -22.68 -40.06
CA CYS A 307 -0.41 -21.99 -38.95
C CYS A 307 1.05 -22.41 -38.88
N GLU A 308 1.91 -21.62 -39.53
CA GLU A 308 3.20 -22.09 -40.06
C GLU A 308 4.31 -22.50 -39.07
N GLY A 309 4.70 -21.70 -38.08
CA GLY A 309 4.00 -20.52 -37.64
C GLY A 309 3.82 -20.63 -36.13
N GLU A 310 4.91 -20.48 -35.40
CA GLU A 310 4.86 -20.57 -33.94
C GLU A 310 3.99 -19.48 -33.33
N ASN A 311 3.17 -19.87 -32.37
CA ASN A 311 2.23 -18.98 -31.69
C ASN A 311 1.15 -18.43 -32.63
N SER A 312 1.08 -18.99 -33.84
CA SER A 312 0.10 -18.57 -34.82
C SER A 312 -1.30 -18.94 -34.34
N LYS A 313 -2.29 -18.15 -34.74
CA LYS A 313 -3.64 -18.40 -34.28
C LYS A 313 -4.63 -18.18 -35.42
N MET A 314 -5.42 -19.20 -35.71
CA MET A 314 -6.41 -19.13 -36.76
C MET A 314 -7.79 -19.32 -36.17
N SER A 315 -8.77 -18.56 -36.65
CA SER A 315 -10.10 -18.60 -36.06
C SER A 315 -11.18 -18.47 -37.11
N TRP A 316 -11.66 -19.62 -37.59
CA TRP A 316 -12.80 -19.64 -38.50
C TRP A 316 -14.12 -19.35 -37.79
N THR A 317 -14.92 -18.48 -38.40
CA THR A 317 -16.28 -18.21 -37.96
C THR A 317 -17.20 -18.16 -39.18
N GLN A 318 -18.39 -18.78 -39.12
CA GLN A 318 -19.29 -18.75 -40.27
C GLN A 318 -20.74 -19.00 -39.93
N SER A 319 -21.60 -18.26 -40.61
CA SER A 319 -23.03 -18.51 -40.60
C SER A 319 -23.42 -18.74 -42.05
N GLU A 320 -24.23 -19.75 -42.31
CA GLU A 320 -24.49 -20.18 -43.67
C GLU A 320 -25.95 -20.59 -43.80
N THR A 321 -26.59 -20.19 -44.88
CA THR A 321 -28.03 -20.43 -45.01
C THR A 321 -28.49 -20.54 -46.46
N GLY A 322 -29.38 -21.50 -46.72
CA GLY A 322 -30.17 -21.47 -47.93
C GLY A 322 -29.55 -22.16 -49.13
N SER A 323 -28.42 -22.85 -48.94
CA SER A 323 -27.88 -23.63 -50.04
C SER A 323 -28.66 -24.92 -50.26
N ALA A 324 -28.70 -25.38 -51.51
CA ALA A 324 -29.26 -26.68 -51.85
C ALA A 324 -28.36 -27.85 -51.43
N ILE A 325 -27.08 -27.70 -51.75
CA ILE A 325 -26.05 -28.68 -51.44
C ILE A 325 -24.78 -27.96 -50.98
N THR A 326 -24.28 -28.34 -49.81
CA THR A 326 -23.03 -27.79 -49.29
C THR A 326 -21.92 -28.84 -49.18
N TRP A 327 -20.71 -28.38 -49.48
CA TRP A 327 -19.49 -29.18 -49.53
C TRP A 327 -18.36 -28.28 -49.08
N LYS A 328 -17.84 -28.60 -47.90
CA LYS A 328 -17.06 -27.65 -47.13
C LYS A 328 -16.26 -28.37 -46.06
N TYR A 329 -14.97 -28.06 -45.95
CA TYR A 329 -14.22 -28.59 -44.83
C TYR A 329 -13.27 -27.54 -44.30
N PRO A 330 -13.82 -26.48 -43.66
CA PRO A 330 -12.95 -25.49 -43.06
C PRO A 330 -11.93 -26.17 -42.17
N SER A 331 -10.65 -25.92 -42.39
CA SER A 331 -9.63 -26.68 -41.70
C SER A 331 -8.78 -25.80 -40.84
N CYS A 332 -8.15 -26.38 -39.82
CA CYS A 332 -7.12 -25.61 -39.22
C CYS A 332 -5.91 -26.53 -39.34
N ILE A 333 -4.76 -26.07 -39.85
CA ILE A 333 -3.59 -26.94 -39.83
C ILE A 333 -2.55 -26.48 -38.82
N LEU A 334 -2.52 -27.11 -37.65
CA LEU A 334 -1.58 -26.68 -36.64
C LEU A 334 -0.21 -27.34 -36.81
N ARG A 335 0.63 -26.77 -37.67
CA ARG A 335 1.94 -27.38 -37.88
C ARG A 335 2.91 -26.77 -36.87
N GLY A 336 2.91 -25.44 -36.80
CA GLY A 336 3.75 -24.69 -35.89
C GLY A 336 3.51 -25.00 -34.42
N ASP A 337 4.54 -24.85 -33.60
CA ASP A 337 4.41 -24.99 -32.16
C ASP A 337 3.58 -23.88 -31.51
N ASN A 338 2.81 -24.27 -30.49
CA ASN A 338 1.95 -23.38 -29.73
C ASN A 338 0.84 -22.78 -30.59
N SER A 339 0.53 -23.44 -31.69
CA SER A 339 -0.53 -22.99 -32.56
C SER A 339 -1.91 -23.19 -31.92
N ILE A 340 -2.85 -22.34 -32.30
CA ILE A 340 -4.20 -22.40 -31.73
C ILE A 340 -5.20 -22.23 -32.86
N GLY A 341 -6.08 -23.21 -33.01
CA GLY A 341 -7.17 -23.10 -33.96
C GLY A 341 -8.53 -23.10 -33.28
N GLU A 342 -9.45 -22.29 -33.80
CA GLU A 342 -10.81 -22.28 -33.28
C GLU A 342 -11.77 -22.23 -34.45
N PHE A 343 -12.96 -22.80 -34.28
CA PHE A 343 -13.90 -22.90 -35.39
C PHE A 343 -15.34 -22.83 -34.91
N TYR A 344 -16.08 -21.86 -35.43
CA TYR A 344 -17.46 -21.64 -35.07
C TYR A 344 -18.31 -21.60 -36.33
N SER A 345 -19.29 -22.49 -36.42
CA SER A 345 -20.04 -22.69 -37.65
C SER A 345 -21.51 -22.83 -37.35
N VAL A 346 -22.29 -21.97 -38.00
CA VAL A 346 -23.74 -22.10 -38.01
C VAL A 346 -24.26 -22.54 -39.36
N ALA A 347 -25.02 -23.63 -39.37
CA ALA A 347 -25.58 -24.11 -40.63
C ALA A 347 -27.08 -24.41 -40.50
N LEU A 348 -27.86 -23.80 -41.38
CA LEU A 348 -29.29 -24.05 -41.44
C LEU A 348 -29.63 -24.80 -42.73
N THR A 349 -30.60 -25.71 -42.64
CA THR A 349 -31.20 -26.32 -43.83
C THR A 349 -32.71 -26.36 -43.72
N SER A 350 -33.39 -26.18 -44.85
CA SER A 350 -34.84 -26.26 -44.88
C SER A 350 -35.32 -26.91 -46.19
N GLY A 351 -36.64 -27.05 -46.34
CA GLY A 351 -37.21 -27.68 -47.52
C GLY A 351 -36.63 -29.06 -47.76
N HIS A 352 -35.88 -29.20 -48.84
CA HIS A 352 -35.28 -30.48 -49.19
C HIS A 352 -33.78 -30.26 -49.37
N GLN A 353 -33.27 -29.22 -48.73
CA GLN A 353 -31.84 -28.93 -48.82
C GLN A 353 -31.01 -29.97 -48.10
N GLN A 354 -29.76 -30.07 -48.50
CA GLN A 354 -28.81 -31.01 -47.93
C GLN A 354 -27.47 -30.30 -47.75
N ALA A 355 -26.88 -30.44 -46.57
CA ALA A 355 -25.59 -29.82 -46.29
C ALA A 355 -24.66 -30.94 -45.87
N ASP A 356 -23.41 -30.85 -46.30
CA ASP A 356 -22.39 -31.77 -45.85
C ASP A 356 -21.08 -31.06 -45.55
N THR A 357 -20.95 -30.62 -44.30
CA THR A 357 -19.92 -29.68 -43.91
C THR A 357 -19.15 -30.24 -42.72
N GLY A 358 -17.86 -29.90 -42.62
CA GLY A 358 -17.09 -30.28 -41.45
C GLY A 358 -15.70 -29.69 -41.35
N THR A 359 -14.71 -30.52 -40.99
CA THR A 359 -13.38 -29.99 -40.71
C THR A 359 -12.30 -31.06 -40.58
N LYS A 360 -11.08 -30.75 -40.99
CA LYS A 360 -9.99 -31.70 -40.85
C LYS A 360 -8.92 -30.93 -40.08
N MET A 361 -8.62 -31.39 -38.88
CA MET A 361 -7.59 -30.79 -38.05
C MET A 361 -6.29 -31.57 -37.91
N ILE A 362 -5.23 -31.13 -38.57
CA ILE A 362 -3.95 -31.83 -38.45
C ILE A 362 -3.00 -31.15 -37.47
N HIS A 363 -2.76 -31.81 -36.34
CA HIS A 363 -1.92 -31.31 -35.25
C HIS A 363 -0.48 -31.80 -35.40
N ILE A 364 0.48 -30.88 -35.52
CA ILE A 364 1.87 -31.28 -35.65
C ILE A 364 2.76 -30.63 -34.59
N GLY A 365 2.57 -29.33 -34.35
CA GLY A 365 3.38 -28.65 -33.36
C GLY A 365 3.14 -29.11 -31.93
N LYS A 366 3.96 -28.61 -31.01
CA LYS A 366 3.78 -28.88 -29.59
C LYS A 366 2.77 -27.93 -28.93
N ASN A 367 2.07 -28.44 -27.92
CA ASN A 367 1.13 -27.65 -27.12
C ASN A 367 0.05 -26.98 -27.95
N THR A 368 -0.45 -27.68 -28.97
CA THR A 368 -1.50 -27.12 -29.80
C THR A 368 -2.86 -27.32 -29.15
N LYS A 369 -3.76 -26.36 -29.37
CA LYS A 369 -5.08 -26.42 -28.77
C LYS A 369 -6.07 -26.10 -29.88
N SER A 370 -7.15 -26.86 -29.93
CA SER A 370 -8.20 -26.57 -30.89
C SER A 370 -9.61 -26.66 -30.34
N THR A 371 -10.47 -25.76 -30.80
CA THR A 371 -11.86 -25.75 -30.42
C THR A 371 -12.77 -25.80 -31.64
N ILE A 372 -13.75 -26.69 -31.61
CA ILE A 372 -14.73 -26.77 -32.68
C ILE A 372 -16.12 -26.67 -32.07
N ILE A 373 -16.85 -25.63 -32.45
CA ILE A 373 -18.24 -25.49 -32.06
C ILE A 373 -19.15 -25.33 -33.27
N SER A 374 -20.03 -26.31 -33.46
CA SER A 374 -20.98 -26.27 -34.56
C SER A 374 -22.42 -26.37 -34.07
N LYS A 375 -23.27 -25.55 -34.67
CA LYS A 375 -24.69 -25.54 -34.37
C LYS A 375 -25.48 -25.74 -35.67
N GLY A 376 -26.06 -26.93 -35.82
CA GLY A 376 -26.74 -27.28 -37.05
C GLY A 376 -28.25 -27.38 -36.87
N ILE A 377 -28.98 -26.52 -37.55
CA ILE A 377 -30.44 -26.52 -37.43
C ILE A 377 -31.09 -27.19 -38.63
N SER A 378 -32.11 -28.01 -38.37
CA SER A 378 -32.72 -28.83 -39.41
C SER A 378 -34.24 -28.77 -39.33
N ALA A 379 -34.88 -28.48 -40.46
CA ALA A 379 -36.32 -28.29 -40.48
C ALA A 379 -36.95 -28.94 -41.69
N GLY A 380 -38.28 -29.06 -41.70
CA GLY A 380 -39.00 -29.60 -42.84
C GLY A 380 -38.59 -31.03 -43.11
N HIS A 381 -38.09 -31.30 -44.31
CA HIS A 381 -37.66 -32.63 -44.66
C HIS A 381 -36.17 -32.65 -45.04
N SER A 382 -35.40 -31.72 -44.47
CA SER A 382 -34.01 -31.57 -44.88
C SER A 382 -33.06 -32.42 -44.06
N GLN A 383 -31.87 -32.68 -44.60
CA GLN A 383 -30.87 -33.43 -43.85
C GLN A 383 -29.52 -32.73 -43.75
N ASN A 384 -29.18 -32.29 -42.55
CA ASN A 384 -27.89 -31.64 -42.29
C ASN A 384 -26.95 -32.51 -41.47
N SER A 385 -25.75 -32.76 -41.98
CA SER A 385 -24.82 -33.62 -41.24
C SER A 385 -23.48 -32.93 -40.95
N TYR A 386 -23.08 -32.92 -39.68
CA TYR A 386 -21.71 -32.56 -39.33
C TYR A 386 -20.76 -33.75 -39.37
N ARG A 387 -19.58 -33.55 -39.95
CA ARG A 387 -18.56 -34.58 -40.00
C ARG A 387 -17.18 -33.93 -40.00
N GLY A 388 -16.39 -34.14 -38.96
CA GLY A 388 -15.11 -33.47 -38.95
C GLY A 388 -14.05 -34.36 -38.37
N LEU A 389 -12.81 -33.87 -38.40
CA LEU A 389 -11.69 -34.67 -37.96
C LEU A 389 -10.60 -33.96 -37.15
N VAL A 390 -10.27 -34.57 -36.02
CA VAL A 390 -9.12 -34.21 -35.19
C VAL A 390 -7.95 -35.21 -35.20
N LYS A 391 -6.82 -34.81 -35.79
CA LYS A 391 -5.64 -35.68 -35.96
C LYS A 391 -4.45 -35.17 -35.18
N ILE A 392 -3.81 -36.06 -34.42
CA ILE A 392 -2.65 -35.67 -33.64
C ILE A 392 -1.43 -36.50 -34.07
N MET A 393 -0.45 -35.85 -34.70
CA MET A 393 0.79 -36.53 -35.08
C MET A 393 1.63 -36.79 -33.85
N PRO A 394 2.61 -37.70 -33.93
CA PRO A 394 3.44 -38.00 -32.76
C PRO A 394 4.30 -36.83 -32.30
N THR A 395 4.52 -35.86 -33.20
CA THR A 395 5.29 -34.68 -32.84
C THR A 395 4.43 -33.70 -32.06
N ALA A 396 3.11 -33.86 -32.15
CA ALA A 396 2.16 -32.90 -31.58
C ALA A 396 2.01 -33.11 -30.08
N THR A 397 3.09 -32.85 -29.35
CA THR A 397 3.11 -33.09 -27.91
C THR A 397 2.17 -32.15 -27.15
N ASN A 398 1.45 -32.75 -26.19
CA ASN A 398 0.49 -32.08 -25.33
C ASN A 398 -0.65 -31.41 -26.08
N ALA A 399 -1.08 -31.98 -27.19
CA ALA A 399 -2.26 -31.46 -27.86
C ALA A 399 -3.49 -31.52 -26.95
N ARG A 400 -4.42 -30.60 -27.18
CA ARG A 400 -5.70 -30.59 -26.50
C ARG A 400 -6.80 -30.08 -27.43
N ASN A 401 -7.89 -30.84 -27.53
CA ASN A 401 -9.04 -30.38 -28.30
C ASN A 401 -10.31 -30.54 -27.49
N PHE A 402 -11.20 -29.57 -27.62
CA PHE A 402 -12.56 -29.67 -27.12
C PHE A 402 -13.47 -29.31 -28.29
N THR A 403 -14.22 -30.29 -28.79
CA THR A 403 -15.21 -30.12 -29.87
C THR A 403 -16.64 -30.14 -29.36
N GLN A 404 -17.51 -29.32 -29.96
CA GLN A 404 -18.94 -29.30 -29.62
C GLN A 404 -19.88 -29.12 -30.80
N CYS A 405 -20.72 -30.12 -31.03
CA CYS A 405 -21.57 -30.13 -32.20
C CYS A 405 -23.01 -30.29 -31.74
N ASP A 406 -23.67 -29.17 -31.50
CA ASP A 406 -25.06 -29.23 -31.08
C ASP A 406 -25.98 -29.07 -32.27
N SER A 407 -27.09 -29.79 -32.21
CA SER A 407 -28.09 -29.77 -33.27
C SER A 407 -29.49 -29.47 -32.75
N MET A 408 -30.23 -28.66 -33.48
CA MET A 408 -31.63 -28.46 -33.16
C MET A 408 -32.36 -28.95 -34.39
N LEU A 409 -33.30 -29.88 -34.19
CA LEU A 409 -34.15 -30.35 -35.27
C LEU A 409 -35.54 -29.72 -35.13
N ILE A 410 -36.13 -29.31 -36.25
CA ILE A 410 -37.49 -28.78 -36.22
C ILE A 410 -38.50 -29.60 -37.01
N GLY A 411 -39.34 -30.30 -36.25
CA GLY A 411 -40.39 -31.17 -36.73
C GLY A 411 -39.94 -32.61 -36.81
N ALA A 412 -40.84 -33.49 -37.20
CA ALA A 412 -40.48 -34.90 -37.11
C ALA A 412 -40.19 -35.60 -38.43
N ASN A 413 -40.09 -34.88 -39.54
CA ASN A 413 -39.92 -35.64 -40.75
C ASN A 413 -38.57 -35.30 -41.41
N CYS A 414 -37.75 -34.47 -40.74
CA CYS A 414 -36.46 -34.07 -41.31
C CYS A 414 -35.32 -34.85 -40.64
N GLY A 415 -34.06 -34.57 -41.01
CA GLY A 415 -32.89 -35.27 -40.47
C GLY A 415 -31.62 -34.48 -40.16
N ALA A 416 -30.96 -34.79 -39.06
CA ALA A 416 -29.70 -34.16 -38.68
C ALA A 416 -28.69 -35.24 -38.32
N HIS A 417 -27.50 -35.26 -38.91
CA HIS A 417 -26.61 -36.39 -38.64
C HIS A 417 -25.25 -35.93 -38.17
N THR A 418 -24.53 -36.79 -37.46
CA THR A 418 -23.24 -36.39 -36.94
C THR A 418 -22.24 -37.54 -36.90
N PHE A 419 -21.16 -37.43 -37.67
CA PHE A 419 -20.13 -38.46 -37.71
C PHE A 419 -18.72 -37.86 -37.60
N PRO A 420 -18.31 -37.51 -36.36
CA PRO A 420 -16.94 -37.04 -36.11
C PRO A 420 -15.92 -38.18 -36.14
N TYR A 421 -14.69 -37.87 -36.55
CA TYR A 421 -13.60 -38.83 -36.56
C TYR A 421 -12.41 -38.36 -35.72
N VAL A 422 -11.96 -39.16 -34.75
CA VAL A 422 -10.73 -38.83 -34.03
C VAL A 422 -9.63 -39.91 -34.04
N GLU A 423 -8.54 -39.57 -34.71
CA GLU A 423 -7.33 -40.41 -34.82
C GLU A 423 -6.12 -39.72 -34.18
N CYS A 424 -5.74 -40.20 -32.99
CA CYS A 424 -4.64 -39.65 -32.20
C CYS A 424 -3.46 -40.60 -32.03
N ARG A 425 -2.27 -40.12 -32.41
CA ARG A 425 -1.03 -40.90 -32.41
C ARG A 425 0.05 -40.26 -31.54
N ASN A 426 -0.29 -39.95 -30.30
CA ASN A 426 0.61 -39.25 -29.39
C ASN A 426 0.13 -39.45 -27.96
N ASN A 427 1.10 -39.65 -27.07
CA ASN A 427 0.81 -40.01 -25.69
C ASN A 427 0.89 -38.81 -24.75
N SER A 428 0.73 -37.62 -25.29
CA SER A 428 0.68 -36.44 -24.45
C SER A 428 -0.57 -35.64 -24.75
N ALA A 429 -1.38 -36.15 -25.67
CA ALA A 429 -2.61 -35.47 -26.05
C ALA A 429 -3.66 -35.55 -24.97
N GLN A 430 -4.57 -34.57 -24.98
CA GLN A 430 -5.74 -34.60 -24.12
C GLN A 430 -6.94 -34.12 -24.92
N LEU A 431 -7.79 -35.04 -25.34
CA LEU A 431 -8.91 -34.66 -26.20
C LEU A 431 -10.23 -34.98 -25.53
N GLU A 432 -11.15 -34.03 -25.56
CA GLU A 432 -12.50 -34.28 -25.09
C GLU A 432 -13.48 -33.88 -26.18
N HIS A 433 -14.44 -34.75 -26.48
CA HIS A 433 -15.42 -34.42 -27.49
C HIS A 433 -16.84 -34.62 -27.00
N GLU A 434 -17.65 -33.58 -27.07
CA GLU A 434 -19.07 -33.65 -26.70
C GLU A 434 -19.98 -33.33 -27.87
N ALA A 435 -21.15 -33.95 -27.88
CA ALA A 435 -22.21 -33.62 -28.83
C ALA A 435 -23.54 -33.73 -28.10
N THR A 436 -24.45 -32.79 -28.33
CA THR A 436 -25.73 -32.79 -27.62
C THR A 436 -26.91 -32.36 -28.49
N THR A 437 -28.08 -32.93 -28.21
CA THR A 437 -29.31 -32.62 -28.94
C THR A 437 -30.31 -31.80 -28.12
N SER A 438 -30.89 -30.79 -28.76
CA SER A 438 -31.89 -29.94 -28.13
C SER A 438 -33.10 -29.84 -29.05
N ARG A 439 -34.17 -29.22 -28.57
CA ARG A 439 -35.38 -29.08 -29.38
C ARG A 439 -36.33 -27.95 -28.99
N ILE A 440 -37.29 -27.72 -29.89
CA ILE A 440 -38.48 -26.91 -29.62
C ILE A 440 -39.71 -27.78 -29.38
N GLY A 441 -40.23 -27.80 -28.15
CA GLY A 441 -41.37 -28.66 -27.86
C GLY A 441 -42.69 -27.92 -28.06
N GLU A 442 -43.78 -28.67 -28.19
CA GLU A 442 -45.10 -28.05 -28.33
C GLU A 442 -45.33 -27.11 -27.16
N ASP A 443 -45.10 -27.60 -25.95
CA ASP A 443 -45.37 -26.84 -24.74
C ASP A 443 -44.43 -25.65 -24.66
N GLN A 444 -43.20 -25.85 -25.13
CA GLN A 444 -42.25 -24.74 -25.22
C GLN A 444 -42.76 -23.75 -26.24
N LEU A 445 -43.32 -24.31 -27.32
CA LEU A 445 -43.81 -23.52 -28.43
C LEU A 445 -45.03 -22.77 -27.95
N PHE A 446 -45.92 -23.51 -27.30
CA PHE A 446 -47.16 -22.93 -26.77
C PHE A 446 -46.92 -21.88 -25.71
N TYR A 447 -45.95 -22.11 -24.82
CA TYR A 447 -45.64 -21.12 -23.80
C TYR A 447 -45.22 -19.78 -24.39
N CYS A 448 -44.47 -19.82 -25.49
CA CYS A 448 -44.10 -18.59 -26.18
C CYS A 448 -45.26 -17.90 -26.90
N LEU A 449 -46.03 -18.67 -27.66
CA LEU A 449 -47.15 -18.14 -28.46
C LEU A 449 -48.18 -17.45 -27.57
N GLN A 450 -48.60 -18.16 -26.53
CA GLN A 450 -49.63 -17.72 -25.59
C GLN A 450 -49.36 -16.33 -25.01
N ARG A 451 -48.10 -15.95 -24.87
CA ARG A 451 -47.76 -14.61 -24.41
C ARG A 451 -47.60 -13.63 -25.58
N GLY A 452 -48.23 -13.98 -26.69
CA GLY A 452 -48.49 -13.14 -27.84
C GLY A 452 -47.47 -13.02 -28.96
N ILE A 453 -46.35 -13.73 -28.84
CA ILE A 453 -45.33 -13.72 -29.88
C ILE A 453 -45.74 -14.84 -30.85
N SER A 454 -45.72 -14.60 -32.15
CA SER A 454 -46.14 -15.66 -33.09
C SER A 454 -45.22 -16.88 -33.11
N GLU A 455 -45.75 -17.97 -33.66
CA GLU A 455 -45.00 -19.23 -33.78
C GLU A 455 -43.82 -19.08 -34.72
N GLU A 456 -44.04 -18.27 -35.75
CA GLU A 456 -43.04 -18.02 -36.78
C GLU A 456 -41.90 -17.25 -36.14
N ASP A 457 -42.26 -16.29 -35.30
CA ASP A 457 -41.30 -15.44 -34.63
C ASP A 457 -40.67 -16.20 -33.45
N ALA A 458 -41.45 -17.07 -32.84
CA ALA A 458 -40.99 -17.95 -31.76
C ALA A 458 -39.81 -18.85 -32.11
N ILE A 459 -39.92 -19.57 -33.21
CA ILE A 459 -38.87 -20.49 -33.65
C ILE A 459 -37.59 -19.71 -33.94
N SER A 460 -37.72 -18.50 -34.49
CA SER A 460 -36.57 -17.64 -34.75
C SER A 460 -35.86 -17.19 -33.48
N MET A 461 -36.61 -16.87 -32.43
CA MET A 461 -36.02 -16.41 -31.19
C MET A 461 -35.17 -17.45 -30.48
N ILE A 462 -35.76 -18.63 -30.27
CA ILE A 462 -35.10 -19.73 -29.59
C ILE A 462 -33.80 -20.13 -30.27
N VAL A 463 -33.83 -20.25 -31.59
CA VAL A 463 -32.61 -20.63 -32.31
C VAL A 463 -31.54 -19.56 -32.12
N ASN A 464 -31.92 -18.29 -32.22
CA ASN A 464 -30.92 -17.24 -32.03
C ASN A 464 -30.32 -17.30 -30.63
N GLY A 465 -31.10 -17.79 -29.68
CA GLY A 465 -30.62 -17.95 -28.32
C GLY A 465 -29.73 -19.16 -28.27
N PHE A 466 -30.20 -20.20 -28.95
CA PHE A 466 -29.46 -21.44 -29.15
C PHE A 466 -28.11 -21.18 -29.81
N CYS A 467 -28.11 -20.24 -30.75
CA CYS A 467 -26.93 -19.95 -31.52
C CYS A 467 -26.07 -18.83 -30.96
N LYS A 468 -26.49 -18.28 -29.83
CA LYS A 468 -25.85 -17.12 -29.20
C LYS A 468 -24.33 -17.25 -29.01
N ASP A 469 -23.90 -18.44 -28.63
CA ASP A 469 -22.50 -18.74 -28.30
C ASP A 469 -21.60 -18.76 -29.54
N VAL A 470 -22.20 -18.80 -30.73
CA VAL A 470 -21.40 -18.76 -31.94
C VAL A 470 -21.39 -17.33 -32.47
N PHE A 471 -22.57 -16.72 -32.52
CA PHE A 471 -22.72 -15.33 -32.94
C PHE A 471 -21.88 -14.37 -32.09
N SER A 472 -21.64 -14.75 -30.84
CA SER A 472 -20.71 -14.06 -29.97
C SER A 472 -19.34 -13.83 -30.61
N GLU A 473 -18.83 -14.84 -31.28
CA GLU A 473 -17.47 -14.80 -31.82
C GLU A 473 -17.41 -13.96 -33.09
N LEU A 474 -18.58 -13.71 -33.68
CA LEU A 474 -18.69 -12.80 -34.81
C LEU A 474 -18.49 -11.37 -34.34
N PRO A 475 -18.01 -10.50 -35.23
CA PRO A 475 -18.16 -9.07 -34.95
C PRO A 475 -19.62 -8.72 -34.72
N LEU A 476 -19.89 -7.92 -33.69
CA LEU A 476 -21.23 -7.70 -33.19
C LEU A 476 -22.18 -7.20 -34.27
N GLU A 477 -21.66 -6.35 -35.15
CA GLU A 477 -22.45 -5.74 -36.22
C GLU A 477 -22.92 -6.75 -37.25
N PHE A 478 -22.03 -7.64 -37.65
CA PHE A 478 -22.39 -8.64 -38.64
C PHE A 478 -23.20 -9.74 -37.97
N ALA A 479 -23.04 -9.83 -36.66
CA ALA A 479 -23.85 -10.71 -35.84
C ALA A 479 -25.32 -10.30 -35.84
N VAL A 480 -25.58 -9.00 -35.72
CA VAL A 480 -26.96 -8.50 -35.79
C VAL A 480 -27.57 -8.76 -37.15
N GLU A 481 -26.80 -8.43 -38.19
CA GLU A 481 -27.26 -8.69 -39.55
C GLU A 481 -27.53 -10.18 -39.74
N ALA A 482 -26.59 -10.99 -39.24
CA ALA A 482 -26.69 -12.46 -39.31
C ALA A 482 -27.92 -13.02 -38.63
N GLN A 483 -28.34 -12.41 -37.53
CA GLN A 483 -29.45 -12.98 -36.79
C GLN A 483 -30.80 -12.60 -37.40
N LYS A 484 -30.88 -11.40 -37.99
CA LYS A 484 -32.12 -10.98 -38.63
C LYS A 484 -32.40 -11.74 -39.94
N LEU A 485 -31.35 -12.09 -40.67
CA LEU A 485 -31.53 -12.80 -41.94
C LEU A 485 -31.84 -14.27 -41.73
N LEU A 486 -31.20 -14.89 -40.74
CA LEU A 486 -31.52 -16.26 -40.35
C LEU A 486 -32.99 -16.31 -39.96
N ALA A 487 -33.43 -15.25 -39.29
CA ALA A 487 -34.81 -15.12 -38.86
C ALA A 487 -35.77 -15.19 -40.05
N ILE A 488 -35.47 -14.43 -41.11
CA ILE A 488 -36.39 -14.33 -42.24
C ILE A 488 -36.24 -15.52 -43.19
N SER A 489 -35.06 -16.13 -43.22
CA SER A 489 -34.87 -17.32 -44.03
C SER A 489 -35.64 -18.50 -43.45
N LEU A 490 -35.80 -18.48 -42.12
CA LEU A 490 -36.62 -19.47 -41.42
C LEU A 490 -38.09 -19.36 -41.79
N GLU A 491 -38.63 -18.16 -41.64
CA GLU A 491 -40.04 -17.90 -41.83
C GLU A 491 -40.46 -18.26 -43.24
N HIS A 492 -39.70 -17.82 -44.26
CA HIS A 492 -40.10 -18.14 -45.62
C HIS A 492 -40.24 -19.61 -45.89
N SER A 493 -39.41 -20.37 -45.19
CA SER A 493 -39.19 -21.75 -45.54
C SER A 493 -39.62 -22.79 -44.52
N VAL A 494 -39.83 -22.38 -43.27
CA VAL A 494 -40.26 -23.33 -42.26
C VAL A 494 -41.78 -23.44 -42.26
N GLN B 61 -2.79 -69.40 -46.98
CA GLN B 61 -3.75 -70.49 -47.18
C GLN B 61 -4.20 -71.05 -45.83
N PHE B 62 -5.51 -71.17 -45.67
CA PHE B 62 -6.14 -71.64 -44.43
C PHE B 62 -6.81 -73.02 -44.57
N VAL B 63 -6.68 -73.83 -43.54
CA VAL B 63 -7.28 -75.17 -43.48
C VAL B 63 -7.99 -75.33 -42.14
N SER B 64 -8.91 -76.30 -42.04
CA SER B 64 -9.66 -76.53 -40.80
C SER B 64 -9.68 -77.96 -40.25
N ILE B 65 -8.61 -78.36 -39.59
CA ILE B 65 -8.49 -79.71 -39.01
C ILE B 65 -8.89 -79.63 -37.51
N ALA B 66 -10.02 -80.26 -37.22
CA ALA B 66 -10.65 -80.32 -35.89
C ALA B 66 -10.19 -81.45 -34.96
N GLY B 67 -9.23 -81.14 -34.08
CA GLY B 67 -8.66 -82.07 -33.13
C GLY B 67 -9.47 -82.27 -31.85
N GLU B 68 -8.88 -82.96 -30.86
CA GLU B 68 -9.55 -83.24 -29.58
C GLU B 68 -8.63 -83.07 -28.34
N ILE B 69 -9.22 -82.61 -27.23
CA ILE B 69 -8.47 -82.37 -25.98
C ILE B 69 -8.97 -83.12 -24.74
N SER B 70 -8.19 -83.05 -23.66
CA SER B 70 -8.52 -83.71 -22.39
C SER B 70 -9.11 -82.78 -21.31
N PRO B 71 -9.83 -83.35 -20.33
CA PRO B 71 -10.46 -82.64 -19.19
C PRO B 71 -9.50 -81.88 -18.27
N GLN B 72 -8.28 -82.39 -18.16
CA GLN B 72 -7.23 -81.77 -17.35
C GLN B 72 -6.89 -80.38 -17.88
N GLN B 73 -6.86 -80.28 -19.20
CA GLN B 73 -6.55 -79.05 -19.89
C GLN B 73 -7.66 -78.06 -19.62
N ARG B 74 -8.90 -78.56 -19.57
CA ARG B 74 -10.03 -77.71 -19.30
C ARG B 74 -9.91 -77.05 -17.92
N ASP B 75 -9.72 -77.85 -16.87
CA ASP B 75 -9.61 -77.28 -15.52
C ASP B 75 -8.52 -76.23 -15.35
N ALA B 76 -7.35 -76.44 -15.95
CA ALA B 76 -6.28 -75.46 -15.80
C ALA B 76 -6.57 -74.11 -16.46
N LEU B 77 -7.48 -74.09 -17.43
CA LEU B 77 -7.81 -72.84 -18.10
C LEU B 77 -9.24 -72.38 -17.85
N ALA B 78 -10.05 -73.25 -17.24
CA ALA B 78 -11.45 -72.92 -17.01
C ALA B 78 -11.59 -71.95 -15.86
N LEU B 79 -12.65 -71.15 -15.90
CA LEU B 79 -12.92 -70.24 -14.81
C LEU B 79 -13.51 -71.03 -13.64
N THR B 80 -13.34 -70.51 -12.43
CA THR B 80 -13.93 -71.14 -11.27
C THR B 80 -15.31 -70.52 -11.08
N LEU B 81 -16.34 -71.27 -11.45
CA LEU B 81 -17.70 -70.78 -11.38
C LEU B 81 -18.73 -71.91 -11.48
N ASP B 82 -19.80 -71.81 -10.70
CA ASP B 82 -20.85 -72.81 -10.76
C ASP B 82 -21.87 -72.43 -11.83
N SER B 83 -21.79 -73.10 -12.97
CA SER B 83 -22.65 -72.78 -14.09
C SER B 83 -23.01 -74.00 -14.93
N VAL B 84 -23.77 -73.75 -16.00
CA VAL B 84 -24.11 -74.78 -16.97
C VAL B 84 -23.16 -74.53 -18.14
N ARG B 85 -22.10 -75.31 -18.22
CA ARG B 85 -21.06 -75.09 -19.22
C ARG B 85 -21.11 -75.98 -20.45
N LEU B 86 -21.23 -75.35 -21.62
CA LEU B 86 -21.21 -76.08 -22.88
C LEU B 86 -19.85 -75.86 -23.53
N VAL B 87 -19.21 -76.95 -23.95
CA VAL B 87 -17.89 -76.87 -24.55
C VAL B 87 -17.87 -77.15 -26.04
N PHE B 88 -17.20 -76.27 -26.79
CA PHE B 88 -17.06 -76.40 -28.22
C PHE B 88 -15.58 -76.44 -28.57
N VAL B 89 -15.18 -77.43 -29.37
CA VAL B 89 -13.78 -77.57 -29.76
C VAL B 89 -13.65 -77.54 -31.27
N ASP B 90 -12.73 -76.70 -31.74
CA ASP B 90 -12.46 -76.48 -33.16
C ASP B 90 -13.75 -76.47 -33.98
N GLY B 91 -14.73 -75.72 -33.49
CA GLY B 91 -16.02 -75.56 -34.15
C GLY B 91 -16.95 -76.74 -33.89
N ARG B 92 -16.52 -77.68 -33.05
CA ARG B 92 -17.33 -78.87 -32.78
C ARG B 92 -17.68 -79.00 -31.30
N TYR B 93 -18.95 -79.26 -31.02
CA TYR B 93 -19.41 -79.47 -29.65
C TYR B 93 -18.95 -80.82 -29.09
N VAL B 94 -18.38 -80.80 -27.88
CA VAL B 94 -17.91 -82.04 -27.25
C VAL B 94 -18.71 -82.28 -25.97
N PRO B 95 -19.76 -83.11 -26.07
CA PRO B 95 -20.71 -83.52 -25.02
C PRO B 95 -20.09 -84.00 -23.71
N ALA B 96 -19.16 -84.94 -23.81
CA ALA B 96 -18.51 -85.52 -22.64
C ALA B 96 -17.83 -84.53 -21.72
N LEU B 97 -17.44 -83.38 -22.25
CA LEU B 97 -16.76 -82.39 -21.44
C LEU B 97 -17.67 -81.22 -21.03
N SER B 98 -18.91 -81.26 -21.52
CA SER B 98 -19.88 -80.21 -21.23
C SER B 98 -20.88 -80.67 -20.17
N ASP B 99 -21.58 -79.73 -19.55
CA ASP B 99 -22.58 -80.10 -18.55
C ASP B 99 -23.89 -80.32 -19.27
N ALA B 100 -24.75 -81.18 -18.73
CA ALA B 100 -26.06 -81.41 -19.35
C ALA B 100 -26.97 -80.20 -19.16
N THR B 101 -27.83 -79.92 -20.14
CA THR B 101 -28.70 -78.75 -20.03
C THR B 101 -30.16 -79.08 -19.73
N GLU B 102 -30.56 -80.33 -19.93
CA GLU B 102 -31.92 -80.77 -19.66
C GLU B 102 -32.27 -80.56 -18.18
N GLY B 103 -33.39 -79.92 -17.89
CA GLY B 103 -33.78 -79.71 -16.50
C GLY B 103 -33.01 -78.61 -15.82
N SER B 104 -32.18 -77.92 -16.60
CA SER B 104 -31.37 -76.81 -16.11
C SER B 104 -32.18 -75.55 -16.14
N GLY B 105 -33.25 -75.58 -16.93
CA GLY B 105 -34.12 -74.44 -17.13
C GLY B 105 -33.79 -73.88 -18.49
N TYR B 106 -32.79 -74.50 -19.12
CA TYR B 106 -32.37 -74.10 -20.45
C TYR B 106 -32.66 -75.23 -21.45
N GLU B 107 -33.43 -74.92 -22.47
CA GLU B 107 -33.72 -75.87 -23.54
C GLU B 107 -32.65 -75.71 -24.61
N VAL B 108 -31.85 -76.76 -24.82
CA VAL B 108 -30.74 -76.68 -25.75
C VAL B 108 -30.77 -77.78 -26.80
N SER B 109 -30.62 -77.38 -28.05
CA SER B 109 -30.60 -78.29 -29.20
C SER B 109 -29.49 -77.89 -30.17
N ILE B 110 -28.70 -78.88 -30.59
CA ILE B 110 -27.61 -78.64 -31.53
C ILE B 110 -27.88 -79.38 -32.82
N ASN B 111 -28.06 -78.62 -33.90
CA ASN B 111 -28.33 -79.17 -35.23
C ASN B 111 -28.00 -78.14 -36.29
N ASP B 112 -28.22 -78.52 -37.53
CA ASP B 112 -27.94 -77.69 -38.70
C ASP B 112 -29.26 -77.11 -39.19
N ASP B 113 -30.24 -77.08 -38.28
CA ASP B 113 -31.54 -76.51 -38.59
C ASP B 113 -31.46 -75.01 -38.48
N ARG B 114 -31.86 -74.35 -39.57
CA ARG B 114 -31.78 -72.91 -39.66
C ARG B 114 -33.13 -72.28 -39.95
N GLN B 115 -34.19 -73.07 -39.81
CA GLN B 115 -35.55 -72.61 -40.09
C GLN B 115 -35.93 -71.30 -39.38
N GLY B 116 -35.48 -71.14 -38.15
CA GLY B 116 -35.81 -69.97 -37.36
C GLY B 116 -35.01 -68.68 -37.44
N LEU B 117 -33.72 -68.78 -37.75
CA LEU B 117 -32.84 -67.61 -37.83
C LEU B 117 -33.42 -66.37 -38.49
N PRO B 118 -33.31 -65.22 -37.82
CA PRO B 118 -33.78 -63.94 -38.31
C PRO B 118 -32.84 -63.50 -39.43
N ASP B 119 -33.24 -62.58 -40.30
CA ASP B 119 -32.32 -62.13 -41.32
C ASP B 119 -31.30 -61.22 -40.64
N ALA B 120 -30.12 -61.09 -41.24
CA ALA B 120 -29.07 -60.25 -40.66
C ALA B 120 -29.49 -58.78 -40.69
N ILE B 121 -29.14 -58.06 -39.63
CA ILE B 121 -29.47 -56.64 -39.54
C ILE B 121 -28.57 -55.80 -40.44
N GLN B 122 -27.27 -56.06 -40.40
CA GLN B 122 -26.32 -55.31 -41.22
C GLN B 122 -25.33 -56.25 -41.94
N ALA B 123 -25.62 -56.52 -43.20
CA ALA B 123 -24.77 -57.41 -44.01
C ALA B 123 -23.42 -56.77 -44.35
N GLU B 124 -22.37 -57.58 -44.27
CA GLU B 124 -21.00 -57.18 -44.59
C GLU B 124 -20.27 -58.48 -44.89
N VAL B 125 -19.23 -58.38 -45.70
CA VAL B 125 -18.46 -59.51 -46.21
C VAL B 125 -18.20 -60.73 -45.28
N PHE B 126 -17.67 -60.54 -44.08
CA PHE B 126 -17.37 -61.71 -43.25
C PHE B 126 -18.56 -62.43 -42.59
N LEU B 127 -19.71 -61.79 -42.44
CA LEU B 127 -20.87 -62.49 -41.87
C LEU B 127 -21.55 -63.57 -42.70
N HIS B 128 -21.75 -63.33 -44.00
CA HIS B 128 -22.38 -64.33 -44.84
C HIS B 128 -21.47 -65.55 -44.88
N LEU B 129 -20.17 -65.30 -44.98
CA LEU B 129 -19.20 -66.37 -45.01
C LEU B 129 -19.28 -67.26 -43.75
N THR B 130 -19.36 -66.65 -42.57
CA THR B 130 -19.40 -67.45 -41.33
C THR B 130 -20.69 -68.27 -41.15
N GLU B 131 -21.84 -67.69 -41.44
CA GLU B 131 -23.11 -68.41 -41.34
C GLU B 131 -23.07 -69.61 -42.28
N SER B 132 -22.46 -69.41 -43.45
CA SER B 132 -22.35 -70.42 -44.48
C SER B 132 -21.26 -71.45 -44.11
N LEU B 133 -20.22 -70.99 -43.42
CA LEU B 133 -19.12 -71.87 -43.01
C LEU B 133 -19.32 -72.45 -41.61
N ALA B 134 -20.36 -71.98 -40.91
CA ALA B 134 -20.69 -72.47 -39.58
C ALA B 134 -21.01 -73.96 -39.62
N GLN B 135 -20.35 -74.74 -38.76
CA GLN B 135 -20.53 -76.19 -38.76
C GLN B 135 -21.77 -76.66 -38.01
N SER B 136 -22.37 -75.80 -37.19
CA SER B 136 -23.59 -76.15 -36.47
C SER B 136 -24.29 -74.93 -35.91
N VAL B 137 -25.54 -75.09 -35.50
CA VAL B 137 -26.28 -73.99 -34.89
C VAL B 137 -26.72 -74.42 -33.50
N THR B 138 -26.51 -73.54 -32.51
CA THR B 138 -26.92 -73.82 -31.14
C THR B 138 -28.32 -73.29 -30.85
N HIS B 139 -29.31 -74.17 -30.74
CA HIS B 139 -30.66 -73.71 -30.43
C HIS B 139 -30.90 -73.63 -28.92
N ILE B 140 -31.05 -72.41 -28.40
CA ILE B 140 -31.28 -72.24 -26.98
C ILE B 140 -32.60 -71.52 -26.75
N ALA B 141 -33.39 -71.97 -25.78
CA ALA B 141 -34.65 -71.30 -25.50
C ALA B 141 -34.98 -71.32 -24.02
N VAL B 142 -35.58 -70.25 -23.53
CA VAL B 142 -36.04 -70.16 -22.15
C VAL B 142 -37.52 -69.82 -22.14
N LYS B 143 -38.37 -70.71 -21.63
CA LYS B 143 -39.81 -70.46 -21.65
C LYS B 143 -40.21 -69.23 -20.82
N ARG B 144 -41.43 -68.73 -21.05
CA ARG B 144 -41.98 -67.57 -20.36
C ARG B 144 -41.86 -67.55 -18.83
N GLY B 145 -41.41 -66.42 -18.29
CA GLY B 145 -41.31 -66.24 -16.85
C GLY B 145 -40.32 -67.08 -16.07
N GLN B 146 -39.58 -67.94 -16.74
CA GLN B 146 -38.65 -68.80 -16.04
C GLN B 146 -37.36 -68.04 -15.77
N ARG B 147 -36.85 -68.23 -14.56
CA ARG B 147 -35.63 -67.59 -14.10
C ARG B 147 -34.60 -68.57 -13.54
N PRO B 148 -33.79 -69.17 -14.42
CA PRO B 148 -32.76 -70.13 -14.05
C PRO B 148 -31.90 -69.68 -12.88
N ALA B 149 -31.55 -70.62 -12.01
CA ALA B 149 -30.74 -70.33 -10.83
C ALA B 149 -29.29 -70.09 -11.19
N LYS B 150 -28.86 -70.72 -12.28
CA LYS B 150 -27.48 -70.61 -12.73
C LYS B 150 -27.36 -69.98 -14.13
N PRO B 151 -26.28 -69.24 -14.36
CA PRO B 151 -26.00 -68.60 -15.65
C PRO B 151 -25.57 -69.61 -16.71
N LEU B 152 -25.90 -69.35 -17.98
CA LEU B 152 -25.46 -70.24 -19.04
C LEU B 152 -24.05 -69.83 -19.45
N LEU B 153 -23.11 -70.77 -19.47
CA LEU B 153 -21.75 -70.42 -19.84
C LEU B 153 -21.19 -71.13 -21.08
N LEU B 154 -20.87 -70.37 -22.11
CA LEU B 154 -20.28 -70.94 -23.30
C LEU B 154 -18.78 -70.63 -23.36
N MET B 155 -17.93 -71.63 -23.09
CA MET B 155 -16.44 -71.42 -23.10
C MET B 155 -15.94 -71.86 -24.43
N HIS B 156 -15.19 -71.02 -25.13
CA HIS B 156 -14.74 -71.43 -26.41
C HIS B 156 -13.23 -71.66 -26.37
N ILE B 157 -12.76 -72.86 -26.74
CA ILE B 157 -11.36 -73.22 -26.78
C ILE B 157 -10.94 -73.58 -28.23
N THR B 158 -10.02 -72.77 -28.75
CA THR B 158 -9.55 -72.96 -30.11
C THR B 158 -8.05 -73.22 -30.08
N GLN B 159 -7.57 -74.08 -30.98
CA GLN B 159 -6.15 -74.42 -31.02
C GLN B 159 -5.57 -74.30 -32.42
N GLY B 160 -4.28 -74.07 -32.50
CA GLY B 160 -3.58 -73.98 -33.77
C GLY B 160 -2.91 -75.29 -34.14
N VAL B 161 -2.39 -75.36 -35.35
CA VAL B 161 -1.71 -76.56 -35.80
C VAL B 161 -0.25 -76.32 -36.16
N ALA B 162 0.54 -77.38 -36.09
CA ALA B 162 1.95 -77.30 -36.44
C ALA B 162 2.06 -76.94 -37.92
N GLY B 163 3.10 -76.23 -38.32
CA GLY B 163 3.24 -75.88 -39.72
C GLY B 163 2.97 -74.42 -40.04
N GLU B 164 2.76 -74.16 -41.33
CA GLU B 164 2.49 -72.84 -41.83
C GLU B 164 0.98 -72.77 -42.07
N GLU B 165 0.31 -73.86 -41.74
CA GLU B 165 -1.13 -73.95 -41.90
C GLU B 165 -1.81 -73.20 -40.77
N VAL B 166 -2.92 -72.54 -41.08
CA VAL B 166 -3.64 -71.76 -40.08
C VAL B 166 -4.95 -72.44 -39.68
N ASN B 167 -5.01 -72.95 -38.46
CA ASN B 167 -6.23 -73.58 -37.97
C ASN B 167 -7.33 -72.55 -37.77
N THR B 168 -8.55 -72.89 -38.17
CA THR B 168 -9.69 -71.99 -38.02
C THR B 168 -10.93 -72.67 -37.44
N ALA B 169 -11.61 -71.99 -36.52
CA ALA B 169 -12.81 -72.53 -35.90
C ALA B 169 -13.92 -71.49 -35.86
N HIS B 170 -15.14 -71.92 -36.18
CA HIS B 170 -16.29 -71.02 -36.18
C HIS B 170 -17.44 -71.50 -35.30
N TYR B 171 -17.87 -70.63 -34.38
CA TYR B 171 -18.93 -70.99 -33.45
C TYR B 171 -20.19 -70.24 -33.87
N ARG B 172 -21.34 -70.90 -33.81
CA ARG B 172 -22.59 -70.27 -34.21
C ARG B 172 -23.63 -70.61 -33.17
N HIS B 173 -24.23 -69.58 -32.57
CA HIS B 173 -25.21 -69.81 -31.53
C HIS B 173 -26.44 -68.90 -31.64
N HIS B 174 -27.61 -69.43 -31.27
CA HIS B 174 -28.83 -68.65 -31.25
C HIS B 174 -29.60 -68.82 -29.95
N LEU B 175 -30.01 -67.72 -29.35
CA LEU B 175 -30.76 -67.75 -28.09
C LEU B 175 -32.13 -67.09 -28.20
N ASP B 176 -33.15 -67.81 -27.74
CA ASP B 176 -34.51 -67.28 -27.70
C ASP B 176 -35.03 -67.12 -26.28
N LEU B 177 -35.27 -65.87 -25.88
CA LEU B 177 -35.80 -65.57 -24.55
C LEU B 177 -37.30 -65.27 -24.61
N ALA B 178 -38.12 -66.22 -24.17
CA ALA B 178 -39.57 -66.04 -24.18
C ALA B 178 -39.98 -64.90 -23.23
N GLU B 179 -41.25 -64.52 -23.29
CA GLU B 179 -41.76 -63.42 -22.48
C GLU B 179 -41.49 -63.53 -20.99
N GLY B 180 -40.90 -62.47 -20.43
CA GLY B 180 -40.57 -62.40 -19.02
C GLY B 180 -39.35 -63.11 -18.50
N ALA B 181 -38.66 -63.90 -19.30
CA ALA B 181 -37.47 -64.57 -18.79
C ALA B 181 -36.30 -63.62 -18.57
N GLU B 182 -35.48 -63.88 -17.56
CA GLU B 182 -34.33 -63.03 -17.29
C GLU B 182 -33.20 -63.99 -16.95
N ALA B 183 -32.14 -63.95 -17.74
CA ALA B 183 -31.02 -64.85 -17.57
C ALA B 183 -29.70 -64.19 -17.94
N THR B 184 -28.62 -64.77 -17.44
CA THR B 184 -27.27 -64.30 -17.72
C THR B 184 -26.51 -65.38 -18.46
N VAL B 185 -25.89 -64.97 -19.58
CA VAL B 185 -25.09 -65.86 -20.40
C VAL B 185 -23.72 -65.25 -20.63
N ILE B 186 -22.71 -66.11 -20.54
CA ILE B 186 -21.31 -65.69 -20.68
C ILE B 186 -20.54 -66.42 -21.79
N GLU B 187 -19.82 -65.65 -22.59
CA GLU B 187 -18.96 -66.22 -23.63
C GLU B 187 -17.52 -66.07 -23.22
N HIS B 188 -16.81 -67.19 -23.18
CA HIS B 188 -15.42 -67.16 -22.78
C HIS B 188 -14.63 -67.71 -23.96
N PHE B 189 -13.65 -66.94 -24.45
CA PHE B 189 -12.82 -67.42 -25.55
C PHE B 189 -11.38 -67.46 -25.08
N VAL B 190 -10.71 -68.59 -25.29
CA VAL B 190 -9.31 -68.73 -24.91
C VAL B 190 -8.54 -69.58 -25.92
N SER B 191 -7.22 -69.45 -25.92
CA SER B 191 -6.41 -70.25 -26.81
C SER B 191 -5.85 -71.36 -25.96
N LEU B 192 -5.82 -72.58 -26.49
CA LEU B 192 -5.29 -73.70 -25.75
C LEU B 192 -3.80 -73.49 -25.52
N ASN B 193 -3.14 -72.95 -26.54
CA ASN B 193 -1.72 -72.65 -26.49
C ASN B 193 -1.31 -71.45 -27.34
N ASP B 194 -0.03 -71.42 -27.73
CA ASP B 194 0.55 -70.34 -28.52
C ASP B 194 0.35 -70.49 -30.03
N ALA B 195 -0.09 -71.66 -30.46
CA ALA B 195 -0.34 -71.92 -31.88
C ALA B 195 -1.48 -71.01 -32.31
N ARG B 196 -1.28 -70.37 -33.46
CA ARG B 196 -2.22 -69.41 -34.05
C ARG B 196 -3.59 -69.94 -34.51
N HIS B 197 -4.61 -69.08 -34.52
CA HIS B 197 -5.94 -69.51 -34.99
C HIS B 197 -6.79 -68.34 -35.51
N PHE B 198 -7.85 -68.68 -36.23
CA PHE B 198 -8.78 -67.70 -36.76
C PHE B 198 -10.11 -68.06 -36.08
N THR B 199 -10.55 -67.26 -35.11
CA THR B 199 -11.81 -67.58 -34.42
C THR B 199 -13.02 -66.83 -34.97
N GLY B 200 -14.12 -67.54 -35.15
CA GLY B 200 -15.35 -66.95 -35.61
C GLY B 200 -16.46 -67.26 -34.64
N ALA B 201 -17.32 -66.28 -34.39
CA ALA B 201 -18.44 -66.46 -33.46
C ALA B 201 -19.60 -65.60 -33.93
N ARG B 202 -20.81 -66.04 -33.65
CA ARG B 202 -22.00 -65.31 -34.06
C ARG B 202 -23.18 -65.56 -33.13
N PHE B 203 -23.65 -64.51 -32.46
CA PHE B 203 -24.77 -64.64 -31.54
C PHE B 203 -26.00 -63.88 -31.97
N THR B 204 -27.07 -64.58 -32.34
CA THR B 204 -28.27 -63.86 -32.67
C THR B 204 -29.13 -64.03 -31.42
N ILE B 205 -29.86 -63.01 -31.02
CA ILE B 205 -30.67 -63.10 -29.80
C ILE B 205 -32.02 -62.43 -29.92
N ASN B 206 -33.07 -63.12 -29.51
CA ASN B 206 -34.39 -62.53 -29.56
C ASN B 206 -34.82 -62.32 -28.12
N VAL B 207 -35.17 -61.08 -27.77
CA VAL B 207 -35.58 -60.77 -26.41
C VAL B 207 -37.04 -60.35 -26.36
N ALA B 208 -37.88 -61.23 -25.83
CA ALA B 208 -39.31 -60.99 -25.72
C ALA B 208 -39.65 -60.00 -24.62
N ALA B 209 -40.94 -59.68 -24.53
CA ALA B 209 -41.49 -58.74 -23.56
C ALA B 209 -41.16 -58.99 -22.09
N ASN B 210 -40.79 -57.91 -21.40
CA ASN B 210 -40.44 -57.93 -19.97
C ASN B 210 -39.22 -58.78 -19.63
N ALA B 211 -38.47 -59.20 -20.64
CA ALA B 211 -37.29 -59.99 -20.37
C ALA B 211 -36.06 -59.13 -20.06
N HIS B 212 -35.13 -59.70 -19.31
CA HIS B 212 -33.90 -59.01 -18.95
C HIS B 212 -32.69 -59.88 -19.26
N LEU B 213 -31.78 -59.36 -20.07
CA LEU B 213 -30.59 -60.13 -20.44
C LEU B 213 -29.30 -59.52 -19.91
N GLN B 214 -28.41 -60.38 -19.42
CA GLN B 214 -27.09 -59.95 -19.01
C GLN B 214 -26.14 -60.82 -19.79
N HIS B 215 -25.54 -60.23 -20.83
CA HIS B 215 -24.60 -60.94 -21.67
C HIS B 215 -23.16 -60.50 -21.48
N ILE B 216 -22.26 -61.46 -21.32
CA ILE B 216 -20.84 -61.17 -21.16
C ILE B 216 -20.00 -62.00 -22.12
N LYS B 217 -19.06 -61.38 -22.81
CA LYS B 217 -18.22 -62.11 -23.74
C LYS B 217 -16.78 -61.86 -23.32
N LEU B 218 -16.03 -62.95 -23.16
CA LEU B 218 -14.65 -62.85 -22.72
C LEU B 218 -13.68 -63.48 -23.72
N ALA B 219 -13.12 -62.67 -24.59
CA ALA B 219 -12.17 -63.16 -25.58
C ALA B 219 -10.78 -63.04 -25.00
N PHE B 220 -10.29 -64.14 -24.42
CA PHE B 220 -9.00 -64.17 -23.76
C PHE B 220 -8.10 -65.15 -24.50
N GLU B 221 -8.12 -65.07 -25.82
CA GLU B 221 -7.30 -65.97 -26.62
C GLU B 221 -5.88 -65.41 -26.63
N ASN B 222 -4.92 -66.20 -27.11
CA ASN B 222 -3.52 -65.79 -27.08
C ASN B 222 -3.22 -64.53 -27.89
N PRO B 223 -2.04 -63.90 -27.65
CA PRO B 223 -1.58 -62.67 -28.30
C PRO B 223 -1.37 -62.81 -29.81
N LEU B 224 -1.29 -64.04 -30.29
CA LEU B 224 -1.02 -64.34 -31.68
C LEU B 224 -2.24 -64.75 -32.50
N SER B 225 -3.41 -64.83 -31.86
CA SER B 225 -4.60 -65.30 -32.55
C SER B 225 -5.35 -64.16 -33.23
N HIS B 226 -6.27 -64.52 -34.12
CA HIS B 226 -7.09 -63.55 -34.84
C HIS B 226 -8.51 -63.72 -34.32
N HIS B 227 -9.20 -62.63 -34.01
CA HIS B 227 -10.55 -62.74 -33.49
C HIS B 227 -11.64 -61.90 -34.17
N PHE B 228 -12.56 -62.57 -34.86
CA PHE B 228 -13.66 -61.89 -35.54
C PHE B 228 -14.99 -62.46 -35.05
N ALA B 229 -15.77 -61.65 -34.33
CA ALA B 229 -17.03 -62.12 -33.74
C ALA B 229 -18.20 -61.16 -34.03
N HIS B 230 -19.42 -61.67 -33.94
CA HIS B 230 -20.63 -60.87 -34.18
C HIS B 230 -21.89 -61.28 -33.42
N ASN B 231 -22.28 -60.48 -32.42
CA ASN B 231 -23.50 -60.80 -31.67
C ASN B 231 -24.66 -59.90 -32.11
N ASP B 232 -25.87 -60.42 -32.02
CA ASP B 232 -27.08 -59.66 -32.38
C ASP B 232 -28.05 -59.58 -31.20
N LEU B 233 -28.70 -58.44 -31.06
CA LEU B 233 -29.69 -58.26 -30.02
C LEU B 233 -31.00 -57.72 -30.61
N LEU B 234 -32.08 -58.46 -30.42
CA LEU B 234 -33.40 -58.07 -30.90
C LEU B 234 -34.32 -57.89 -29.69
N LEU B 235 -34.83 -56.68 -29.50
CA LEU B 235 -35.71 -56.41 -28.36
C LEU B 235 -37.15 -56.12 -28.71
N ALA B 236 -38.03 -56.74 -27.93
CA ALA B 236 -39.48 -56.61 -27.98
C ALA B 236 -39.98 -55.51 -27.04
N GLU B 237 -41.26 -55.57 -26.72
CA GLU B 237 -41.90 -54.57 -25.87
C GLU B 237 -41.46 -54.79 -24.42
N ASP B 238 -41.39 -53.73 -23.62
CA ASP B 238 -41.00 -53.86 -22.21
C ASP B 238 -39.70 -54.60 -22.00
N ALA B 239 -38.74 -54.50 -22.92
CA ALA B 239 -37.52 -55.25 -22.69
C ALA B 239 -36.34 -54.48 -22.12
N THR B 240 -35.46 -55.24 -21.48
CA THR B 240 -34.25 -54.77 -20.85
C THR B 240 -33.08 -55.65 -21.28
N ALA B 241 -31.98 -55.06 -21.70
CA ALA B 241 -30.82 -55.84 -22.12
C ALA B 241 -29.51 -55.19 -21.69
N PHE B 242 -28.67 -55.93 -20.99
CA PHE B 242 -27.39 -55.39 -20.57
C PHE B 242 -26.26 -56.23 -21.19
N SER B 243 -25.28 -55.58 -21.78
CA SER B 243 -24.16 -56.29 -22.39
C SER B 243 -22.77 -55.74 -22.03
N HIS B 244 -21.91 -56.60 -21.52
CA HIS B 244 -20.55 -56.20 -21.16
C HIS B 244 -19.58 -57.12 -21.87
N SER B 245 -18.75 -56.53 -22.72
CA SER B 245 -17.79 -57.29 -23.50
C SER B 245 -16.35 -56.94 -23.14
N PHE B 246 -15.53 -57.97 -22.87
CA PHE B 246 -14.14 -57.75 -22.54
C PHE B 246 -13.21 -58.37 -23.58
N LEU B 247 -12.75 -57.52 -24.50
CA LEU B 247 -11.90 -57.95 -25.60
C LEU B 247 -10.45 -57.84 -25.17
N LEU B 248 -9.95 -58.94 -24.62
CA LEU B 248 -8.60 -58.99 -24.08
C LEU B 248 -7.76 -60.13 -24.64
N GLY B 249 -7.55 -60.14 -25.96
CA GLY B 249 -6.74 -61.18 -26.58
C GLY B 249 -6.75 -61.20 -28.08
N GLY B 250 -5.62 -61.63 -28.66
CA GLY B 250 -5.50 -61.71 -30.09
C GLY B 250 -4.63 -60.63 -30.69
N ALA B 251 -3.97 -60.96 -31.79
CA ALA B 251 -3.13 -60.00 -32.50
C ALA B 251 -4.07 -58.99 -33.13
N VAL B 252 -5.15 -59.49 -33.69
CA VAL B 252 -6.17 -58.64 -34.29
C VAL B 252 -7.50 -59.22 -33.83
N LEU B 253 -8.28 -58.37 -33.17
CA LEU B 253 -9.59 -58.76 -32.66
C LEU B 253 -10.61 -57.75 -33.12
N ARG B 254 -11.73 -58.23 -33.66
CA ARG B 254 -12.76 -57.34 -34.12
C ARG B 254 -14.15 -57.73 -33.68
N HIS B 255 -14.72 -56.94 -32.79
CA HIS B 255 -16.04 -57.26 -32.30
C HIS B 255 -17.04 -56.16 -32.71
N ASN B 256 -18.16 -56.59 -33.26
CA ASN B 256 -19.23 -55.69 -33.67
C ASN B 256 -20.48 -56.12 -32.89
N THR B 257 -21.25 -55.16 -32.42
CA THR B 257 -22.51 -55.48 -31.76
C THR B 257 -23.67 -54.68 -32.32
N SER B 258 -24.55 -55.36 -33.03
CA SER B 258 -25.71 -54.73 -33.62
C SER B 258 -26.97 -55.06 -32.85
N THR B 259 -27.77 -54.03 -32.58
CA THR B 259 -28.98 -54.17 -31.79
C THR B 259 -30.16 -53.46 -32.48
N GLN B 260 -31.36 -54.01 -32.32
CA GLN B 260 -32.58 -53.43 -32.86
C GLN B 260 -33.67 -53.31 -31.80
N LEU B 261 -34.18 -52.11 -31.60
CA LEU B 261 -35.26 -51.92 -30.65
C LEU B 261 -36.59 -51.85 -31.39
N ASN B 262 -37.22 -53.01 -31.52
CA ASN B 262 -38.47 -53.17 -32.24
C ASN B 262 -39.70 -53.14 -31.32
N GLY B 263 -39.51 -52.61 -30.12
CA GLY B 263 -40.60 -52.52 -29.16
C GLY B 263 -40.48 -51.29 -28.28
N GLU B 264 -41.62 -50.78 -27.85
CA GLU B 264 -41.67 -49.57 -27.01
C GLU B 264 -41.25 -49.78 -25.56
N ASN B 265 -40.86 -48.68 -24.92
CA ASN B 265 -40.51 -48.58 -23.49
C ASN B 265 -39.38 -49.54 -23.11
N SER B 266 -38.40 -49.71 -24.01
CA SER B 266 -37.29 -50.61 -23.70
C SER B 266 -35.99 -49.92 -23.28
N THR B 267 -35.17 -50.69 -22.55
CA THR B 267 -33.89 -50.23 -22.04
C THR B 267 -32.73 -51.10 -22.48
N LEU B 268 -31.68 -50.46 -23.01
CA LEU B 268 -30.52 -51.17 -23.49
C LEU B 268 -29.23 -50.56 -22.94
N ARG B 269 -28.28 -51.41 -22.57
CA ARG B 269 -26.96 -50.95 -22.14
C ARG B 269 -25.86 -51.83 -22.72
N ILE B 270 -24.86 -51.19 -23.33
CA ILE B 270 -23.74 -51.93 -23.92
C ILE B 270 -22.39 -51.35 -23.54
N ASN B 271 -21.62 -52.11 -22.77
CA ASN B 271 -20.30 -51.64 -22.35
C ASN B 271 -19.23 -52.55 -22.91
N SER B 272 -17.98 -52.08 -22.91
CA SER B 272 -16.86 -52.89 -23.39
C SER B 272 -15.51 -52.31 -23.00
N LEU B 273 -14.54 -53.18 -22.77
CA LEU B 273 -13.19 -52.75 -22.44
C LEU B 273 -12.16 -53.39 -23.35
N ALA B 274 -11.34 -52.56 -23.99
CA ALA B 274 -10.29 -53.04 -24.89
C ALA B 274 -8.92 -52.69 -24.33
N MET B 275 -8.03 -53.68 -24.25
CA MET B 275 -6.68 -53.47 -23.72
C MET B 275 -5.61 -54.07 -24.63
N PRO B 276 -5.37 -53.45 -25.80
CA PRO B 276 -4.37 -53.98 -26.73
C PRO B 276 -2.93 -53.75 -26.29
N VAL B 277 -2.11 -54.78 -26.44
CA VAL B 277 -0.69 -54.69 -26.12
C VAL B 277 0.15 -54.82 -27.39
N LYS B 278 1.47 -54.83 -27.21
CA LYS B 278 2.48 -54.91 -28.28
C LYS B 278 2.00 -55.48 -29.62
N ASN B 279 1.95 -54.61 -30.62
CA ASN B 279 1.59 -54.95 -32.01
C ASN B 279 0.18 -55.51 -32.23
N GLU B 280 -0.63 -55.60 -31.18
CA GLU B 280 -1.97 -56.13 -31.40
C GLU B 280 -2.92 -55.00 -31.78
N VAL B 281 -4.01 -55.34 -32.46
CA VAL B 281 -5.00 -54.32 -32.80
C VAL B 281 -6.38 -54.74 -32.32
N CYS B 282 -7.01 -53.96 -31.43
CA CYS B 282 -8.35 -54.34 -30.98
C CYS B 282 -9.36 -53.27 -31.34
N ASP B 283 -10.30 -53.63 -32.22
CA ASP B 283 -11.30 -52.68 -32.71
C ASP B 283 -12.65 -53.13 -32.20
N THR B 284 -13.24 -52.33 -31.33
CA THR B 284 -14.54 -52.67 -30.76
C THR B 284 -15.53 -51.66 -31.28
N ARG B 285 -16.54 -52.21 -31.95
CA ARG B 285 -17.55 -51.44 -32.66
C ARG B 285 -18.97 -51.89 -32.32
N THR B 286 -19.90 -50.95 -32.35
CA THR B 286 -21.31 -51.24 -32.08
C THR B 286 -22.22 -50.50 -33.06
N TRP B 287 -23.39 -51.11 -33.28
CA TRP B 287 -24.41 -50.59 -34.18
C TRP B 287 -25.76 -50.72 -33.52
N LEU B 288 -26.45 -49.60 -33.36
CA LEU B 288 -27.72 -49.60 -32.69
C LEU B 288 -28.79 -48.88 -33.50
N GLU B 289 -29.95 -49.52 -33.63
CA GLU B 289 -31.06 -48.91 -34.33
C GLU B 289 -32.26 -48.76 -33.40
N HIS B 290 -32.67 -47.53 -33.20
CA HIS B 290 -33.85 -47.23 -32.41
C HIS B 290 -34.98 -47.14 -33.43
N ASN B 291 -35.65 -48.24 -33.70
CA ASN B 291 -36.70 -48.21 -34.70
C ASN B 291 -38.01 -47.79 -34.07
N LYS B 292 -38.14 -47.99 -32.77
CA LYS B 292 -39.33 -47.54 -32.09
C LYS B 292 -38.93 -46.57 -30.98
N GLY B 293 -39.90 -45.78 -30.52
CA GLY B 293 -39.71 -44.79 -29.49
C GLY B 293 -39.82 -45.28 -28.06
N PHE B 294 -39.70 -44.32 -27.15
CA PHE B 294 -39.78 -44.52 -25.70
C PHE B 294 -38.68 -45.45 -25.19
N CYS B 295 -37.59 -45.58 -25.95
CA CYS B 295 -36.50 -46.41 -25.47
C CYS B 295 -35.33 -45.58 -24.95
N ASN B 296 -34.65 -46.14 -23.96
CA ASN B 296 -33.49 -45.49 -23.38
C ASN B 296 -32.28 -46.37 -23.56
N SER B 297 -31.21 -45.81 -24.11
CA SER B 297 -29.98 -46.57 -24.33
C SER B 297 -28.77 -45.85 -23.76
N ARG B 298 -27.89 -46.62 -23.14
CA ARG B 298 -26.68 -46.07 -22.56
C ARG B 298 -25.50 -46.93 -23.01
N GLN B 299 -24.42 -46.29 -23.42
CA GLN B 299 -23.23 -47.02 -23.86
C GLN B 299 -21.94 -46.45 -23.30
N LEU B 300 -21.10 -47.34 -22.78
CA LEU B 300 -19.82 -46.94 -22.24
C LEU B 300 -18.74 -47.86 -22.79
N HIS B 301 -17.89 -47.31 -23.65
CA HIS B 301 -16.83 -48.10 -24.25
C HIS B 301 -15.49 -47.51 -23.90
N LYS B 302 -14.66 -48.26 -23.19
CA LYS B 302 -13.35 -47.72 -22.84
C LYS B 302 -12.26 -48.56 -23.47
N THR B 303 -11.13 -47.91 -23.75
CA THR B 303 -9.98 -48.59 -24.34
C THR B 303 -8.72 -48.09 -23.67
N ILE B 304 -7.72 -48.96 -23.57
CA ILE B 304 -6.45 -48.58 -22.99
C ILE B 304 -5.35 -49.12 -23.88
N VAL B 305 -4.60 -48.25 -24.54
CA VAL B 305 -3.58 -48.76 -25.44
C VAL B 305 -2.13 -48.47 -25.02
N SER B 306 -1.38 -49.54 -24.84
CA SER B 306 0.03 -49.47 -24.50
C SER B 306 0.93 -49.99 -25.62
N ASP B 307 2.22 -49.69 -25.50
CA ASP B 307 3.27 -50.14 -26.41
C ASP B 307 3.05 -50.50 -27.88
N LYS B 308 2.70 -49.54 -28.75
CA LYS B 308 2.51 -49.81 -30.20
C LYS B 308 1.25 -50.60 -30.61
N GLY B 309 0.27 -50.64 -29.71
CA GLY B 309 -0.98 -51.34 -29.92
C GLY B 309 -1.97 -50.37 -30.55
N ARG B 310 -3.08 -50.86 -31.10
CA ARG B 310 -4.02 -49.97 -31.77
C ARG B 310 -5.50 -50.26 -31.50
N ALA B 311 -6.22 -49.27 -30.99
CA ALA B 311 -7.65 -49.40 -30.74
C ALA B 311 -8.49 -48.63 -31.76
N VAL B 312 -9.59 -49.24 -32.18
CA VAL B 312 -10.51 -48.61 -33.12
C VAL B 312 -11.93 -48.71 -32.54
N PHE B 313 -12.66 -47.61 -32.51
CA PHE B 313 -14.02 -47.67 -32.01
C PHE B 313 -14.99 -47.10 -33.05
N ASN B 314 -16.14 -47.74 -33.19
CA ASN B 314 -17.18 -47.32 -34.11
C ASN B 314 -18.59 -47.51 -33.55
N GLY B 315 -19.34 -46.42 -33.41
CA GLY B 315 -20.69 -46.51 -32.86
C GLY B 315 -21.75 -45.75 -33.61
N LEU B 316 -22.58 -46.48 -34.35
CA LEU B 316 -23.67 -45.88 -35.11
C LEU B 316 -24.99 -46.01 -34.38
N ILE B 317 -25.72 -44.91 -34.29
CA ILE B 317 -27.03 -44.89 -33.68
C ILE B 317 -28.02 -44.27 -34.66
N ASN B 318 -29.01 -45.08 -35.05
CA ASN B 318 -30.04 -44.62 -35.98
C ASN B 318 -31.40 -44.54 -35.29
N VAL B 319 -32.05 -43.40 -35.40
CA VAL B 319 -33.35 -43.23 -34.80
C VAL B 319 -34.44 -43.05 -35.85
N ALA B 320 -35.29 -44.05 -35.99
CA ALA B 320 -36.35 -44.05 -36.99
C ALA B 320 -37.39 -42.96 -36.70
N GLN B 321 -38.09 -42.55 -37.76
CA GLN B 321 -39.12 -41.53 -37.66
C GLN B 321 -40.25 -42.07 -36.78
N HIS B 322 -40.90 -41.18 -36.01
CA HIS B 322 -42.03 -41.57 -35.13
C HIS B 322 -41.55 -42.25 -33.83
N ALA B 323 -40.25 -42.50 -33.75
CA ALA B 323 -39.63 -43.15 -32.59
C ALA B 323 -39.40 -42.09 -31.51
N ILE B 324 -40.50 -41.49 -31.08
CA ILE B 324 -40.50 -40.43 -30.07
C ILE B 324 -40.01 -40.87 -28.68
N LYS B 325 -39.53 -39.90 -27.90
CA LYS B 325 -39.03 -40.10 -26.54
C LYS B 325 -37.80 -41.01 -26.40
N THR B 326 -37.01 -41.16 -27.46
CA THR B 326 -35.76 -41.93 -27.37
C THR B 326 -34.70 -41.18 -26.58
N ASP B 327 -33.96 -41.91 -25.75
CA ASP B 327 -32.89 -41.32 -24.97
C ASP B 327 -31.64 -42.16 -25.07
N GLY B 328 -30.73 -41.78 -25.97
CA GLY B 328 -29.53 -42.56 -26.14
C GLY B 328 -28.27 -41.74 -25.96
N GLN B 329 -27.34 -42.29 -25.18
CA GLN B 329 -26.07 -41.62 -24.92
C GLN B 329 -24.95 -42.63 -25.13
N MET B 330 -23.78 -42.12 -25.52
CA MET B 330 -22.61 -42.95 -25.77
C MET B 330 -21.36 -42.26 -25.31
N THR B 331 -20.55 -42.99 -24.53
CA THR B 331 -19.31 -42.43 -24.01
C THR B 331 -18.14 -43.37 -24.29
N ASN B 332 -17.02 -42.77 -24.71
CA ASN B 332 -15.80 -43.50 -25.04
C ASN B 332 -14.55 -42.86 -24.46
N ASN B 333 -13.99 -43.46 -23.41
CA ASN B 333 -12.78 -42.93 -22.79
C ASN B 333 -11.57 -43.79 -23.16
N ASN B 334 -10.57 -43.16 -23.76
CA ASN B 334 -9.37 -43.87 -24.20
C ASN B 334 -8.11 -43.42 -23.47
N LEU B 335 -7.35 -44.39 -23.01
CA LEU B 335 -6.10 -44.16 -22.28
C LEU B 335 -4.87 -44.66 -23.04
N LEU B 336 -3.95 -43.74 -23.33
CA LEU B 336 -2.72 -44.05 -24.05
C LEU B 336 -1.50 -44.12 -23.13
N MET B 337 -0.74 -45.21 -23.21
CA MET B 337 0.42 -45.39 -22.34
C MET B 337 1.76 -45.55 -23.08
N GLY B 338 1.73 -46.00 -24.33
CA GLY B 338 2.98 -46.16 -25.06
C GLY B 338 3.28 -44.94 -25.93
N LYS B 339 4.56 -44.74 -26.27
CA LYS B 339 4.94 -43.58 -27.08
C LYS B 339 4.63 -43.74 -28.57
N LEU B 340 4.24 -44.96 -28.97
CA LEU B 340 3.92 -45.25 -30.36
C LEU B 340 2.44 -45.63 -30.48
N ALA B 341 1.69 -45.47 -29.40
CA ALA B 341 0.29 -45.85 -29.45
C ALA B 341 -0.62 -44.87 -30.18
N GLU B 342 -1.70 -45.46 -30.71
CA GLU B 342 -2.71 -44.80 -31.49
C GLU B 342 -4.10 -45.24 -31.04
N VAL B 343 -5.08 -44.38 -31.29
CA VAL B 343 -6.47 -44.68 -30.99
C VAL B 343 -7.30 -43.94 -32.03
N ASP B 344 -8.21 -44.67 -32.63
CA ASP B 344 -9.08 -44.13 -33.65
C ASP B 344 -10.53 -44.37 -33.27
N THR B 345 -11.31 -43.31 -33.21
CA THR B 345 -12.70 -43.43 -32.83
C THR B 345 -13.56 -42.64 -33.79
N LYS B 346 -14.65 -43.27 -34.21
CA LYS B 346 -15.56 -42.66 -35.17
C LYS B 346 -17.01 -42.89 -34.78
N PRO B 347 -17.57 -41.99 -33.95
CA PRO B 347 -18.99 -42.05 -33.55
C PRO B 347 -19.91 -41.51 -34.65
N GLN B 348 -21.13 -42.03 -34.77
CA GLN B 348 -22.02 -41.60 -35.85
C GLN B 348 -23.49 -41.52 -35.41
N LEU B 349 -24.06 -40.32 -35.32
CA LEU B 349 -25.46 -40.24 -34.92
C LEU B 349 -26.39 -39.93 -36.10
N GLU B 350 -27.44 -40.72 -36.26
CA GLU B 350 -28.44 -40.48 -37.30
C GLU B 350 -29.83 -40.43 -36.66
N ILE B 351 -30.32 -39.21 -36.44
CA ILE B 351 -31.59 -38.99 -35.75
C ILE B 351 -32.70 -38.43 -36.67
N TYR B 352 -33.81 -39.14 -36.79
CA TYR B 352 -34.90 -38.73 -37.67
C TYR B 352 -36.19 -38.38 -36.90
N ALA B 353 -36.04 -38.01 -35.63
CA ALA B 353 -37.17 -37.61 -34.79
C ALA B 353 -36.71 -36.45 -33.89
N ASP B 354 -37.53 -35.40 -33.79
CA ASP B 354 -37.11 -34.24 -33.00
C ASP B 354 -37.37 -34.32 -31.49
N ASP B 355 -38.50 -34.85 -31.06
CA ASP B 355 -38.74 -34.91 -29.62
C ASP B 355 -37.94 -36.01 -28.96
N VAL B 356 -36.62 -35.91 -29.05
CA VAL B 356 -35.78 -36.92 -28.46
C VAL B 356 -34.58 -36.21 -27.89
N LYS B 357 -33.76 -36.94 -27.15
CA LYS B 357 -32.53 -36.38 -26.61
C LYS B 357 -31.42 -37.40 -26.73
N CYS B 358 -30.61 -37.27 -27.76
CA CYS B 358 -29.51 -38.21 -27.91
C CYS B 358 -28.26 -37.37 -27.95
N SER B 359 -27.20 -37.93 -27.38
CA SER B 359 -25.93 -37.27 -27.32
C SER B 359 -24.81 -38.25 -27.06
N HIS B 360 -23.60 -37.91 -27.47
CA HIS B 360 -22.49 -38.79 -27.22
C HIS B 360 -21.32 -37.92 -26.86
N GLY B 361 -20.39 -38.48 -26.12
CA GLY B 361 -19.21 -37.76 -25.71
C GLY B 361 -18.11 -38.76 -25.64
N ALA B 362 -16.91 -38.32 -25.99
CA ALA B 362 -15.73 -39.17 -25.99
C ALA B 362 -14.52 -38.38 -25.58
N THR B 363 -13.65 -39.00 -24.79
CA THR B 363 -12.45 -38.30 -24.37
C THR B 363 -11.23 -39.17 -24.64
N VAL B 364 -10.11 -38.48 -24.77
CA VAL B 364 -8.81 -39.09 -25.01
C VAL B 364 -7.80 -38.32 -24.19
N GLY B 365 -6.96 -39.05 -23.47
CA GLY B 365 -5.95 -38.40 -22.67
C GLY B 365 -4.94 -39.40 -22.12
N ARG B 366 -3.93 -38.86 -21.45
CA ARG B 366 -2.87 -39.70 -20.90
C ARG B 366 -2.98 -39.82 -19.40
N ILE B 367 -2.25 -40.78 -18.85
CA ILE B 367 -2.18 -40.98 -17.42
C ILE B 367 -1.72 -39.66 -16.79
N ASP B 368 -2.28 -39.31 -15.64
CA ASP B 368 -1.87 -38.11 -14.93
C ASP B 368 -0.54 -38.42 -14.26
N ASP B 369 0.56 -38.00 -14.87
CA ASP B 369 1.89 -38.27 -14.35
C ASP B 369 2.08 -37.73 -12.92
N GLU B 370 1.38 -36.66 -12.57
CA GLU B 370 1.52 -36.10 -11.23
C GLU B 370 0.99 -37.02 -10.12
N GLN B 371 -0.10 -37.73 -10.34
CA GLN B 371 -0.60 -38.64 -9.30
C GLN B 371 0.37 -39.81 -9.20
N ILE B 372 0.89 -40.24 -10.36
CA ILE B 372 1.84 -41.35 -10.39
C ILE B 372 3.04 -40.93 -9.57
N PHE B 373 3.50 -39.70 -9.78
CA PHE B 373 4.64 -39.20 -9.03
C PHE B 373 4.26 -39.11 -7.56
N TYR B 374 3.03 -38.70 -7.32
CA TYR B 374 2.49 -38.58 -5.97
C TYR B 374 2.45 -39.94 -5.27
N LEU B 375 1.94 -40.93 -6.00
CA LEU B 375 1.84 -42.29 -5.47
C LEU B 375 3.18 -42.96 -5.15
N ARG B 376 4.11 -42.87 -6.10
CA ARG B 376 5.45 -43.45 -5.96
C ARG B 376 6.30 -42.83 -4.85
N SER B 377 6.18 -41.52 -4.68
CA SER B 377 6.96 -40.79 -3.69
C SER B 377 6.66 -41.21 -2.25
N ARG B 378 5.59 -41.95 -2.07
CA ARG B 378 5.25 -42.47 -0.76
C ARG B 378 5.74 -43.90 -0.61
N GLY B 379 6.32 -44.44 -1.68
CA GLY B 379 6.86 -45.78 -1.68
C GLY B 379 6.33 -46.86 -2.60
N ILE B 380 5.19 -46.64 -3.24
CA ILE B 380 4.69 -47.67 -4.13
C ILE B 380 5.50 -47.71 -5.42
N ASN B 381 5.99 -48.89 -5.76
CA ASN B 381 6.82 -49.11 -6.95
C ASN B 381 6.09 -48.82 -8.26
N GLN B 382 6.86 -48.52 -9.30
CA GLN B 382 6.33 -48.18 -10.62
C GLN B 382 5.27 -49.14 -11.19
N GLN B 383 5.55 -50.44 -11.22
CA GLN B 383 4.59 -51.41 -11.74
C GLN B 383 3.24 -51.39 -10.98
N ASP B 384 3.27 -51.45 -9.66
CA ASP B 384 2.02 -51.43 -8.89
C ASP B 384 1.29 -50.09 -9.01
N ALA B 385 2.07 -49.01 -9.10
CA ALA B 385 1.51 -47.66 -9.24
C ALA B 385 0.74 -47.48 -10.54
N GLN B 386 1.36 -47.89 -11.64
CA GLN B 386 0.73 -47.80 -12.96
C GLN B 386 -0.57 -48.59 -12.94
N GLN B 387 -0.48 -49.78 -12.37
CA GLN B 387 -1.58 -50.73 -12.24
C GLN B 387 -2.77 -50.23 -11.41
N MET B 388 -2.50 -49.55 -10.31
CA MET B 388 -3.54 -49.03 -9.42
C MET B 388 -4.54 -48.05 -10.06
N ILE B 389 -4.05 -47.15 -10.90
CA ILE B 389 -4.90 -46.16 -11.55
C ILE B 389 -5.77 -46.79 -12.63
N ILE B 390 -5.21 -47.77 -13.32
CA ILE B 390 -5.94 -48.46 -14.38
C ILE B 390 -7.12 -49.26 -13.83
N TYR B 391 -6.95 -49.97 -12.71
CA TYR B 391 -8.10 -50.70 -12.18
C TYR B 391 -9.20 -49.71 -11.80
N ALA B 392 -8.79 -48.54 -11.32
CA ALA B 392 -9.73 -47.49 -10.95
C ALA B 392 -10.44 -46.94 -12.19
N PHE B 393 -9.68 -46.82 -13.27
CA PHE B 393 -10.21 -46.33 -14.54
C PHE B 393 -11.31 -47.23 -15.11
N ALA B 394 -11.07 -48.54 -15.05
CA ALA B 394 -11.99 -49.54 -15.57
C ALA B 394 -13.00 -49.96 -14.52
N ALA B 395 -12.84 -49.43 -13.32
CA ALA B 395 -13.71 -49.76 -12.19
C ALA B 395 -15.20 -49.72 -12.56
N GLU B 396 -15.60 -48.68 -13.29
CA GLU B 396 -17.00 -48.51 -13.64
C GLU B 396 -17.48 -49.65 -14.55
N LEU B 397 -16.55 -50.24 -15.28
CA LEU B 397 -16.84 -51.36 -16.17
C LEU B 397 -16.81 -52.69 -15.41
N THR B 398 -15.82 -52.83 -14.55
CA THR B 398 -15.60 -54.03 -13.74
C THR B 398 -16.65 -54.20 -12.64
N GLU B 399 -17.16 -53.09 -12.13
CA GLU B 399 -18.17 -53.12 -11.07
C GLU B 399 -19.51 -53.68 -11.51
N ALA B 400 -19.81 -53.66 -12.81
CA ALA B 400 -21.09 -54.20 -13.23
C ALA B 400 -21.10 -55.73 -13.09
N LEU B 401 -19.92 -56.33 -12.96
CA LEU B 401 -19.83 -57.76 -12.72
C LEU B 401 -20.37 -58.00 -11.31
N ARG B 402 -21.61 -58.43 -11.17
CA ARG B 402 -22.17 -58.63 -9.85
C ARG B 402 -21.47 -59.72 -9.03
N ASP B 403 -20.98 -60.75 -9.72
CA ASP B 403 -20.28 -61.87 -9.09
C ASP B 403 -18.80 -61.58 -8.74
N GLU B 404 -18.50 -61.33 -7.46
CA GLU B 404 -17.13 -61.03 -7.04
C GLU B 404 -16.14 -62.09 -7.51
N GLY B 405 -16.51 -63.36 -7.33
CA GLY B 405 -15.68 -64.49 -7.72
C GLY B 405 -15.26 -64.45 -9.17
N LEU B 406 -16.20 -64.16 -10.06
CA LEU B 406 -15.89 -64.07 -11.49
C LEU B 406 -14.99 -62.87 -11.75
N LYS B 407 -15.35 -61.74 -11.14
CA LYS B 407 -14.62 -60.48 -11.27
C LYS B 407 -13.12 -60.59 -10.98
N GLN B 408 -12.76 -61.33 -9.95
CA GLN B 408 -11.35 -61.48 -9.57
C GLN B 408 -10.54 -62.21 -10.62
N GLN B 409 -11.16 -63.19 -11.28
CA GLN B 409 -10.47 -63.93 -12.32
C GLN B 409 -10.33 -63.03 -13.54
N VAL B 410 -11.31 -62.16 -13.74
CA VAL B 410 -11.29 -61.20 -14.84
C VAL B 410 -10.20 -60.17 -14.58
N LEU B 411 -10.07 -59.78 -13.33
CA LEU B 411 -9.06 -58.82 -12.89
C LEU B 411 -7.65 -59.37 -13.10
N ALA B 412 -7.50 -60.68 -12.88
CA ALA B 412 -6.23 -61.35 -13.07
C ALA B 412 -5.77 -61.27 -14.52
N ARG B 413 -6.72 -61.42 -15.45
CA ARG B 413 -6.41 -61.34 -16.88
C ARG B 413 -5.94 -59.96 -17.28
N ILE B 414 -6.56 -58.93 -16.71
CA ILE B 414 -6.21 -57.55 -16.99
C ILE B 414 -4.79 -57.23 -16.52
N GLY B 415 -4.52 -57.59 -15.27
CA GLY B 415 -3.24 -57.34 -14.63
C GLY B 415 -2.00 -57.88 -15.32
N GLN B 416 -2.13 -59.00 -16.02
CA GLN B 416 -0.98 -59.58 -16.69
C GLN B 416 -0.48 -58.75 -17.88
N ARG B 417 -1.32 -57.87 -18.40
CA ARG B 417 -0.90 -57.08 -19.56
C ARG B 417 -0.41 -55.72 -19.12
N LEU B 418 -0.45 -55.50 -17.82
CA LEU B 418 0.00 -54.26 -17.23
C LEU B 418 1.52 -54.39 -17.08
N PRO B 419 2.19 -53.37 -16.51
CA PRO B 419 3.63 -53.65 -16.35
C PRO B 419 3.93 -54.57 -15.17
N GLY B 420 2.95 -55.37 -14.78
CA GLY B 420 3.08 -56.31 -13.69
C GLY B 420 2.64 -57.69 -14.14
N GLY B 421 3.15 -58.72 -13.46
CA GLY B 421 2.83 -60.11 -13.79
C GLY B 421 3.06 -60.48 -15.24
N MET C 1 -65.78 -7.86 -19.79
CA MET C 1 -67.13 -8.39 -20.01
C MET C 1 -67.08 -9.82 -20.55
N LEU C 2 -66.18 -10.62 -19.99
CA LEU C 2 -66.04 -12.02 -20.38
C LEU C 2 -67.28 -12.85 -20.06
N SER C 3 -67.80 -13.55 -21.07
CA SER C 3 -68.98 -14.38 -20.88
C SER C 3 -68.83 -15.78 -21.48
N ILE C 4 -68.81 -16.78 -20.61
CA ILE C 4 -68.71 -18.18 -21.01
C ILE C 4 -70.04 -18.89 -20.80
N LYS C 5 -70.59 -19.49 -21.85
CA LYS C 5 -71.92 -20.13 -21.74
C LYS C 5 -72.01 -21.56 -22.27
N ASP C 6 -72.51 -22.46 -21.41
CA ASP C 6 -72.75 -23.87 -21.72
C ASP C 6 -71.60 -24.56 -22.45
N LEU C 7 -70.39 -24.30 -21.96
CA LEU C 7 -69.17 -24.81 -22.57
C LEU C 7 -68.90 -26.34 -22.50
N HIS C 8 -68.72 -26.86 -23.72
CA HIS C 8 -68.36 -28.21 -24.04
C HIS C 8 -67.05 -28.19 -24.85
N VAL C 9 -66.09 -28.91 -24.26
CA VAL C 9 -64.74 -29.06 -24.75
C VAL C 9 -64.29 -30.47 -24.56
N SER C 10 -63.66 -31.07 -25.56
CA SER C 10 -63.19 -32.44 -25.35
C SER C 10 -61.70 -32.60 -25.52
N VAL C 11 -61.20 -33.58 -24.79
CA VAL C 11 -59.79 -33.98 -24.72
C VAL C 11 -59.72 -35.47 -25.04
N GLU C 12 -58.91 -35.79 -26.03
CA GLU C 12 -58.71 -37.16 -26.49
C GLU C 12 -60.03 -37.88 -26.77
N ASP C 13 -60.96 -37.13 -27.38
CA ASP C 13 -62.31 -37.60 -27.76
C ASP C 13 -63.24 -37.83 -26.56
N LYS C 14 -62.76 -37.55 -25.34
CA LYS C 14 -63.59 -37.72 -24.15
C LYS C 14 -64.18 -36.43 -23.57
N ALA C 15 -65.49 -36.39 -23.43
CA ALA C 15 -66.16 -35.23 -22.84
C ALA C 15 -65.92 -35.09 -21.35
N ILE C 16 -65.25 -34.02 -20.95
CA ILE C 16 -64.96 -33.73 -19.54
C ILE C 16 -65.89 -32.67 -18.98
N LEU C 17 -65.85 -31.49 -19.60
CA LEU C 17 -66.70 -30.37 -19.19
C LEU C 17 -68.04 -30.45 -19.94
N ARG C 18 -69.13 -30.40 -19.18
CA ARG C 18 -70.46 -30.56 -19.76
C ARG C 18 -71.40 -29.34 -19.51
N GLY C 19 -70.99 -28.14 -19.92
CA GLY C 19 -71.83 -26.98 -19.73
C GLY C 19 -71.60 -25.95 -18.63
N LEU C 20 -70.33 -25.64 -18.39
CA LEU C 20 -69.94 -24.65 -17.38
C LEU C 20 -70.27 -23.28 -17.94
N SER C 21 -70.87 -22.43 -17.12
CA SER C 21 -71.20 -21.07 -17.54
C SER C 21 -70.69 -20.07 -16.51
N LEU C 22 -70.07 -19.01 -17.02
CA LEU C 22 -69.52 -17.96 -16.18
C LEU C 22 -69.42 -16.58 -16.83
N ASP C 23 -69.69 -15.56 -16.02
CA ASP C 23 -69.66 -14.16 -16.43
C ASP C 23 -68.72 -13.39 -15.48
N VAL C 24 -67.71 -12.72 -16.03
CA VAL C 24 -66.77 -11.97 -15.19
C VAL C 24 -66.62 -10.51 -15.59
N HIS C 25 -66.88 -9.62 -14.63
CA HIS C 25 -66.81 -8.18 -14.84
C HIS C 25 -65.51 -7.60 -14.23
N PRO C 26 -65.09 -6.40 -14.68
CA PRO C 26 -63.87 -5.79 -14.15
C PRO C 26 -63.77 -5.63 -12.62
N GLY C 27 -62.56 -5.86 -12.12
CA GLY C 27 -62.17 -5.74 -10.72
C GLY C 27 -62.57 -6.82 -9.73
N GLU C 28 -63.18 -7.89 -10.22
CA GLU C 28 -63.62 -8.99 -9.36
C GLU C 28 -62.74 -10.22 -9.50
N VAL C 29 -62.62 -10.96 -8.39
CA VAL C 29 -61.84 -12.18 -8.32
C VAL C 29 -62.72 -13.42 -8.09
N HIS C 30 -62.63 -14.38 -9.01
CA HIS C 30 -63.41 -15.59 -8.96
C HIS C 30 -62.48 -16.78 -8.72
N ALA C 31 -62.91 -17.66 -7.82
CA ALA C 31 -62.15 -18.88 -7.51
C ALA C 31 -62.85 -20.16 -7.94
N ILE C 32 -62.10 -21.02 -8.62
CA ILE C 32 -62.58 -22.32 -9.08
C ILE C 32 -61.82 -23.41 -8.34
N MET C 33 -62.55 -24.35 -7.75
CA MET C 33 -61.96 -25.41 -6.95
C MET C 33 -62.52 -26.78 -7.34
N GLY C 34 -62.15 -27.82 -6.60
CA GLY C 34 -62.60 -29.18 -6.84
C GLY C 34 -61.45 -30.17 -6.85
N PRO C 35 -61.77 -31.47 -7.02
CA PRO C 35 -60.78 -32.55 -7.04
C PRO C 35 -60.03 -32.60 -8.37
N ASN C 36 -58.89 -33.28 -8.40
CA ASN C 36 -58.17 -33.38 -9.66
C ASN C 36 -58.97 -34.21 -10.65
N GLY C 37 -58.92 -33.83 -11.92
CA GLY C 37 -59.67 -34.57 -12.91
C GLY C 37 -61.08 -34.06 -13.12
N SER C 38 -61.31 -32.76 -13.03
CA SER C 38 -62.68 -32.28 -13.21
C SER C 38 -62.79 -31.14 -14.21
N GLY C 39 -61.69 -30.79 -14.85
CA GLY C 39 -61.72 -29.79 -15.90
C GLY C 39 -60.93 -28.51 -15.68
N LYS C 40 -60.53 -28.29 -14.44
CA LYS C 40 -59.78 -27.09 -14.06
C LYS C 40 -58.61 -26.76 -15.00
N SER C 41 -57.68 -27.70 -15.14
CA SER C 41 -56.51 -27.47 -15.95
C SER C 41 -56.96 -27.39 -17.41
N THR C 42 -57.97 -28.19 -17.74
CA THR C 42 -58.51 -28.24 -19.09
C THR C 42 -59.22 -26.92 -19.42
N LEU C 43 -59.92 -26.36 -18.44
CA LEU C 43 -60.63 -25.11 -18.63
C LEU C 43 -59.62 -24.01 -18.96
N SER C 44 -58.56 -23.91 -18.15
CA SER C 44 -57.53 -22.90 -18.34
C SER C 44 -56.88 -23.07 -19.71
N ALA C 45 -56.57 -24.33 -20.01
CA ALA C 45 -55.95 -24.74 -21.26
C ALA C 45 -56.84 -24.39 -22.45
N THR C 46 -58.15 -24.56 -22.26
CA THR C 46 -59.14 -24.29 -23.31
C THR C 46 -59.15 -22.81 -23.61
N LEU C 47 -59.02 -22.02 -22.56
CA LEU C 47 -59.00 -20.58 -22.67
C LEU C 47 -57.69 -20.16 -23.33
N ALA C 48 -56.61 -20.83 -22.94
CA ALA C 48 -55.27 -20.54 -23.46
C ALA C 48 -55.07 -20.87 -24.94
N GLY C 49 -55.70 -21.94 -25.42
CA GLY C 49 -55.58 -22.31 -26.82
C GLY C 49 -54.85 -23.60 -27.19
N ARG C 50 -54.77 -24.54 -26.25
CA ARG C 50 -54.13 -25.84 -26.50
C ARG C 50 -54.82 -26.55 -27.67
N GLU C 51 -53.99 -27.09 -28.56
CA GLU C 51 -54.40 -27.71 -29.82
C GLU C 51 -55.11 -29.05 -29.68
N ASP C 52 -55.08 -29.64 -28.50
CA ASP C 52 -55.74 -30.93 -28.31
C ASP C 52 -57.15 -30.79 -27.75
N TYR C 53 -57.75 -29.61 -27.89
CA TYR C 53 -59.11 -29.40 -27.39
C TYR C 53 -60.19 -29.09 -28.43
N GLU C 54 -60.97 -30.11 -28.77
CA GLU C 54 -62.03 -29.97 -29.75
C GLU C 54 -63.24 -29.36 -29.05
N VAL C 55 -63.63 -28.14 -29.41
CA VAL C 55 -64.80 -27.55 -28.80
C VAL C 55 -66.06 -28.05 -29.50
N THR C 56 -66.84 -28.85 -28.78
CA THR C 56 -68.06 -29.44 -29.34
C THR C 56 -69.32 -28.66 -28.96
N GLY C 57 -69.41 -27.41 -29.37
CA GLY C 57 -70.57 -26.60 -29.04
C GLY C 57 -70.31 -25.57 -27.97
N GLY C 58 -71.17 -24.55 -27.92
CA GLY C 58 -71.06 -23.48 -26.95
C GLY C 58 -70.29 -22.28 -27.45
N THR C 59 -70.19 -21.27 -26.60
CA THR C 59 -69.49 -20.03 -26.94
C THR C 59 -68.72 -19.43 -25.77
N VAL C 60 -67.72 -18.63 -26.10
CA VAL C 60 -66.91 -17.89 -25.12
C VAL C 60 -66.69 -16.54 -25.79
N GLU C 61 -67.34 -15.52 -25.24
CA GLU C 61 -67.26 -14.17 -25.78
C GLU C 61 -66.54 -13.18 -24.88
N PHE C 62 -65.75 -12.30 -25.49
CA PHE C 62 -65.01 -11.30 -24.74
C PHE C 62 -65.21 -9.97 -25.46
N LYS C 63 -65.64 -8.98 -24.66
CA LYS C 63 -65.98 -7.63 -25.11
C LYS C 63 -66.92 -7.70 -26.32
N GLY C 64 -67.83 -8.66 -26.27
CA GLY C 64 -68.83 -8.91 -27.29
C GLY C 64 -68.44 -9.59 -28.59
N LYS C 65 -67.22 -10.12 -28.68
CA LYS C 65 -66.81 -10.81 -29.90
C LYS C 65 -66.41 -12.26 -29.60
N ASP C 66 -66.54 -13.15 -30.60
CA ASP C 66 -66.15 -14.54 -30.38
C ASP C 66 -64.63 -14.71 -30.42
N LEU C 67 -64.08 -15.04 -29.25
CA LEU C 67 -62.64 -15.22 -29.04
C LEU C 67 -62.09 -16.51 -29.66
N LEU C 68 -62.91 -17.56 -29.63
CA LEU C 68 -62.53 -18.88 -30.14
C LEU C 68 -62.22 -18.89 -31.64
N ALA C 69 -62.60 -17.83 -32.33
CA ALA C 69 -62.35 -17.74 -33.77
C ALA C 69 -61.00 -17.05 -33.97
N LEU C 70 -60.47 -16.50 -32.88
CA LEU C 70 -59.19 -15.80 -32.88
C LEU C 70 -58.08 -16.80 -32.60
N SER C 71 -56.94 -16.62 -33.27
CA SER C 71 -55.79 -17.49 -33.09
C SER C 71 -55.11 -17.29 -31.72
N PRO C 72 -54.27 -18.24 -31.29
CA PRO C 72 -53.52 -18.22 -30.02
C PRO C 72 -52.67 -16.96 -29.82
N GLU C 73 -51.97 -16.57 -30.88
CA GLU C 73 -51.09 -15.40 -30.87
C GLU C 73 -51.90 -14.14 -30.62
N ASP C 74 -53.13 -14.15 -31.11
CA ASP C 74 -54.11 -13.08 -31.02
C ASP C 74 -54.74 -12.84 -29.63
N ARG C 75 -54.94 -13.90 -28.87
CA ARG C 75 -55.54 -13.83 -27.52
C ARG C 75 -54.76 -13.05 -26.45
N ALA C 76 -53.43 -13.12 -26.48
CA ALA C 76 -52.64 -12.38 -25.49
C ALA C 76 -52.78 -10.88 -25.70
N GLY C 77 -52.82 -10.47 -26.97
CA GLY C 77 -52.99 -9.08 -27.32
C GLY C 77 -54.29 -8.56 -26.75
N GLU C 78 -55.34 -9.36 -26.87
CA GLU C 78 -56.65 -8.99 -26.35
C GLU C 78 -56.61 -8.82 -24.84
N GLY C 79 -55.70 -9.52 -24.17
CA GLY C 79 -55.58 -9.37 -22.73
C GLY C 79 -55.61 -10.62 -21.87
N ILE C 80 -55.53 -11.79 -22.49
CA ILE C 80 -55.54 -13.02 -21.70
C ILE C 80 -54.12 -13.52 -21.39
N PHE C 81 -53.85 -13.76 -20.11
CA PHE C 81 -52.55 -14.24 -19.67
C PHE C 81 -52.69 -15.45 -18.76
N MET C 82 -51.89 -16.47 -19.01
CA MET C 82 -51.93 -17.67 -18.18
C MET C 82 -50.58 -17.96 -17.53
N ALA C 83 -50.59 -18.05 -16.20
CA ALA C 83 -49.38 -18.41 -15.47
C ALA C 83 -49.32 -19.94 -15.48
N PHE C 84 -48.34 -20.47 -16.18
CA PHE C 84 -48.22 -21.93 -16.33
C PHE C 84 -47.93 -22.66 -15.02
N GLN C 85 -48.47 -23.86 -14.88
CA GLN C 85 -48.19 -24.71 -13.74
C GLN C 85 -46.78 -25.28 -13.84
N TYR C 86 -46.35 -25.51 -15.07
CA TYR C 86 -45.01 -26.05 -15.35
C TYR C 86 -44.30 -25.23 -16.42
N PRO C 87 -43.73 -24.09 -16.02
CA PRO C 87 -42.98 -23.21 -16.92
C PRO C 87 -41.90 -23.96 -17.67
N VAL C 88 -41.77 -23.66 -18.95
CA VAL C 88 -40.82 -24.32 -19.83
C VAL C 88 -39.43 -23.67 -19.76
N GLU C 89 -38.40 -24.49 -19.89
CA GLU C 89 -37.04 -23.97 -19.90
C GLU C 89 -36.61 -23.64 -21.32
N ILE C 90 -36.02 -22.47 -21.48
CA ILE C 90 -35.54 -22.00 -22.77
C ILE C 90 -34.05 -21.74 -22.69
N PRO C 91 -33.23 -22.79 -22.78
CA PRO C 91 -31.77 -22.59 -22.67
C PRO C 91 -31.20 -21.68 -23.76
N GLY C 92 -30.38 -20.72 -23.35
CA GLY C 92 -29.75 -19.81 -24.29
C GLY C 92 -30.50 -18.52 -24.57
N VAL C 93 -31.68 -18.35 -23.99
CA VAL C 93 -32.47 -17.14 -24.24
C VAL C 93 -32.79 -16.34 -23.00
N SER C 94 -32.18 -15.16 -22.91
CA SER C 94 -32.36 -14.27 -21.77
C SER C 94 -33.78 -13.71 -21.71
N ASN C 95 -34.22 -13.42 -20.49
CA ASN C 95 -35.54 -12.83 -20.26
C ASN C 95 -35.69 -11.48 -20.96
N GLN C 96 -34.60 -10.71 -20.98
CA GLN C 96 -34.63 -9.38 -21.58
C GLN C 96 -35.05 -9.46 -23.04
N PHE C 97 -34.40 -10.33 -23.81
CA PHE C 97 -34.77 -10.45 -25.23
C PHE C 97 -36.20 -10.96 -25.24
N PHE C 98 -36.48 -11.91 -24.36
CA PHE C 98 -37.79 -12.53 -24.25
C PHE C 98 -38.91 -11.54 -23.91
N LEU C 99 -38.76 -10.86 -22.78
CA LEU C 99 -39.76 -9.89 -22.33
C LEU C 99 -40.00 -8.77 -23.33
N GLN C 100 -38.94 -8.23 -23.91
CA GLN C 100 -39.08 -7.14 -24.86
C GLN C 100 -39.91 -7.58 -26.04
N THR C 101 -39.59 -8.78 -26.53
CA THR C 101 -40.28 -9.40 -27.66
C THR C 101 -41.72 -9.66 -27.24
N ALA C 102 -41.89 -10.13 -26.02
CA ALA C 102 -43.24 -10.39 -25.55
C ALA C 102 -43.93 -9.04 -25.50
N LEU C 103 -43.25 -8.04 -24.94
CA LEU C 103 -43.78 -6.69 -24.82
C LEU C 103 -44.11 -5.98 -26.14
N ASN C 104 -43.17 -5.95 -27.08
CA ASN C 104 -43.39 -5.32 -28.39
C ASN C 104 -44.60 -5.94 -29.11
N ALA C 105 -44.68 -7.26 -29.09
CA ALA C 105 -45.74 -8.01 -29.75
C ALA C 105 -47.12 -7.53 -29.29
N VAL C 106 -47.36 -7.50 -27.99
CA VAL C 106 -48.66 -7.08 -27.49
C VAL C 106 -48.83 -5.58 -27.73
N ARG C 107 -47.71 -4.85 -27.78
CA ARG C 107 -47.74 -3.42 -28.07
C ARG C 107 -48.08 -3.16 -29.54
N SER C 108 -47.50 -3.96 -30.44
CA SER C 108 -47.78 -3.86 -31.87
C SER C 108 -49.29 -4.00 -32.08
N TYR C 109 -49.83 -5.14 -31.63
CA TYR C 109 -51.27 -5.39 -31.63
C TYR C 109 -51.83 -4.27 -30.74
N ARG C 110 -53.12 -3.94 -30.87
CA ARG C 110 -53.75 -2.87 -30.07
C ARG C 110 -53.45 -1.52 -30.73
N GLY C 111 -52.64 -1.54 -31.78
CA GLY C 111 -52.31 -0.33 -32.48
C GLY C 111 -51.62 0.73 -31.65
N GLN C 112 -50.61 0.27 -30.91
CA GLN C 112 -49.81 1.15 -30.09
C GLN C 112 -48.35 0.95 -30.50
N GLU C 113 -47.47 1.79 -29.98
CA GLU C 113 -46.06 1.71 -30.34
C GLU C 113 -45.10 1.22 -29.27
N THR C 114 -43.95 0.75 -29.76
CA THR C 114 -42.87 0.22 -28.94
C THR C 114 -42.52 1.18 -27.82
N LEU C 115 -42.52 0.65 -26.60
CA LEU C 115 -42.24 1.44 -25.42
C LEU C 115 -40.86 2.07 -25.53
N ASP C 116 -40.55 2.96 -24.60
CA ASP C 116 -39.23 3.57 -24.59
C ASP C 116 -38.35 2.98 -23.49
N ARG C 117 -37.19 2.52 -23.95
CA ARG C 117 -36.09 2.00 -23.14
C ARG C 117 -36.21 2.10 -21.64
N PHE C 118 -35.90 3.31 -21.20
CA PHE C 118 -35.81 3.76 -19.83
C PHE C 118 -36.98 3.37 -18.93
N ASP C 119 -38.19 3.43 -19.45
CA ASP C 119 -39.35 3.01 -18.67
C ASP C 119 -39.30 1.52 -18.41
N PHE C 120 -39.10 0.74 -19.46
CA PHE C 120 -39.01 -0.71 -19.36
C PHE C 120 -37.99 -1.08 -18.29
N GLN C 121 -36.92 -0.29 -18.25
CA GLN C 121 -35.83 -0.47 -17.30
C GLN C 121 -36.24 -0.03 -15.89
N ASP C 122 -36.91 1.12 -15.82
CA ASP C 122 -37.38 1.66 -14.55
C ASP C 122 -38.46 0.79 -13.93
N LEU C 123 -39.22 0.13 -14.79
CA LEU C 123 -40.33 -0.75 -14.37
C LEU C 123 -39.84 -2.09 -13.82
N MET C 124 -38.92 -2.72 -14.53
CA MET C 124 -38.37 -4.02 -14.13
C MET C 124 -37.77 -3.93 -12.73
N GLU C 125 -36.75 -3.08 -12.59
CA GLU C 125 -36.09 -2.86 -11.31
C GLU C 125 -37.09 -2.80 -10.17
N GLU C 126 -38.10 -1.94 -10.30
CA GLU C 126 -39.13 -1.80 -9.29
C GLU C 126 -39.80 -3.13 -8.97
N LYS C 127 -40.11 -3.88 -10.02
CA LYS C 127 -40.77 -5.20 -9.93
C LYS C 127 -39.85 -6.37 -9.58
N ILE C 128 -38.64 -6.36 -10.12
CA ILE C 128 -37.66 -7.41 -9.86
C ILE C 128 -37.37 -7.54 -8.36
N ALA C 129 -37.44 -6.43 -7.65
CA ALA C 129 -37.21 -6.43 -6.21
C ALA C 129 -38.43 -7.04 -5.53
N LEU C 130 -39.61 -6.59 -5.97
CA LEU C 130 -40.91 -7.03 -5.46
C LEU C 130 -41.15 -8.55 -5.46
N LEU C 131 -40.63 -9.27 -6.44
CA LEU C 131 -40.88 -10.72 -6.50
C LEU C 131 -39.69 -11.59 -6.10
N LYS C 132 -38.74 -10.96 -5.41
CA LYS C 132 -37.54 -11.62 -4.88
C LYS C 132 -36.83 -12.46 -5.97
N MET C 133 -36.63 -11.85 -7.12
CA MET C 133 -35.98 -12.61 -8.15
C MET C 133 -34.49 -12.31 -8.10
N PRO C 134 -33.65 -13.22 -8.62
CA PRO C 134 -32.21 -12.97 -8.61
C PRO C 134 -31.90 -11.65 -9.32
N GLU C 135 -31.06 -10.81 -8.74
CA GLU C 135 -30.76 -9.51 -9.32
C GLU C 135 -30.18 -9.66 -10.72
N ASP C 136 -29.66 -10.85 -11.03
CA ASP C 136 -29.09 -11.13 -12.33
C ASP C 136 -30.09 -11.92 -13.17
N LEU C 137 -31.37 -11.60 -13.00
CA LEU C 137 -32.43 -12.31 -13.72
C LEU C 137 -32.32 -12.04 -15.21
N LEU C 138 -32.24 -10.77 -15.55
CA LEU C 138 -32.16 -10.31 -16.93
C LEU C 138 -31.15 -11.05 -17.81
N THR C 139 -29.99 -11.40 -17.25
CA THR C 139 -28.97 -12.08 -18.05
C THR C 139 -29.07 -13.61 -18.04
N ARG C 140 -29.75 -14.19 -17.06
CA ARG C 140 -29.83 -15.64 -17.06
C ARG C 140 -30.83 -16.11 -18.09
N SER C 141 -30.69 -17.36 -18.51
CA SER C 141 -31.59 -17.95 -19.48
C SER C 141 -32.88 -18.38 -18.80
N VAL C 142 -34.00 -17.97 -19.39
CA VAL C 142 -35.35 -18.24 -18.89
C VAL C 142 -35.53 -19.59 -18.19
N ASN C 143 -35.66 -19.53 -16.87
CA ASN C 143 -35.90 -20.70 -16.02
C ASN C 143 -34.81 -21.77 -15.96
N VAL C 144 -33.69 -21.55 -16.65
CA VAL C 144 -32.59 -22.52 -16.61
C VAL C 144 -31.93 -22.49 -15.23
N GLY C 145 -31.79 -23.65 -14.61
CA GLY C 145 -31.14 -23.70 -13.30
C GLY C 145 -32.04 -23.26 -12.15
N PHE C 146 -33.32 -23.06 -12.46
CA PHE C 146 -34.29 -22.64 -11.46
C PHE C 146 -34.96 -23.82 -10.79
N SER C 147 -35.25 -23.68 -9.51
CA SER C 147 -35.94 -24.71 -8.76
C SER C 147 -37.40 -24.64 -9.18
N GLY C 148 -38.21 -25.58 -8.72
CA GLY C 148 -39.62 -25.57 -9.06
C GLY C 148 -40.23 -24.27 -8.57
N GLY C 149 -39.87 -23.91 -7.35
CA GLY C 149 -40.38 -22.69 -6.77
C GLY C 149 -39.99 -21.41 -7.48
N GLU C 150 -38.78 -21.36 -8.03
CA GLU C 150 -38.32 -20.16 -8.73
C GLU C 150 -38.95 -19.91 -10.09
N LYS C 151 -39.23 -20.97 -10.83
CA LYS C 151 -39.84 -20.84 -12.15
C LYS C 151 -41.29 -20.33 -12.08
N LYS C 152 -42.02 -20.75 -11.06
CA LYS C 152 -43.39 -20.35 -10.86
C LYS C 152 -43.57 -18.84 -10.58
N ARG C 153 -42.75 -18.26 -9.70
CA ARG C 153 -42.85 -16.81 -9.36
C ARG C 153 -42.54 -15.92 -10.55
N ASN C 154 -41.64 -16.38 -11.39
CA ASN C 154 -41.24 -15.66 -12.59
C ASN C 154 -42.32 -15.40 -13.60
N ASP C 155 -43.21 -16.36 -13.86
CA ASP C 155 -44.28 -16.09 -14.82
C ASP C 155 -45.11 -14.89 -14.32
N ILE C 156 -45.29 -14.79 -13.00
CA ILE C 156 -46.05 -13.67 -12.40
C ILE C 156 -45.30 -12.35 -12.56
N LEU C 157 -43.97 -12.37 -12.48
CA LEU C 157 -43.21 -11.15 -12.68
C LEU C 157 -43.52 -10.71 -14.12
N GLN C 158 -43.56 -11.71 -14.99
CA GLN C 158 -43.90 -11.53 -16.40
C GLN C 158 -45.30 -10.94 -16.51
N MET C 159 -46.21 -11.46 -15.71
CA MET C 159 -47.60 -11.02 -15.68
C MET C 159 -47.61 -9.52 -15.44
N ALA C 160 -46.80 -9.10 -14.48
CA ALA C 160 -46.67 -7.71 -14.09
C ALA C 160 -45.97 -6.85 -15.16
N VAL C 161 -45.65 -7.44 -16.31
CA VAL C 161 -44.93 -6.70 -17.37
C VAL C 161 -45.65 -6.68 -18.72
N LEU C 162 -46.31 -7.77 -19.11
CA LEU C 162 -46.96 -7.87 -20.42
C LEU C 162 -48.33 -7.18 -20.44
N GLU C 163 -48.72 -6.63 -19.31
CA GLU C 163 -49.99 -5.92 -19.13
C GLU C 163 -51.20 -6.63 -19.78
N PRO C 164 -51.63 -7.75 -19.16
CA PRO C 164 -52.79 -8.50 -19.62
C PRO C 164 -54.06 -7.93 -19.00
N GLU C 165 -55.23 -8.37 -19.46
CA GLU C 165 -56.49 -7.91 -18.88
C GLU C 165 -57.10 -8.94 -17.92
N LEU C 166 -56.94 -10.22 -18.27
CA LEU C 166 -57.45 -11.32 -17.46
C LEU C 166 -56.36 -12.34 -17.11
N CYS C 167 -56.03 -12.45 -15.83
CA CYS C 167 -54.97 -13.37 -15.42
C CYS C 167 -55.53 -14.66 -14.80
N ILE C 168 -55.14 -15.80 -15.38
CA ILE C 168 -55.59 -17.11 -14.90
C ILE C 168 -54.47 -17.92 -14.26
N LEU C 169 -54.62 -18.31 -13.00
CA LEU C 169 -53.59 -19.14 -12.38
C LEU C 169 -53.96 -20.63 -12.33
N ASP C 170 -53.40 -21.42 -13.22
CA ASP C 170 -53.71 -22.85 -13.24
C ASP C 170 -52.85 -23.70 -12.31
N GLU C 171 -53.21 -23.76 -11.03
CA GLU C 171 -52.44 -24.56 -10.07
C GLU C 171 -50.93 -24.21 -10.06
N SER C 172 -50.61 -22.95 -10.32
CA SER C 172 -49.22 -22.48 -10.37
C SER C 172 -48.62 -22.32 -8.98
N ASP C 173 -49.38 -22.75 -7.98
CA ASP C 173 -48.98 -22.74 -6.58
C ASP C 173 -48.35 -24.03 -6.10
N SER C 174 -48.43 -25.07 -6.92
CA SER C 174 -47.88 -26.39 -6.57
C SER C 174 -46.41 -26.29 -6.20
N GLY C 175 -46.06 -26.93 -5.09
CA GLY C 175 -44.69 -26.97 -4.63
C GLY C 175 -44.21 -25.68 -3.97
N LEU C 176 -45.11 -24.73 -3.78
CA LEU C 176 -44.72 -23.46 -3.18
C LEU C 176 -45.07 -23.42 -1.70
N ASP C 177 -44.19 -22.82 -0.91
CA ASP C 177 -44.38 -22.70 0.53
C ASP C 177 -44.94 -21.33 0.94
N ILE C 178 -45.22 -21.21 2.23
CA ILE C 178 -45.78 -20.00 2.85
C ILE C 178 -45.04 -18.74 2.42
N ASP C 179 -43.71 -18.84 2.40
CA ASP C 179 -42.81 -17.76 2.03
C ASP C 179 -43.05 -17.37 0.57
N ALA C 180 -43.08 -18.37 -0.31
CA ALA C 180 -43.31 -18.14 -1.73
C ALA C 180 -44.72 -17.58 -1.96
N LEU C 181 -45.69 -18.09 -1.21
CA LEU C 181 -47.08 -17.66 -1.33
C LEU C 181 -47.37 -16.16 -1.11
N LYS C 182 -46.74 -15.54 -0.10
CA LYS C 182 -46.98 -14.12 0.19
C LYS C 182 -46.52 -13.13 -0.88
N VAL C 183 -45.37 -13.38 -1.50
CA VAL C 183 -44.84 -12.49 -2.53
C VAL C 183 -45.76 -12.55 -3.75
N VAL C 184 -46.20 -13.76 -4.09
CA VAL C 184 -47.10 -13.97 -5.20
C VAL C 184 -48.36 -13.17 -4.86
N ALA C 185 -48.76 -13.19 -3.61
CA ALA C 185 -49.93 -12.43 -3.22
C ALA C 185 -49.65 -10.95 -3.46
N ASP C 186 -48.48 -10.44 -3.07
CA ASP C 186 -48.15 -9.02 -3.32
C ASP C 186 -48.07 -8.74 -4.83
N GLY C 187 -47.70 -9.74 -5.62
CA GLY C 187 -47.61 -9.48 -7.04
C GLY C 187 -48.94 -9.31 -7.73
N VAL C 188 -49.87 -10.23 -7.50
CA VAL C 188 -51.16 -10.13 -8.16
C VAL C 188 -51.97 -8.92 -7.69
N ASN C 189 -52.09 -8.77 -6.37
CA ASN C 189 -52.83 -7.66 -5.77
C ASN C 189 -52.35 -6.28 -6.19
N SER C 190 -51.04 -6.12 -6.31
CA SER C 190 -50.48 -4.82 -6.71
C SER C 190 -50.92 -4.40 -8.10
N LEU C 191 -51.43 -5.33 -8.89
CA LEU C 191 -51.88 -5.01 -10.23
C LEU C 191 -53.36 -4.64 -10.22
N ARG C 192 -54.00 -4.82 -9.07
CA ARG C 192 -55.41 -4.48 -8.93
C ARG C 192 -55.72 -2.99 -8.86
N ASP C 193 -56.32 -2.47 -9.92
CA ASP C 193 -56.71 -1.07 -10.00
C ASP C 193 -58.21 -1.07 -10.28
N GLY C 194 -58.81 -2.25 -10.19
CA GLY C 194 -60.22 -2.42 -10.46
C GLY C 194 -60.32 -2.63 -11.97
N LYS C 195 -59.18 -2.50 -12.63
CA LYS C 195 -59.09 -2.66 -14.08
C LYS C 195 -59.28 -4.11 -14.47
N ARG C 196 -58.25 -4.88 -14.13
CA ARG C 196 -58.12 -6.32 -14.32
C ARG C 196 -59.08 -7.15 -13.49
N SER C 197 -59.43 -8.32 -14.00
CA SER C 197 -60.26 -9.23 -13.25
C SER C 197 -59.39 -10.47 -13.13
N PHE C 198 -59.67 -11.30 -12.14
CA PHE C 198 -58.86 -12.49 -11.90
C PHE C 198 -59.65 -13.74 -11.60
N ILE C 199 -59.16 -14.84 -12.17
CA ILE C 199 -59.74 -16.16 -11.97
C ILE C 199 -58.66 -17.09 -11.43
N ILE C 200 -58.86 -17.51 -10.19
CA ILE C 200 -57.94 -18.39 -9.47
C ILE C 200 -58.38 -19.84 -9.38
N VAL C 201 -57.74 -20.68 -10.17
CA VAL C 201 -58.00 -22.11 -10.19
C VAL C 201 -57.18 -22.77 -9.09
N THR C 202 -57.86 -23.03 -7.98
CA THR C 202 -57.26 -23.55 -6.76
C THR C 202 -56.78 -25.01 -6.79
N HIS C 203 -55.62 -25.21 -6.15
CA HIS C 203 -55.00 -26.51 -5.92
C HIS C 203 -55.35 -27.03 -4.52
N TYR C 204 -55.30 -26.12 -3.56
CA TYR C 204 -55.60 -26.28 -2.15
C TYR C 204 -56.29 -25.00 -1.71
N GLN C 205 -56.94 -24.98 -0.55
CA GLN C 205 -57.71 -23.80 -0.16
C GLN C 205 -56.67 -22.72 0.11
N ARG C 206 -55.47 -23.17 0.48
CA ARG C 206 -54.31 -22.34 0.78
C ARG C 206 -54.48 -20.85 1.02
N ILE C 207 -54.36 -20.25 -0.17
CA ILE C 207 -54.39 -18.88 -0.69
C ILE C 207 -55.56 -17.93 -0.55
N LEU C 208 -56.78 -18.42 -0.50
CA LEU C 208 -57.90 -17.49 -0.45
C LEU C 208 -57.89 -16.72 0.85
N ASP C 209 -56.99 -17.10 1.76
CA ASP C 209 -56.83 -16.36 2.99
C ASP C 209 -55.90 -15.19 2.64
N TYR C 210 -55.11 -15.32 1.57
CA TYR C 210 -54.18 -14.25 1.22
C TYR C 210 -54.66 -13.48 0.01
N ILE C 211 -55.45 -14.15 -0.83
CA ILE C 211 -56.04 -13.49 -1.98
C ILE C 211 -57.52 -13.81 -1.94
N LYS C 212 -58.25 -13.12 -1.08
CA LYS C 212 -59.68 -13.38 -0.94
C LYS C 212 -60.42 -13.12 -2.25
N PRO C 213 -61.13 -14.14 -2.75
CA PRO C 213 -61.90 -14.08 -3.99
C PRO C 213 -63.25 -13.45 -3.72
N ASP C 214 -63.92 -12.90 -4.73
CA ASP C 214 -65.24 -12.31 -4.48
C ASP C 214 -66.36 -13.31 -4.71
N TYR C 215 -66.19 -14.23 -5.63
CA TYR C 215 -67.24 -15.21 -5.89
C TYR C 215 -66.56 -16.58 -5.89
N VAL C 216 -67.24 -17.60 -5.37
CA VAL C 216 -66.66 -18.94 -5.39
C VAL C 216 -67.64 -19.98 -5.93
N HIS C 217 -67.12 -20.79 -6.85
CA HIS C 217 -67.78 -21.87 -7.59
C HIS C 217 -66.99 -23.14 -7.41
N VAL C 218 -67.64 -24.27 -7.23
CA VAL C 218 -66.88 -25.50 -7.12
C VAL C 218 -67.29 -26.33 -8.33
N LEU C 219 -66.33 -26.80 -9.12
CA LEU C 219 -66.68 -27.61 -10.27
C LEU C 219 -66.66 -29.11 -9.93
N TYR C 220 -67.61 -29.84 -10.51
CA TYR C 220 -67.78 -31.28 -10.40
C TYR C 220 -68.48 -31.78 -11.66
N GLN C 221 -68.17 -33.00 -12.11
CA GLN C 221 -68.74 -33.56 -13.36
C GLN C 221 -68.68 -32.68 -14.60
N GLY C 222 -67.80 -31.68 -14.59
CA GLY C 222 -67.66 -30.77 -15.71
C GLY C 222 -68.78 -29.75 -15.79
N ARG C 223 -69.39 -29.52 -14.63
CA ARG C 223 -70.44 -28.53 -14.50
C ARG C 223 -70.28 -27.84 -13.16
N ILE C 224 -70.75 -26.59 -13.05
CA ILE C 224 -70.68 -25.93 -11.77
C ILE C 224 -71.94 -26.38 -11.05
N VAL C 225 -71.77 -27.05 -9.92
CA VAL C 225 -72.91 -27.57 -9.18
C VAL C 225 -73.14 -26.82 -7.88
N LYS C 226 -72.32 -25.79 -7.66
CA LYS C 226 -72.44 -24.97 -6.47
C LYS C 226 -71.63 -23.69 -6.61
N SER C 227 -72.24 -22.57 -6.25
CA SER C 227 -71.56 -21.28 -6.34
C SER C 227 -71.85 -20.49 -5.08
N GLY C 228 -70.93 -19.63 -4.69
CA GLY C 228 -71.10 -18.83 -3.48
C GLY C 228 -70.00 -17.79 -3.33
N ASP C 229 -69.89 -17.24 -2.12
CA ASP C 229 -68.86 -16.27 -1.82
C ASP C 229 -67.73 -17.00 -1.10
N PHE C 230 -66.79 -16.25 -0.54
CA PHE C 230 -65.64 -16.84 0.14
C PHE C 230 -66.05 -17.86 1.21
N THR C 231 -67.16 -17.58 1.89
CA THR C 231 -67.71 -18.43 2.94
C THR C 231 -68.09 -19.85 2.50
N LEU C 232 -68.28 -20.04 1.20
CA LEU C 232 -68.69 -21.35 0.68
C LEU C 232 -67.69 -22.48 0.92
N VAL C 233 -66.39 -22.19 0.90
CA VAL C 233 -65.39 -23.24 1.11
C VAL C 233 -65.59 -23.92 2.48
N LYS C 234 -65.77 -23.12 3.51
CA LYS C 234 -66.02 -23.60 4.87
C LYS C 234 -67.36 -24.28 5.13
N GLN C 235 -68.42 -23.84 4.46
CA GLN C 235 -69.76 -24.38 4.71
C GLN C 235 -70.08 -25.85 4.42
N LEU C 236 -69.53 -26.45 3.37
CA LEU C 236 -69.89 -27.84 3.08
C LEU C 236 -69.38 -28.78 4.17
N GLU C 237 -68.32 -28.36 4.84
CA GLU C 237 -67.75 -29.12 5.96
C GLU C 237 -68.70 -29.15 7.14
N MET D 1 22.40 -37.25 9.24
CA MET D 1 21.69 -38.29 8.50
C MET D 1 21.56 -37.89 7.03
N LEU D 2 21.46 -36.59 6.80
CA LEU D 2 21.34 -36.05 5.44
C LEU D 2 22.45 -35.08 5.10
N SER D 3 23.13 -35.31 3.98
CA SER D 3 24.20 -34.41 3.55
C SER D 3 24.08 -34.02 2.08
N ILE D 4 23.78 -32.74 1.86
CA ILE D 4 23.66 -32.15 0.54
C ILE D 4 24.87 -31.24 0.35
N LYS D 5 25.64 -31.44 -0.73
CA LYS D 5 26.86 -30.66 -0.92
C LYS D 5 27.03 -29.98 -2.29
N ASP D 6 27.27 -28.67 -2.22
CA ASP D 6 27.53 -27.81 -3.39
C ASP D 6 26.51 -28.08 -4.50
N LEU D 7 25.25 -28.21 -4.13
CA LEU D 7 24.23 -28.54 -5.13
C LEU D 7 23.91 -27.44 -6.14
N HIS D 8 24.06 -27.79 -7.42
CA HIS D 8 23.72 -26.91 -8.52
C HIS D 8 22.67 -27.62 -9.34
N VAL D 9 21.51 -27.01 -9.55
CA VAL D 9 20.47 -27.66 -10.34
C VAL D 9 19.80 -26.66 -11.27
N SER D 10 19.67 -27.05 -12.52
CA SER D 10 18.99 -26.24 -13.52
C SER D 10 17.81 -26.96 -14.14
N VAL D 11 16.76 -26.22 -14.48
CA VAL D 11 15.60 -26.83 -15.09
C VAL D 11 15.33 -25.99 -16.33
N GLU D 12 15.19 -26.65 -17.48
CA GLU D 12 15.04 -25.97 -18.77
C GLU D 12 16.21 -24.99 -18.90
N ASP D 13 17.34 -25.42 -18.35
CA ASP D 13 18.62 -24.69 -18.31
C ASP D 13 18.61 -23.46 -17.39
N LYS D 14 17.53 -23.26 -16.64
CA LYS D 14 17.40 -22.16 -15.68
C LYS D 14 18.40 -22.27 -14.53
N ALA D 15 19.28 -21.28 -14.35
CA ALA D 15 20.19 -21.36 -13.20
C ALA D 15 19.42 -20.89 -11.96
N ILE D 16 19.12 -21.85 -11.07
CA ILE D 16 18.40 -21.59 -9.82
C ILE D 16 19.16 -21.61 -8.47
N LEU D 17 19.74 -22.74 -8.13
CA LEU D 17 20.47 -22.88 -6.86
C LEU D 17 21.97 -22.53 -6.83
N ARG D 18 22.28 -21.66 -5.88
CA ARG D 18 23.60 -21.11 -5.60
C ARG D 18 24.68 -21.97 -4.97
N GLY D 19 24.52 -23.29 -4.81
CA GLY D 19 25.64 -23.98 -4.21
C GLY D 19 25.34 -24.29 -2.75
N LEU D 20 24.11 -24.69 -2.48
CA LEU D 20 23.67 -24.99 -1.12
C LEU D 20 24.20 -26.28 -0.51
N SER D 21 24.65 -26.13 0.74
CA SER D 21 25.20 -27.21 1.56
C SER D 21 24.52 -27.23 2.93
N LEU D 22 24.15 -28.43 3.39
CA LEU D 22 23.46 -28.59 4.68
C LEU D 22 23.69 -29.97 5.30
N ASP D 23 23.81 -29.99 6.62
CA ASP D 23 24.05 -31.22 7.39
C ASP D 23 22.97 -31.37 8.48
N VAL D 24 22.29 -32.52 8.49
CA VAL D 24 21.19 -32.84 9.41
C VAL D 24 21.49 -34.13 10.17
N HIS D 25 21.44 -34.05 11.50
CA HIS D 25 21.77 -35.21 12.30
C HIS D 25 20.49 -35.86 12.82
N PRO D 26 20.51 -37.16 13.19
CA PRO D 26 19.30 -37.83 13.72
C PRO D 26 18.63 -37.15 14.91
N GLY D 27 17.29 -37.15 14.97
CA GLY D 27 16.57 -36.58 16.09
C GLY D 27 16.45 -35.06 16.12
N GLU D 28 16.91 -34.42 15.04
CA GLU D 28 16.86 -32.97 14.97
C GLU D 28 15.78 -32.42 14.04
N VAL D 29 15.27 -31.24 14.40
CA VAL D 29 14.28 -30.53 13.62
C VAL D 29 14.90 -29.23 13.12
N HIS D 30 14.92 -29.10 11.79
CA HIS D 30 15.52 -27.95 11.11
C HIS D 30 14.45 -27.12 10.41
N ALA D 31 14.58 -25.80 10.49
CA ALA D 31 13.62 -24.92 9.82
C ALA D 31 14.28 -24.18 8.65
N ILE D 32 13.58 -24.24 7.52
CA ILE D 32 13.97 -23.59 6.27
C ILE D 32 13.04 -22.48 5.81
N MET D 33 13.62 -21.32 5.53
CA MET D 33 12.85 -20.14 5.13
C MET D 33 13.44 -19.45 3.91
N GLY D 34 12.84 -18.33 3.53
CA GLY D 34 13.28 -17.52 2.41
C GLY D 34 12.16 -17.17 1.45
N PRO D 35 12.47 -16.34 0.44
CA PRO D 35 11.50 -15.93 -0.57
C PRO D 35 11.21 -16.98 -1.64
N ASN D 36 10.08 -16.83 -2.34
CA ASN D 36 9.71 -17.72 -3.42
C ASN D 36 10.67 -17.53 -4.60
N GLY D 37 10.97 -18.60 -5.32
CA GLY D 37 11.86 -18.48 -6.46
C GLY D 37 13.33 -18.69 -6.18
N SER D 38 13.69 -18.92 -4.92
CA SER D 38 15.09 -19.12 -4.59
C SER D 38 15.41 -20.61 -4.49
N GLY D 39 14.43 -21.44 -4.81
CA GLY D 39 14.66 -22.87 -4.86
C GLY D 39 13.89 -23.72 -3.88
N LYS D 40 13.24 -23.10 -2.90
CA LYS D 40 12.51 -23.84 -1.88
C LYS D 40 11.62 -24.93 -2.50
N SER D 41 10.75 -24.57 -3.45
CA SER D 41 9.85 -25.53 -4.05
C SER D 41 10.62 -26.57 -4.86
N THR D 42 11.71 -26.13 -5.47
CA THR D 42 12.57 -27.00 -6.25
C THR D 42 13.32 -28.03 -5.40
N LEU D 43 13.73 -27.61 -4.21
CA LEU D 43 14.47 -28.49 -3.30
C LEU D 43 13.70 -29.73 -2.91
N SER D 44 12.46 -29.56 -2.48
CA SER D 44 11.64 -30.69 -2.09
C SER D 44 11.41 -31.62 -3.28
N ALA D 45 11.08 -31.03 -4.43
CA ALA D 45 10.83 -31.78 -5.66
C ALA D 45 12.07 -32.56 -6.09
N THR D 46 13.24 -31.94 -5.92
CA THR D 46 14.52 -32.55 -6.29
C THR D 46 14.76 -33.72 -5.37
N LEU D 47 14.40 -33.53 -4.11
CA LEU D 47 14.54 -34.53 -3.08
C LEU D 47 13.54 -35.64 -3.38
N ALA D 48 12.35 -35.24 -3.79
CA ALA D 48 11.27 -36.18 -4.10
C ALA D 48 11.53 -37.02 -5.35
N GLY D 49 12.20 -36.48 -6.36
CA GLY D 49 12.48 -37.26 -7.55
C GLY D 49 11.85 -36.92 -8.89
N ARG D 50 11.43 -35.68 -9.10
CA ARG D 50 10.85 -35.28 -10.40
C ARG D 50 11.89 -35.56 -11.49
N GLU D 51 11.51 -36.19 -12.59
CA GLU D 51 12.45 -36.58 -13.70
C GLU D 51 12.89 -35.38 -14.56
N ASP D 52 12.26 -34.22 -14.38
CA ASP D 52 12.53 -33.00 -15.16
C ASP D 52 13.56 -32.06 -14.53
N TYR D 53 14.45 -32.62 -13.71
CA TYR D 53 15.49 -31.84 -13.03
C TYR D 53 16.93 -32.13 -13.53
N GLU D 54 17.46 -31.23 -14.35
CA GLU D 54 18.81 -31.43 -14.86
C GLU D 54 19.80 -31.02 -13.78
N VAL D 55 20.56 -31.97 -13.24
CA VAL D 55 21.55 -31.63 -12.23
C VAL D 55 22.86 -31.17 -12.90
N THR D 56 23.19 -29.90 -12.71
CA THR D 56 24.37 -29.31 -13.33
C THR D 56 25.57 -29.27 -12.40
N GLY D 57 25.38 -29.67 -11.14
CA GLY D 57 26.47 -29.71 -10.20
C GLY D 57 26.12 -30.15 -8.80
N GLY D 58 27.11 -30.66 -8.08
CA GLY D 58 26.95 -31.11 -6.71
C GLY D 58 26.58 -32.55 -6.49
N THR D 59 26.46 -32.93 -5.21
CA THR D 59 26.09 -34.29 -4.84
C THR D 59 25.20 -34.27 -3.59
N VAL D 60 24.43 -35.34 -3.40
CA VAL D 60 23.57 -35.53 -2.24
C VAL D 60 23.69 -36.97 -1.79
N GLU D 61 24.33 -37.19 -0.64
CA GLU D 61 24.53 -38.54 -0.16
C GLU D 61 23.75 -38.82 1.13
N PHE D 62 23.23 -40.04 1.23
CA PHE D 62 22.42 -40.43 2.38
C PHE D 62 22.95 -41.78 2.87
N LYS D 63 23.32 -41.87 4.14
CA LYS D 63 23.87 -43.14 4.68
C LYS D 63 24.95 -43.73 3.78
N GLY D 64 25.80 -42.90 3.20
CA GLY D 64 26.84 -43.40 2.34
C GLY D 64 26.41 -43.81 0.93
N LYS D 65 25.20 -43.45 0.53
CA LYS D 65 24.75 -43.80 -0.82
C LYS D 65 24.52 -42.51 -1.63
N ASP D 66 24.68 -42.57 -2.95
CA ASP D 66 24.42 -41.39 -3.76
C ASP D 66 22.90 -41.31 -3.89
N LEU D 67 22.30 -40.30 -3.28
CA LEU D 67 20.85 -40.20 -3.33
C LEU D 67 20.30 -39.80 -4.70
N LEU D 68 20.97 -38.92 -5.43
CA LEU D 68 20.44 -38.47 -6.71
C LEU D 68 20.29 -39.56 -7.77
N ALA D 69 20.94 -40.70 -7.56
CA ALA D 69 20.86 -41.80 -8.52
C ALA D 69 19.77 -42.80 -8.17
N LEU D 70 19.19 -42.67 -6.98
CA LEU D 70 18.14 -43.59 -6.54
C LEU D 70 16.76 -43.08 -6.93
N SER D 71 15.88 -43.98 -7.33
CA SER D 71 14.50 -43.67 -7.69
C SER D 71 13.59 -43.25 -6.51
N PRO D 72 12.42 -42.62 -6.80
CA PRO D 72 11.38 -42.15 -5.86
C PRO D 72 10.85 -43.23 -4.90
N GLU D 73 10.55 -44.40 -5.46
CA GLU D 73 10.00 -45.55 -4.73
C GLU D 73 10.98 -46.03 -3.67
N ASP D 74 12.26 -45.87 -3.99
CA ASP D 74 13.37 -46.22 -3.14
C ASP D 74 13.51 -45.25 -1.97
N ARG D 75 13.18 -43.98 -2.20
CA ARG D 75 13.29 -42.96 -1.16
C ARG D 75 12.41 -43.15 0.07
N ALA D 76 11.19 -43.63 -0.12
CA ALA D 76 10.31 -43.87 1.03
C ALA D 76 10.78 -45.03 1.89
N GLY D 77 11.25 -46.09 1.25
CA GLY D 77 11.75 -47.25 1.98
C GLY D 77 12.91 -46.90 2.87
N GLU D 78 13.84 -46.11 2.33
CA GLU D 78 15.01 -45.69 3.09
C GLU D 78 14.63 -44.82 4.28
N GLY D 79 13.50 -44.12 4.18
CA GLY D 79 13.02 -43.29 5.27
C GLY D 79 12.70 -41.84 4.93
N ILE D 80 12.69 -41.49 3.65
CA ILE D 80 12.38 -40.11 3.27
C ILE D 80 10.91 -39.88 2.89
N PHE D 81 10.30 -38.86 3.52
CA PHE D 81 8.92 -38.49 3.28
C PHE D 81 8.75 -37.00 2.99
N MET D 82 7.95 -36.68 1.98
CA MET D 82 7.70 -35.28 1.63
C MET D 82 6.23 -34.93 1.71
N ALA D 83 5.89 -33.91 2.49
CA ALA D 83 4.51 -33.44 2.56
C ALA D 83 4.29 -32.49 1.39
N PHE D 84 3.45 -32.88 0.44
CA PHE D 84 3.23 -32.05 -0.74
C PHE D 84 2.55 -30.73 -0.41
N GLN D 85 2.88 -29.68 -1.16
CA GLN D 85 2.23 -28.39 -0.97
C GLN D 85 0.82 -28.44 -1.52
N TYR D 86 0.64 -29.22 -2.58
CA TYR D 86 -0.65 -29.38 -3.21
C TYR D 86 -0.99 -30.84 -3.45
N PRO D 87 -1.48 -31.54 -2.40
CA PRO D 87 -1.82 -32.96 -2.54
C PRO D 87 -2.77 -33.26 -3.72
N VAL D 88 -2.47 -34.33 -4.45
CA VAL D 88 -3.22 -34.71 -5.64
C VAL D 88 -4.43 -35.57 -5.31
N GLU D 89 -5.53 -35.37 -6.05
CA GLU D 89 -6.71 -36.19 -5.85
C GLU D 89 -6.62 -37.40 -6.77
N ILE D 90 -6.86 -38.58 -6.22
CA ILE D 90 -6.82 -39.83 -6.98
C ILE D 90 -8.16 -40.55 -6.93
N PRO D 91 -9.13 -40.11 -7.73
CA PRO D 91 -10.46 -40.70 -7.77
C PRO D 91 -10.46 -42.18 -8.18
N GLY D 92 -11.23 -42.98 -7.45
CA GLY D 92 -11.32 -44.41 -7.70
C GLY D 92 -10.38 -45.30 -6.91
N VAL D 93 -9.51 -44.72 -6.09
CA VAL D 93 -8.60 -45.51 -5.27
C VAL D 93 -8.75 -45.20 -3.79
N SER D 94 -9.29 -46.16 -3.03
CA SER D 94 -9.48 -45.97 -1.60
C SER D 94 -8.15 -45.88 -0.85
N ASN D 95 -8.15 -45.17 0.27
CA ASN D 95 -6.96 -45.02 1.10
C ASN D 95 -6.41 -46.34 1.63
N GLN D 96 -7.31 -47.25 1.99
CA GLN D 96 -6.93 -48.56 2.50
C GLN D 96 -6.10 -49.41 1.54
N PHE D 97 -6.58 -49.56 0.31
CA PHE D 97 -5.86 -50.38 -0.67
C PHE D 97 -4.50 -49.75 -0.93
N PHE D 98 -4.51 -48.41 -1.03
CA PHE D 98 -3.30 -47.64 -1.27
C PHE D 98 -2.24 -47.75 -0.18
N LEU D 99 -2.62 -47.36 1.04
CA LEU D 99 -1.69 -47.38 2.17
C LEU D 99 -1.13 -48.74 2.51
N GLN D 100 -1.96 -49.77 2.51
CA GLN D 100 -1.49 -51.11 2.85
C GLN D 100 -0.39 -51.51 1.87
N THR D 101 -0.64 -51.30 0.58
CA THR D 101 0.34 -51.65 -0.44
C THR D 101 1.59 -50.79 -0.26
N ALA D 102 1.38 -49.50 0.02
CA ALA D 102 2.49 -48.59 0.22
C ALA D 102 3.29 -49.01 1.45
N LEU D 103 2.58 -49.32 2.53
CA LEU D 103 3.20 -49.75 3.76
C LEU D 103 4.02 -51.02 3.54
N ASN D 104 3.40 -52.01 2.89
CA ASN D 104 4.07 -53.27 2.57
C ASN D 104 5.33 -53.02 1.75
N ALA D 105 5.23 -52.16 0.75
CA ALA D 105 6.35 -51.82 -0.13
C ALA D 105 7.57 -51.35 0.67
N VAL D 106 7.39 -50.34 1.52
CA VAL D 106 8.50 -49.82 2.30
C VAL D 106 8.91 -50.84 3.35
N ARG D 107 7.96 -51.69 3.75
CA ARG D 107 8.23 -52.75 4.71
C ARG D 107 9.12 -53.77 4.00
N SER D 108 8.74 -54.08 2.77
CA SER D 108 9.48 -54.99 1.89
C SER D 108 10.93 -54.56 1.68
N TYR D 109 11.08 -53.34 1.16
CA TYR D 109 12.37 -52.70 0.90
C TYR D 109 13.24 -52.54 2.16
N ARG D 110 12.62 -52.63 3.33
CA ARG D 110 13.37 -52.51 4.58
C ARG D 110 13.63 -53.91 5.11
N GLY D 111 13.03 -54.87 4.42
CA GLY D 111 13.15 -56.29 4.71
C GLY D 111 12.74 -56.83 6.05
N GLN D 112 11.61 -56.34 6.54
CA GLN D 112 11.01 -56.79 7.80
C GLN D 112 9.57 -57.07 7.38
N GLU D 113 8.73 -57.52 8.31
CA GLU D 113 7.35 -57.86 7.96
C GLU D 113 6.57 -58.40 9.15
N THR D 114 5.24 -58.34 9.10
CA THR D 114 4.46 -57.31 8.40
C THR D 114 3.21 -57.12 9.24
N LEU D 115 2.49 -56.02 9.08
CA LEU D 115 1.30 -55.86 9.92
C LEU D 115 0.24 -56.89 9.56
N ASP D 116 -0.73 -57.03 10.46
CA ASP D 116 -1.90 -57.86 10.24
C ASP D 116 -3.12 -56.96 10.07
N ARG D 117 -3.82 -57.11 8.95
CA ARG D 117 -5.03 -56.33 8.66
C ARG D 117 -5.79 -56.00 9.97
N PHE D 118 -6.18 -57.03 10.70
CA PHE D 118 -6.92 -56.89 11.97
C PHE D 118 -6.26 -55.87 12.90
N ASP D 119 -4.94 -55.92 12.95
CA ASP D 119 -4.12 -54.98 13.72
C ASP D 119 -4.20 -53.57 13.15
N PHE D 120 -4.02 -53.49 11.83
CA PHE D 120 -4.03 -52.25 11.07
C PHE D 120 -5.21 -51.32 11.29
N GLN D 121 -6.41 -51.85 11.50
CA GLN D 121 -7.55 -50.97 11.70
C GLN D 121 -7.48 -50.34 13.08
N ASP D 122 -7.05 -51.10 14.08
CA ASP D 122 -6.95 -50.55 15.43
C ASP D 122 -5.90 -49.43 15.43
N LEU D 123 -4.94 -49.56 14.53
CA LEU D 123 -3.88 -48.57 14.34
C LEU D 123 -4.39 -47.35 13.60
N MET D 124 -5.12 -47.59 12.51
CA MET D 124 -5.67 -46.51 11.71
C MET D 124 -6.56 -45.60 12.55
N GLU D 125 -7.65 -46.16 13.07
CA GLU D 125 -8.59 -45.43 13.93
C GLU D 125 -7.86 -44.53 14.91
N GLU D 126 -6.91 -45.10 15.64
CA GLU D 126 -6.10 -44.37 16.62
C GLU D 126 -5.43 -43.15 15.97
N LYS D 127 -4.94 -43.32 14.74
CA LYS D 127 -4.27 -42.23 14.02
C LYS D 127 -5.34 -41.32 13.44
N ILE D 128 -6.43 -41.93 12.98
CA ILE D 128 -7.59 -41.23 12.42
C ILE D 128 -8.11 -40.30 13.53
N ALA D 129 -7.94 -40.76 14.77
CA ALA D 129 -8.36 -40.05 15.98
C ALA D 129 -7.40 -38.90 16.27
N LEU D 130 -6.10 -39.13 16.19
CA LEU D 130 -5.12 -38.08 16.47
C LEU D 130 -5.37 -36.82 15.63
N LEU D 131 -5.83 -36.99 14.39
CA LEU D 131 -6.06 -35.82 13.54
C LEU D 131 -7.54 -35.49 13.31
N LYS D 132 -8.42 -36.03 14.15
CA LYS D 132 -9.85 -35.75 14.04
C LYS D 132 -10.30 -35.97 12.58
N MET D 133 -9.94 -37.14 12.05
CA MET D 133 -10.30 -37.43 10.68
C MET D 133 -11.62 -38.17 10.55
N PRO D 134 -12.26 -38.01 9.38
CA PRO D 134 -13.53 -38.69 9.11
C PRO D 134 -13.37 -40.19 9.25
N GLU D 135 -14.29 -40.84 9.96
CA GLU D 135 -14.22 -42.27 10.18
C GLU D 135 -14.27 -43.08 8.87
N ASP D 136 -14.72 -42.43 7.79
CA ASP D 136 -14.80 -43.10 6.51
C ASP D 136 -13.66 -42.79 5.54
N LEU D 137 -12.45 -42.61 6.06
CA LEU D 137 -11.30 -42.29 5.22
C LEU D 137 -11.02 -43.51 4.36
N LEU D 138 -10.90 -44.65 5.03
CA LEU D 138 -10.58 -45.94 4.43
C LEU D 138 -11.45 -46.21 3.20
N THR D 139 -12.71 -45.80 3.28
CA THR D 139 -13.66 -46.04 2.21
C THR D 139 -13.68 -44.88 1.19
N ARG D 140 -13.19 -43.72 1.58
CA ARG D 140 -13.18 -42.59 0.67
C ARG D 140 -12.05 -42.67 -0.34
N SER D 141 -12.20 -41.96 -1.45
CA SER D 141 -11.18 -41.91 -2.50
C SER D 141 -10.13 -40.89 -2.05
N VAL D 142 -8.86 -41.28 -2.09
CA VAL D 142 -7.75 -40.41 -1.68
C VAL D 142 -7.94 -38.91 -1.97
N ASN D 143 -8.22 -38.15 -0.92
CA ASN D 143 -8.35 -36.68 -0.97
C ASN D 143 -9.51 -36.15 -1.82
N VAL D 144 -10.29 -37.04 -2.42
CA VAL D 144 -11.41 -36.61 -3.24
C VAL D 144 -12.50 -35.98 -2.37
N GLY D 145 -12.94 -34.78 -2.75
CA GLY D 145 -13.96 -34.08 -2.01
C GLY D 145 -13.42 -33.40 -0.77
N PHE D 146 -12.09 -33.40 -0.63
CA PHE D 146 -11.44 -32.78 0.51
C PHE D 146 -11.10 -31.33 0.23
N SER D 147 -11.19 -30.49 1.25
CA SER D 147 -10.80 -29.09 1.12
C SER D 147 -9.29 -29.07 1.16
N GLY D 148 -8.70 -27.91 0.93
CA GLY D 148 -7.26 -27.78 0.98
C GLY D 148 -6.74 -28.15 2.36
N GLY D 149 -7.42 -27.64 3.38
CA GLY D 149 -7.01 -27.93 4.74
C GLY D 149 -7.10 -29.41 5.05
N GLU D 150 -8.11 -30.06 4.48
CA GLU D 150 -8.31 -31.49 4.69
C GLU D 150 -7.30 -32.34 3.92
N LYS D 151 -6.92 -31.88 2.73
CA LYS D 151 -5.94 -32.59 1.92
C LYS D 151 -4.56 -32.55 2.55
N LYS D 152 -4.23 -31.39 3.13
CA LYS D 152 -2.96 -31.15 3.80
C LYS D 152 -2.82 -31.98 5.07
N ARG D 153 -3.91 -31.96 5.84
CA ARG D 153 -4.03 -32.69 7.10
C ARG D 153 -3.97 -34.20 6.80
N ASN D 154 -4.46 -34.63 5.63
CA ASN D 154 -4.44 -36.05 5.24
C ASN D 154 -3.01 -36.55 5.15
N ASP D 155 -2.14 -35.72 4.59
CA ASP D 155 -0.73 -36.04 4.45
C ASP D 155 -0.06 -36.31 5.81
N ILE D 156 -0.46 -35.59 6.85
CA ILE D 156 0.13 -35.82 8.17
C ILE D 156 -0.31 -37.19 8.72
N LEU D 157 -1.55 -37.58 8.48
CA LEU D 157 -2.05 -38.89 8.90
C LEU D 157 -1.22 -39.95 8.19
N GLN D 158 -0.94 -39.65 6.93
CA GLN D 158 -0.15 -40.49 6.06
C GLN D 158 1.25 -40.71 6.65
N MET D 159 1.84 -39.63 7.16
CA MET D 159 3.17 -39.67 7.76
C MET D 159 3.33 -40.67 8.90
N ALA D 160 2.35 -40.69 9.80
CA ALA D 160 2.40 -41.57 10.97
C ALA D 160 2.25 -43.05 10.61
N VAL D 161 1.58 -43.32 9.49
CA VAL D 161 1.35 -44.69 9.05
C VAL D 161 2.52 -45.28 8.26
N LEU D 162 3.15 -44.48 7.41
CA LEU D 162 4.23 -44.98 6.57
C LEU D 162 5.54 -45.02 7.32
N GLU D 163 5.50 -44.46 8.54
CA GLU D 163 6.62 -44.34 9.47
C GLU D 163 7.98 -44.06 8.79
N PRO D 164 8.17 -42.81 8.33
CA PRO D 164 9.45 -42.50 7.71
C PRO D 164 10.46 -42.15 8.79
N GLU D 165 11.72 -41.97 8.42
CA GLU D 165 12.77 -41.62 9.37
C GLU D 165 13.03 -40.12 9.30
N LEU D 166 12.92 -39.57 8.10
CA LEU D 166 13.14 -38.15 7.85
C LEU D 166 11.91 -37.53 7.18
N CYS D 167 11.24 -36.63 7.89
CA CYS D 167 10.03 -36.01 7.37
C CYS D 167 10.29 -34.59 6.86
N ILE D 168 9.95 -34.36 5.59
CA ILE D 168 10.14 -33.06 4.95
C ILE D 168 8.81 -32.39 4.65
N LEU D 169 8.61 -31.18 5.19
CA LEU D 169 7.39 -30.42 4.91
C LEU D 169 7.58 -29.33 3.87
N ASP D 170 7.09 -29.62 2.66
CA ASP D 170 7.19 -28.74 1.50
C ASP D 170 6.07 -27.70 1.36
N GLU D 171 6.20 -26.56 2.03
CA GLU D 171 5.17 -25.52 1.95
C GLU D 171 3.77 -26.00 2.32
N SER D 172 3.68 -26.96 3.23
CA SER D 172 2.37 -27.49 3.61
C SER D 172 1.57 -26.59 4.55
N ASP D 173 2.08 -25.40 4.84
CA ASP D 173 1.31 -24.50 5.70
C ASP D 173 0.44 -23.49 4.94
N SER D 174 0.65 -23.37 3.64
CA SER D 174 -0.11 -22.42 2.82
C SER D 174 -1.62 -22.63 2.90
N GLY D 175 -2.36 -21.55 3.10
CA GLY D 175 -3.81 -21.62 3.14
C GLY D 175 -4.42 -22.18 4.42
N LEU D 176 -3.61 -22.44 5.44
CA LEU D 176 -4.17 -23.01 6.67
C LEU D 176 -4.40 -21.98 7.77
N ASP D 177 -4.93 -22.46 8.89
CA ASP D 177 -5.20 -21.62 10.04
C ASP D 177 -4.75 -22.30 11.34
N ILE D 178 -4.85 -21.58 12.45
CA ILE D 178 -4.44 -22.03 13.78
C ILE D 178 -4.98 -23.41 14.18
N ASP D 179 -6.25 -23.65 13.91
CA ASP D 179 -6.92 -24.90 14.31
C ASP D 179 -6.30 -26.09 13.59
N ALA D 180 -6.16 -25.99 12.27
CA ALA D 180 -5.55 -27.04 11.46
C ALA D 180 -4.09 -27.14 11.85
N LEU D 181 -3.47 -25.99 12.12
CA LEU D 181 -2.09 -25.92 12.55
C LEU D 181 -1.92 -26.74 13.84
N LYS D 182 -2.92 -26.68 14.70
CA LYS D 182 -2.89 -27.40 15.97
C LYS D 182 -2.90 -28.92 15.78
N VAL D 183 -3.68 -29.43 14.83
CA VAL D 183 -3.74 -30.88 14.59
C VAL D 183 -2.45 -31.45 13.98
N VAL D 184 -1.87 -30.77 12.99
CA VAL D 184 -0.63 -31.24 12.36
C VAL D 184 0.50 -31.33 13.38
N ALA D 185 0.57 -30.35 14.28
CA ALA D 185 1.61 -30.31 15.28
C ALA D 185 1.57 -31.52 16.21
N ASP D 186 0.37 -31.92 16.65
CA ASP D 186 0.25 -33.07 17.54
C ASP D 186 0.74 -34.34 16.84
N GLY D 187 0.59 -34.38 15.53
CA GLY D 187 1.02 -35.53 14.74
C GLY D 187 2.52 -35.59 14.56
N VAL D 188 3.10 -34.46 14.17
CA VAL D 188 4.54 -34.38 13.95
C VAL D 188 5.33 -34.57 15.23
N ASN D 189 4.95 -33.81 16.27
CA ASN D 189 5.63 -33.91 17.55
C ASN D 189 5.59 -35.34 18.09
N SER D 190 4.45 -36.01 17.89
CA SER D 190 4.26 -37.38 18.36
C SER D 190 5.23 -38.36 17.71
N LEU D 191 5.85 -37.97 16.60
CA LEU D 191 6.77 -38.87 15.91
C LEU D 191 8.18 -38.65 16.46
N ARG D 192 8.34 -37.65 17.32
CA ARG D 192 9.62 -37.33 17.94
C ARG D 192 10.01 -38.33 19.02
N ASP D 193 11.02 -39.14 18.73
CA ASP D 193 11.48 -40.15 19.68
C ASP D 193 12.95 -39.90 19.98
N GLY D 194 13.45 -38.78 19.50
CA GLY D 194 14.84 -38.39 19.68
C GLY D 194 15.74 -38.98 18.62
N LYS D 195 15.16 -39.81 17.77
CA LYS D 195 15.90 -40.45 16.68
C LYS D 195 15.39 -39.97 15.33
N ARG D 196 14.06 -39.94 15.21
CA ARG D 196 13.41 -39.50 14.00
C ARG D 196 13.70 -38.01 13.77
N SER D 197 13.76 -37.60 12.51
CA SER D 197 13.99 -36.20 12.15
C SER D 197 12.95 -35.53 11.26
N PHE D 198 12.92 -34.20 11.29
CA PHE D 198 11.96 -33.43 10.50
C PHE D 198 12.62 -32.22 9.84
N ILE D 199 12.23 -31.97 8.59
CA ILE D 199 12.70 -30.82 7.82
C ILE D 199 11.50 -30.01 7.37
N ILE D 200 11.37 -28.79 7.88
CA ILE D 200 10.24 -27.94 7.51
C ILE D 200 10.55 -26.83 6.51
N VAL D 201 10.16 -27.04 5.26
CA VAL D 201 10.35 -26.01 4.25
C VAL D 201 9.12 -25.13 4.36
N THR D 202 9.29 -24.03 5.07
CA THR D 202 8.21 -23.09 5.36
C THR D 202 7.72 -22.27 4.18
N HIS D 203 6.42 -22.01 4.17
CA HIS D 203 5.84 -21.13 3.17
C HIS D 203 5.93 -19.81 3.92
N TYR D 204 5.55 -19.88 5.21
CA TYR D 204 5.69 -18.74 6.11
C TYR D 204 6.03 -19.25 7.54
N GLN D 205 6.52 -18.34 8.38
CA GLN D 205 6.98 -18.64 9.74
C GLN D 205 6.05 -18.93 10.94
N ARG D 206 4.81 -18.46 10.95
CA ARG D 206 3.90 -18.66 12.09
C ARG D 206 3.83 -20.09 12.68
N ILE D 207 4.06 -21.08 11.83
CA ILE D 207 4.04 -22.52 12.13
C ILE D 207 4.97 -23.05 13.24
N LEU D 208 6.12 -22.38 13.39
CA LEU D 208 7.17 -22.74 14.34
C LEU D 208 6.87 -22.59 15.85
N ASP D 209 5.71 -22.05 16.20
CA ASP D 209 5.34 -21.89 17.61
C ASP D 209 4.83 -23.18 18.28
N TYR D 210 4.35 -24.14 17.49
CA TYR D 210 3.83 -25.40 18.04
C TYR D 210 4.81 -26.55 17.79
N ILE D 211 5.66 -26.40 16.79
CA ILE D 211 6.67 -27.40 16.48
C ILE D 211 8.00 -26.68 16.47
N LYS D 212 8.54 -26.46 17.67
CA LYS D 212 9.78 -25.73 17.86
C LYS D 212 10.95 -26.39 17.12
N PRO D 213 11.58 -25.64 16.21
CA PRO D 213 12.74 -26.17 15.47
C PRO D 213 13.99 -26.03 16.32
N ASP D 214 15.01 -26.85 16.07
CA ASP D 214 16.24 -26.69 16.83
C ASP D 214 17.21 -25.82 16.05
N TYR D 215 17.13 -25.88 14.73
CA TYR D 215 18.00 -25.11 13.86
C TYR D 215 17.23 -24.36 12.77
N VAL D 216 17.70 -23.16 12.43
CA VAL D 216 17.06 -22.35 11.40
C VAL D 216 18.10 -21.88 10.38
N HIS D 217 17.77 -22.04 9.10
CA HIS D 217 18.69 -21.66 8.02
C HIS D 217 18.00 -20.73 7.04
N VAL D 218 18.71 -19.73 6.54
CA VAL D 218 18.11 -18.80 5.60
C VAL D 218 18.70 -18.82 4.19
N LEU D 219 17.80 -18.99 3.23
CA LEU D 219 18.11 -18.99 1.79
C LEU D 219 17.95 -17.63 1.14
N TYR D 220 18.80 -17.35 0.16
CA TYR D 220 18.73 -16.12 -0.59
C TYR D 220 19.30 -16.55 -1.94
N GLN D 221 18.45 -16.54 -2.98
CA GLN D 221 18.85 -16.99 -4.32
C GLN D 221 19.62 -18.31 -4.29
N GLY D 222 19.03 -19.29 -3.61
CA GLY D 222 19.57 -20.64 -3.49
C GLY D 222 20.78 -20.99 -2.65
N ARG D 223 21.13 -20.17 -1.67
CA ARG D 223 22.27 -20.49 -0.79
C ARG D 223 21.99 -20.08 0.65
N ILE D 224 22.57 -20.79 1.60
CA ILE D 224 22.43 -20.39 2.99
C ILE D 224 23.58 -19.43 3.24
N VAL D 225 23.28 -18.19 3.58
CA VAL D 225 24.37 -17.25 3.80
C VAL D 225 24.42 -16.90 5.28
N LYS D 226 23.54 -17.53 6.06
CA LYS D 226 23.43 -17.31 7.51
C LYS D 226 22.62 -18.45 8.13
N SER D 227 23.08 -18.98 9.25
CA SER D 227 22.41 -20.08 9.94
C SER D 227 22.35 -19.80 11.44
N GLY D 228 21.34 -20.34 12.11
CA GLY D 228 21.20 -20.12 13.54
C GLY D 228 20.11 -20.96 14.20
N ASP D 229 19.74 -20.58 15.42
CA ASP D 229 18.70 -21.30 16.15
C ASP D 229 17.31 -20.66 16.09
N PHE D 230 16.42 -21.17 16.92
CA PHE D 230 15.03 -20.74 16.98
C PHE D 230 14.80 -19.24 17.14
N THR D 231 15.62 -18.60 17.96
CA THR D 231 15.53 -17.15 18.15
C THR D 231 15.83 -16.34 16.90
N LEU D 232 14.80 -15.93 16.17
CA LEU D 232 15.03 -15.09 15.00
C LEU D 232 13.93 -14.05 14.79
N VAL D 233 14.32 -12.95 14.16
CA VAL D 233 13.48 -11.75 14.07
C VAL D 233 13.43 -11.24 12.63
N LYS D 234 12.46 -10.39 12.33
CA LYS D 234 12.33 -9.82 11.00
C LYS D 234 12.66 -8.34 11.14
N GLN D 235 13.51 -7.83 10.25
CA GLN D 235 13.93 -6.42 10.24
C GLN D 235 14.06 -5.81 11.63
N ILE E 38 16.08 37.86 -24.70
CA ILE E 38 17.16 38.63 -24.10
C ILE E 38 18.48 38.38 -24.85
N ASN E 39 19.14 39.45 -25.26
CA ASN E 39 20.44 39.37 -25.91
C ASN E 39 21.14 40.72 -25.91
N GLU E 40 22.35 40.77 -26.45
CA GLU E 40 23.10 42.03 -26.44
C GLU E 40 22.40 43.16 -27.19
N GLU E 41 21.62 42.83 -28.22
CA GLU E 41 20.94 43.88 -28.98
C GLU E 41 19.93 44.64 -28.14
N VAL E 42 19.13 43.92 -27.35
CA VAL E 42 18.13 44.56 -26.50
C VAL E 42 18.84 45.47 -25.47
N VAL E 43 19.81 44.90 -24.74
CA VAL E 43 20.63 45.63 -23.76
C VAL E 43 21.15 46.95 -24.32
N ARG E 44 21.71 46.88 -25.53
CA ARG E 44 22.23 48.05 -26.21
C ARG E 44 21.09 49.01 -26.53
N ALA E 45 19.88 48.47 -26.73
CA ALA E 45 18.71 49.30 -27.02
C ALA E 45 18.06 49.84 -25.73
N ILE E 46 18.18 49.12 -24.61
CA ILE E 46 17.71 49.65 -23.32
C ILE E 46 18.54 50.86 -22.90
N SER E 47 19.87 50.71 -22.89
CA SER E 47 20.71 51.89 -22.96
C SER E 47 20.38 52.60 -24.27
N ALA E 48 20.48 53.92 -24.25
CA ALA E 48 20.34 54.82 -25.41
C ALA E 48 18.87 55.24 -25.47
N LYS E 49 18.04 54.53 -24.69
CA LYS E 49 16.70 54.98 -24.30
C LYS E 49 16.67 56.48 -24.22
N ARG E 50 17.25 56.87 -23.10
CA ARG E 50 17.77 58.16 -22.75
C ARG E 50 19.24 57.96 -23.08
N ASN E 51 19.75 58.74 -24.04
CA ASN E 51 21.13 58.62 -24.47
C ASN E 51 22.08 58.80 -23.29
N GLU E 52 22.83 57.72 -23.07
CA GLU E 52 23.76 57.59 -21.96
C GLU E 52 25.20 57.44 -22.44
N PRO E 53 26.14 57.97 -21.65
CA PRO E 53 27.60 57.81 -21.75
C PRO E 53 28.07 56.37 -21.75
N GLU E 54 29.33 56.20 -22.17
CA GLU E 54 29.97 54.90 -22.33
C GLU E 54 30.12 54.13 -21.02
N TRP E 55 30.60 54.79 -19.96
CA TRP E 55 30.86 54.07 -18.72
C TRP E 55 29.59 53.40 -18.21
N MET E 56 28.44 54.06 -18.39
CA MET E 56 27.17 53.42 -18.04
C MET E 56 26.96 52.16 -18.88
N LEU E 57 27.30 52.27 -20.15
CA LEU E 57 27.15 51.17 -21.10
C LEU E 57 28.01 49.98 -20.74
N GLU E 58 29.29 50.23 -20.48
CA GLU E 58 30.17 49.15 -20.12
C GLU E 58 29.74 48.53 -18.80
N PHE E 59 29.39 49.35 -17.81
CA PHE E 59 28.89 48.83 -16.53
C PHE E 59 27.79 47.78 -16.62
N ARG E 60 26.76 48.11 -17.38
CA ARG E 60 25.68 47.18 -17.71
C ARG E 60 26.20 45.96 -18.47
N LEU E 61 27.17 46.13 -19.37
CA LEU E 61 27.57 45.03 -20.24
C LEU E 61 28.28 43.99 -19.39
N ASN E 62 29.44 44.38 -18.84
CA ASN E 62 29.93 43.88 -17.55
C ASN E 62 28.92 43.05 -16.75
N ALA E 63 27.86 43.71 -16.26
CA ALA E 63 26.81 43.02 -15.54
C ALA E 63 26.28 41.84 -16.36
N TYR E 64 25.68 42.13 -17.53
CA TYR E 64 25.14 41.10 -18.41
C TYR E 64 26.19 40.01 -18.63
N ARG E 65 27.42 40.45 -18.89
CA ARG E 65 28.56 39.55 -19.11
C ARG E 65 28.83 38.77 -17.85
N ALA E 66 28.81 39.46 -16.71
CA ALA E 66 28.97 38.77 -15.45
C ALA E 66 27.83 37.79 -15.16
N TRP E 67 26.60 38.10 -15.56
CA TRP E 67 25.45 37.21 -15.32
C TRP E 67 25.38 35.85 -16.02
N LEU E 68 25.93 35.75 -17.22
CA LEU E 68 25.97 34.48 -17.94
C LEU E 68 26.93 33.41 -17.42
N GLU E 69 28.11 33.80 -16.93
CA GLU E 69 29.07 32.81 -16.44
C GLU E 69 28.80 32.22 -15.07
N MET E 70 27.61 32.52 -14.55
CA MET E 70 27.18 32.09 -13.23
C MET E 70 26.05 31.12 -13.50
N GLU E 71 25.89 30.10 -12.69
CA GLU E 71 24.76 29.19 -12.90
C GLU E 71 23.39 29.71 -12.48
N GLU E 72 22.39 28.91 -12.83
CA GLU E 72 20.99 29.10 -12.47
C GLU E 72 20.50 28.19 -11.36
N PRO E 73 19.74 28.76 -10.40
CA PRO E 73 19.35 28.03 -9.20
C PRO E 73 18.04 27.23 -9.35
N HIS E 74 17.65 26.60 -8.25
CA HIS E 74 16.46 25.76 -8.12
C HIS E 74 15.07 26.26 -8.56
N TRP E 75 14.47 25.61 -9.57
CA TRP E 75 13.31 26.15 -10.28
C TRP E 75 12.04 25.46 -9.76
N LYS E 158 9.74 69.01 -4.20
CA LYS E 158 9.28 70.02 -3.26
C LYS E 158 10.36 71.05 -2.94
N LEU E 159 10.81 71.07 -1.70
CA LEU E 159 11.71 72.09 -1.17
C LEU E 159 13.00 72.30 -1.97
N ALA E 160 13.24 73.56 -2.34
CA ALA E 160 14.47 74.01 -2.97
C ALA E 160 15.64 73.94 -2.00
N GLU E 161 16.55 73.01 -2.26
CA GLU E 161 17.54 72.55 -1.29
C GLU E 161 18.64 73.63 -1.14
N GLN E 162 19.57 73.64 -0.15
CA GLN E 162 20.06 72.61 0.82
C GLN E 162 20.69 71.37 0.17
N GLY E 163 21.06 71.53 -1.10
CA GLY E 163 21.64 70.49 -1.93
C GLY E 163 21.11 69.09 -2.13
N ILE E 164 20.21 68.60 -1.26
CA ILE E 164 19.79 67.20 -1.30
C ILE E 164 19.27 66.93 -2.72
N ILE E 165 19.34 65.69 -3.19
CA ILE E 165 18.82 65.36 -4.52
C ILE E 165 17.80 64.26 -4.51
N PHE E 166 16.69 64.58 -5.18
CA PHE E 166 15.50 63.75 -5.29
C PHE E 166 14.90 63.69 -6.70
N CYS E 167 15.55 62.94 -7.59
CA CYS E 167 15.10 62.87 -8.97
C CYS E 167 14.93 61.40 -9.32
N SER E 168 14.40 61.09 -10.50
CA SER E 168 14.30 59.70 -10.94
C SER E 168 15.67 59.03 -11.03
N PHE E 169 15.72 57.74 -11.32
CA PHE E 169 17.01 57.10 -11.50
C PHE E 169 17.63 57.55 -12.80
N GLY E 170 16.87 57.42 -13.90
CA GLY E 170 17.33 57.85 -15.20
C GLY E 170 17.77 59.29 -15.22
N GLU E 171 16.86 60.18 -14.83
CA GLU E 171 17.14 61.61 -14.81
C GLU E 171 18.36 61.95 -13.95
N ALA E 172 18.62 61.15 -12.92
CA ALA E 172 19.81 61.29 -12.08
C ALA E 172 21.09 60.96 -12.85
N ILE E 173 20.99 59.92 -13.67
CA ILE E 173 22.11 59.35 -14.38
C ILE E 173 22.72 60.42 -15.30
N HIS E 174 21.87 61.22 -15.92
CA HIS E 174 22.36 62.32 -16.72
C HIS E 174 21.92 63.75 -16.32
N ASP E 175 21.27 63.91 -15.17
CA ASP E 175 21.35 65.21 -14.47
C ASP E 175 22.73 65.41 -13.85
N HIS E 176 23.14 64.45 -13.02
CA HIS E 176 24.48 64.44 -12.42
C HIS E 176 25.25 63.14 -12.66
N PRO E 177 25.74 62.94 -13.89
CA PRO E 177 26.48 61.72 -14.28
C PRO E 177 27.70 61.39 -13.42
N GLU E 178 28.57 62.38 -13.19
CA GLU E 178 29.88 62.13 -12.59
C GLU E 178 29.80 61.64 -11.14
N LEU E 179 28.87 62.19 -10.39
CA LEU E 179 28.64 61.79 -9.00
C LEU E 179 28.24 60.31 -8.89
N VAL E 180 27.31 59.89 -9.73
CA VAL E 180 26.82 58.52 -9.76
C VAL E 180 27.89 57.47 -10.02
N ARG E 181 28.67 57.64 -11.09
CA ARG E 181 29.74 56.70 -11.43
C ARG E 181 30.66 56.40 -10.26
N LYS E 182 30.90 57.43 -9.42
CA LYS E 182 31.79 57.28 -8.28
C LYS E 182 31.30 56.30 -7.20
N TYR E 183 29.99 56.05 -7.14
CA TYR E 183 29.44 55.27 -6.03
C TYR E 183 28.75 54.00 -6.50
N LEU E 184 28.27 54.01 -7.73
CA LEU E 184 27.58 52.87 -8.31
C LEU E 184 28.52 51.66 -8.39
N GLY E 185 28.10 50.55 -7.79
CA GLY E 185 28.86 49.32 -7.85
C GLY E 185 30.01 49.28 -6.86
N THR E 186 30.23 50.40 -6.16
CA THR E 186 31.29 50.50 -5.17
C THR E 186 30.99 49.61 -3.97
N VAL E 187 29.71 49.48 -3.67
CA VAL E 187 29.28 48.69 -2.53
C VAL E 187 28.72 47.36 -2.97
N VAL E 188 27.83 47.41 -3.95
CA VAL E 188 27.34 46.20 -4.57
C VAL E 188 27.72 46.19 -6.04
N PRO E 189 28.74 45.38 -6.37
CA PRO E 189 29.30 45.23 -7.72
C PRO E 189 28.32 44.60 -8.68
N GLY E 190 28.77 44.45 -9.92
CA GLY E 190 28.04 43.80 -11.00
C GLY E 190 28.33 42.33 -10.83
N ASN E 191 29.47 42.03 -10.25
CA ASN E 191 29.81 40.63 -10.04
C ASN E 191 29.50 40.30 -8.59
N ASP E 192 28.47 40.90 -8.03
CA ASP E 192 28.32 40.64 -6.60
C ASP E 192 27.41 39.44 -6.45
N ASN E 193 26.48 39.27 -7.39
CA ASN E 193 25.41 38.30 -7.28
C ASN E 193 24.80 38.14 -8.66
N PHE E 194 24.31 36.94 -8.94
CA PHE E 194 23.64 36.62 -10.20
C PHE E 194 22.53 37.67 -10.54
N PHE E 195 21.51 37.87 -9.70
CA PHE E 195 20.46 38.84 -10.09
C PHE E 195 20.90 40.29 -9.92
N ALA E 196 21.89 40.53 -9.06
CA ALA E 196 22.42 41.88 -8.93
C ALA E 196 23.15 42.20 -10.22
N ALA E 197 23.64 41.15 -10.87
CA ALA E 197 24.29 41.29 -12.16
C ALA E 197 23.20 41.59 -13.18
N LEU E 198 22.13 40.79 -13.14
CA LEU E 198 20.99 40.98 -14.03
C LEU E 198 20.38 42.35 -13.82
N ASN E 199 20.14 42.73 -12.57
CA ASN E 199 19.55 44.03 -12.28
C ASN E 199 20.42 45.12 -12.88
N ALA E 200 21.72 45.07 -12.59
CA ALA E 200 22.68 46.07 -13.05
C ALA E 200 22.72 46.13 -14.57
N ALA E 201 22.14 45.13 -15.21
CA ALA E 201 22.18 45.00 -16.65
C ALA E 201 20.89 45.51 -17.30
N VAL E 202 19.74 45.30 -16.66
CA VAL E 202 18.47 45.69 -17.29
C VAL E 202 17.60 46.67 -16.48
N ALA E 203 18.05 47.06 -15.29
CA ALA E 203 17.30 48.02 -14.47
C ALA E 203 17.32 49.42 -15.08
N SER E 204 16.15 50.02 -15.26
CA SER E 204 16.08 51.40 -15.74
C SER E 204 15.34 52.31 -14.76
N ASP E 205 14.39 51.74 -14.03
CA ASP E 205 13.67 52.48 -12.99
C ASP E 205 14.44 52.50 -11.67
N GLY E 206 13.96 53.33 -10.74
CA GLY E 206 14.59 53.47 -9.44
C GLY E 206 14.60 54.88 -8.91
N THR E 207 15.41 55.12 -7.89
CA THR E 207 15.46 56.41 -7.21
C THR E 207 16.88 56.74 -6.79
N PHE E 208 17.30 57.99 -6.99
CA PHE E 208 18.62 58.40 -6.54
C PHE E 208 18.47 59.47 -5.46
N ILE E 209 19.29 59.36 -4.43
CA ILE E 209 19.31 60.34 -3.34
C ILE E 209 20.74 60.65 -2.92
N TYR E 210 21.06 61.94 -2.86
CA TYR E 210 22.32 62.40 -2.32
C TYR E 210 22.04 63.44 -1.24
N VAL E 211 22.72 63.31 -0.10
CA VAL E 211 22.60 64.31 0.96
C VAL E 211 23.93 64.97 1.34
N PRO E 212 24.00 66.31 1.19
CA PRO E 212 25.17 67.18 1.35
C PRO E 212 25.69 67.33 2.79
N LYS E 213 26.95 67.73 2.90
CA LYS E 213 27.64 68.04 4.15
C LYS E 213 26.81 68.90 5.11
N GLY E 214 26.65 68.47 6.36
CA GLY E 214 26.00 69.33 7.32
C GLY E 214 24.48 69.39 7.28
N VAL E 215 23.89 68.62 6.38
CA VAL E 215 22.43 68.62 6.21
C VAL E 215 21.69 67.63 7.10
N ARG E 216 20.89 68.19 8.01
CA ARG E 216 19.91 67.45 8.79
C ARG E 216 18.67 67.48 7.92
N CYS E 217 18.24 66.31 7.46
CA CYS E 217 17.16 66.23 6.50
C CYS E 217 15.81 66.80 6.91
N PRO E 218 15.22 67.61 6.02
CA PRO E 218 13.97 68.38 6.08
C PRO E 218 12.66 67.59 6.19
N MET E 219 12.54 66.50 5.44
CA MET E 219 11.28 65.74 5.44
C MET E 219 11.45 64.26 5.20
N GLU E 220 10.36 63.51 5.40
CA GLU E 220 10.42 62.07 5.20
C GLU E 220 10.58 61.89 3.70
N LEU E 221 11.61 61.22 3.22
CA LEU E 221 11.57 60.88 1.81
C LEU E 221 10.61 59.71 1.61
N SER E 222 9.55 59.96 0.85
CA SER E 222 8.57 58.94 0.56
C SER E 222 8.46 58.64 -0.93
N THR E 223 8.39 57.35 -1.23
CA THR E 223 8.14 56.83 -2.57
C THR E 223 6.76 56.21 -2.67
N TYR E 224 6.15 55.92 -1.53
CA TYR E 224 4.86 55.23 -1.43
C TYR E 224 3.69 55.79 -2.22
N PHE E 225 3.08 54.88 -2.99
CA PHE E 225 1.84 55.17 -3.69
C PHE E 225 0.94 54.06 -3.23
N ARG E 226 -0.29 54.41 -2.88
CA ARG E 226 -1.31 53.39 -2.72
C ARG E 226 -1.93 53.16 -4.08
N ILE E 227 -1.57 52.08 -4.75
CA ILE E 227 -2.15 51.79 -6.06
C ILE E 227 -3.29 50.81 -5.94
N ASN E 228 -4.07 50.67 -7.00
CA ASN E 228 -5.11 49.65 -7.03
C ASN E 228 -4.86 48.86 -8.31
N ALA E 229 -4.49 49.62 -9.34
CA ALA E 229 -4.14 49.08 -10.64
C ALA E 229 -3.01 48.05 -10.63
N GLU E 230 -3.15 46.94 -11.34
CA GLU E 230 -2.07 45.91 -11.45
C GLU E 230 -0.73 46.54 -11.70
N LYS E 231 0.33 45.87 -11.27
CA LYS E 231 1.61 46.49 -11.03
C LYS E 231 2.28 46.12 -12.36
N THR E 232 2.70 47.14 -13.11
CA THR E 232 3.97 47.16 -13.84
C THR E 232 5.32 47.71 -13.36
N GLY E 233 6.26 46.78 -13.27
CA GLY E 233 7.69 47.01 -13.41
C GLY E 233 8.36 45.84 -12.74
N GLN E 234 9.67 45.72 -12.90
CA GLN E 234 10.26 44.48 -12.45
C GLN E 234 11.53 44.73 -11.66
N PHE E 235 12.21 45.81 -12.03
CA PHE E 235 13.51 46.19 -11.48
C PHE E 235 13.61 47.62 -10.95
N GLU E 236 14.29 47.81 -9.82
CA GLU E 236 14.46 49.16 -9.33
C GLU E 236 15.88 49.21 -8.76
N ARG E 237 16.50 50.38 -8.75
CA ARG E 237 17.75 50.52 -8.03
C ARG E 237 17.76 51.85 -7.27
N THR E 238 17.88 51.79 -5.96
CA THR E 238 17.96 53.03 -5.19
C THR E 238 19.34 53.25 -4.60
N ILE E 239 19.88 54.44 -4.85
CA ILE E 239 21.14 54.86 -4.25
C ILE E 239 20.95 56.07 -3.35
N LEU E 240 21.34 55.90 -2.10
CA LEU E 240 21.29 56.96 -1.09
C LEU E 240 22.67 57.32 -0.57
N VAL E 241 23.09 58.56 -0.82
CA VAL E 241 24.39 59.02 -0.33
C VAL E 241 24.20 60.15 0.68
N ALA E 242 24.61 59.89 1.91
CA ALA E 242 24.59 60.87 2.99
C ALA E 242 25.99 61.35 3.37
N ASP E 243 26.32 62.59 3.03
CA ASP E 243 27.64 63.15 3.33
C ASP E 243 27.83 63.32 4.83
N GLU E 244 28.91 63.98 5.22
CA GLU E 244 29.26 64.09 6.62
C GLU E 244 28.22 64.86 7.43
N ASP E 245 28.17 64.53 8.71
CA ASP E 245 27.25 65.10 9.70
C ASP E 245 25.80 65.24 9.25
N SER E 246 25.32 64.27 8.48
CA SER E 246 23.96 64.27 7.96
C SER E 246 23.07 63.28 8.72
N TYR E 247 21.78 63.25 8.38
CA TYR E 247 20.87 62.22 8.87
C TYR E 247 19.73 62.19 7.86
N VAL E 248 19.28 61.00 7.46
CA VAL E 248 18.13 60.89 6.55
C VAL E 248 17.30 59.61 6.72
N SER E 249 15.98 59.72 6.59
CA SER E 249 15.10 58.56 6.66
C SER E 249 14.24 58.35 5.41
N TYR E 250 14.71 57.47 4.53
CA TYR E 250 14.09 57.20 3.23
C TYR E 250 13.27 55.91 3.26
N ILE E 251 12.09 55.94 2.64
CA ILE E 251 11.21 54.78 2.55
C ILE E 251 10.90 54.31 1.12
N GLU E 252 10.91 52.99 0.91
CA GLU E 252 10.64 52.40 -0.40
C GLU E 252 9.67 51.23 -0.24
N GLY E 253 9.22 50.65 -1.36
CA GLY E 253 8.34 49.49 -1.29
C GLY E 253 6.97 49.87 -1.85
N CYS E 254 6.04 48.91 -1.93
CA CYS E 254 4.71 49.18 -2.49
C CYS E 254 3.59 48.34 -1.88
N SER E 255 2.41 48.39 -2.49
CA SER E 255 1.21 47.71 -2.00
C SER E 255 0.20 47.52 -3.15
N ALA E 256 -0.12 46.26 -3.46
CA ALA E 256 -0.98 45.99 -4.61
C ALA E 256 -1.59 44.59 -4.68
N PRO E 257 -2.69 44.46 -5.44
CA PRO E 257 -3.37 43.25 -5.91
C PRO E 257 -2.44 42.45 -6.82
N VAL E 258 -2.68 41.15 -6.92
CA VAL E 258 -1.94 40.34 -7.86
C VAL E 258 -2.83 39.39 -8.69
N ARG E 259 -2.23 38.85 -9.75
CA ARG E 259 -2.80 37.87 -10.64
C ARG E 259 -1.73 36.87 -10.98
N ASP E 260 -2.05 35.57 -11.01
CA ASP E 260 -0.98 34.57 -11.03
C ASP E 260 -0.18 35.08 -12.23
N SER E 261 0.98 35.65 -11.94
CA SER E 261 1.90 36.10 -12.99
C SER E 261 3.33 36.21 -12.49
N TYR E 262 4.25 35.54 -13.16
CA TYR E 262 5.61 35.45 -12.64
C TYR E 262 6.29 36.82 -12.72
N GLN E 263 5.88 37.74 -11.85
CA GLN E 263 6.53 39.05 -11.87
C GLN E 263 7.86 38.91 -11.16
N LEU E 264 8.93 39.46 -11.73
CA LEU E 264 10.22 39.20 -11.12
C LEU E 264 10.61 40.50 -10.42
N HIS E 265 10.71 40.56 -9.10
CA HIS E 265 11.32 41.75 -8.52
C HIS E 265 12.77 41.54 -8.12
N ALA E 266 13.67 42.34 -8.69
CA ALA E 266 15.10 42.11 -8.47
C ALA E 266 15.82 43.40 -8.13
N ALA E 267 15.18 44.29 -7.37
CA ALA E 267 15.81 45.56 -7.07
C ALA E 267 17.14 45.40 -6.32
N VAL E 268 18.08 46.30 -6.56
CA VAL E 268 19.34 46.32 -5.82
C VAL E 268 19.51 47.71 -5.20
N VAL E 269 20.00 47.79 -3.96
CA VAL E 269 20.19 49.09 -3.33
C VAL E 269 21.56 49.27 -2.71
N GLU E 270 22.29 50.29 -3.18
CA GLU E 270 23.58 50.64 -2.61
C GLU E 270 23.55 51.96 -1.84
N VAL E 271 23.95 51.94 -0.59
CA VAL E 271 24.05 53.17 0.20
C VAL E 271 25.49 53.37 0.69
N ILE E 272 26.11 54.51 0.40
CA ILE E 272 27.41 54.76 0.99
C ILE E 272 27.36 55.90 1.99
N ILE E 273 27.78 55.63 3.22
CA ILE E 273 27.83 56.65 4.26
C ILE E 273 29.16 56.93 4.96
N HIS E 274 29.61 58.17 4.87
CA HIS E 274 30.86 58.63 5.45
C HIS E 274 30.66 59.16 6.88
N LYS E 275 31.77 59.61 7.46
CA LYS E 275 31.89 60.13 8.82
C LYS E 275 30.75 60.99 9.35
N ASN E 276 30.23 60.58 10.52
CA ASN E 276 29.19 61.31 11.25
C ASN E 276 27.85 61.48 10.54
N ALA E 277 27.55 60.58 9.60
CA ALA E 277 26.29 60.64 8.88
C ALA E 277 25.35 59.62 9.49
N GLU E 278 24.04 59.82 9.32
CA GLU E 278 23.08 58.87 9.85
C GLU E 278 22.09 58.47 8.72
N VAL E 279 21.79 57.18 8.57
CA VAL E 279 20.76 56.75 7.62
C VAL E 279 19.65 55.94 8.27
N LYS E 280 18.39 56.31 8.05
CA LYS E 280 17.31 55.44 8.47
C LYS E 280 16.58 54.79 7.27
N TYR E 281 16.65 53.48 7.09
CA TYR E 281 16.00 52.87 5.92
C TYR E 281 14.85 51.91 6.24
N SER E 282 13.68 52.14 5.63
CA SER E 282 12.52 51.31 5.93
C SER E 282 11.75 50.82 4.70
N THR E 283 11.30 49.57 4.75
CA THR E 283 10.52 48.98 3.66
C THR E 283 9.28 48.27 4.22
N VAL E 284 8.10 48.59 3.69
CA VAL E 284 6.86 47.90 4.05
C VAL E 284 6.16 47.41 2.76
N GLN E 285 6.66 46.30 2.22
CA GLN E 285 6.17 45.66 1.00
C GLN E 285 5.09 44.60 1.26
N ASN E 286 3.87 44.88 0.81
CA ASN E 286 2.75 43.93 0.98
C ASN E 286 1.75 43.73 -0.19
N TRP E 287 1.77 42.54 -0.78
CA TRP E 287 0.93 42.24 -1.96
C TRP E 287 -0.27 41.38 -1.54
N PHE E 288 -1.38 41.50 -2.26
CA PHE E 288 -2.61 40.78 -1.91
C PHE E 288 -3.22 40.06 -3.11
N PRO E 289 -3.05 38.73 -3.20
CA PRO E 289 -3.79 37.97 -4.21
C PRO E 289 -5.02 37.20 -3.71
N GLY E 290 -6.13 37.37 -4.42
CA GLY E 290 -7.38 36.72 -4.06
C GLY E 290 -7.96 35.85 -5.16
N ASP E 291 -7.94 34.52 -5.02
CA ASP E 291 -7.24 33.80 -3.97
C ASP E 291 -6.69 32.64 -4.79
N ASN E 292 -5.71 31.84 -4.36
CA ASN E 292 -4.90 31.98 -3.17
C ASN E 292 -3.52 31.52 -3.61
N ASN E 293 -2.58 31.55 -2.67
CA ASN E 293 -1.17 31.10 -2.76
C ASN E 293 -0.15 31.99 -3.50
N THR E 294 -0.48 33.27 -3.68
CA THR E 294 0.42 34.39 -4.15
C THR E 294 0.42 34.64 -5.68
N GLY E 295 0.03 33.64 -6.45
CA GLY E 295 0.26 33.60 -7.89
C GLY E 295 1.56 34.19 -8.43
N GLY E 296 2.69 33.63 -8.02
CA GLY E 296 3.96 33.74 -8.75
C GLY E 296 4.80 35.01 -8.79
N ILE E 297 4.57 35.97 -7.88
CA ILE E 297 5.45 37.15 -7.80
C ILE E 297 6.78 36.88 -7.09
N LEU E 298 7.91 37.27 -7.69
CA LEU E 298 9.16 36.91 -7.04
C LEU E 298 10.03 38.12 -6.70
N ASN E 299 10.12 38.46 -5.42
CA ASN E 299 10.98 39.52 -4.91
C ASN E 299 12.42 39.06 -4.57
N PHE E 300 13.38 39.23 -5.48
CA PHE E 300 14.76 38.79 -5.19
C PHE E 300 15.74 39.96 -5.10
N VAL E 301 15.54 40.80 -4.09
CA VAL E 301 16.29 42.03 -3.90
C VAL E 301 17.49 41.84 -2.96
N THR E 302 18.66 42.40 -3.30
CA THR E 302 19.83 42.37 -2.41
C THR E 302 20.37 43.74 -1.94
N LYS E 303 19.90 44.28 -0.81
CA LYS E 303 20.49 45.50 -0.24
C LYS E 303 21.62 45.29 0.80
N ARG E 304 22.64 46.16 0.74
CA ARG E 304 23.74 46.20 1.71
C ARG E 304 24.46 47.56 1.58
N ALA E 305 24.75 48.20 2.70
CA ALA E 305 25.36 49.54 2.72
C ALA E 305 26.77 49.60 3.35
N LEU E 306 27.59 50.54 2.86
CA LEU E 306 29.01 50.68 3.27
C LEU E 306 29.31 52.04 3.88
N CYS E 307 29.54 51.90 5.17
CA CYS E 307 29.88 52.88 6.19
C CYS E 307 31.37 53.17 6.35
N GLU E 308 31.85 54.28 5.78
CA GLU E 308 33.23 54.45 5.37
C GLU E 308 34.25 54.91 6.44
N GLY E 309 33.98 55.95 7.23
CA GLY E 309 32.68 56.50 7.54
C GLY E 309 32.46 56.36 9.04
N GLU E 310 33.35 57.04 9.76
CA GLU E 310 33.44 57.07 11.21
C GLU E 310 32.20 57.60 11.94
N ASN E 311 31.72 56.84 12.94
CA ASN E 311 30.52 57.19 13.69
C ASN E 311 29.20 57.15 12.92
N SER E 312 29.20 56.51 11.77
CA SER E 312 28.01 56.39 10.92
C SER E 312 27.00 55.41 11.51
N LYS E 313 25.71 55.62 11.22
CA LYS E 313 24.65 54.75 11.77
C LYS E 313 23.69 54.33 10.65
N MET E 314 23.54 53.02 10.44
CA MET E 314 22.57 52.50 9.48
C MET E 314 21.43 51.70 10.11
N SER E 315 20.21 51.82 9.60
CA SER E 315 19.12 51.01 10.15
C SER E 315 18.16 50.43 9.11
N TRP E 316 18.01 49.11 9.10
CA TRP E 316 16.96 48.46 8.28
C TRP E 316 15.77 48.03 9.13
N THR E 317 14.65 48.70 8.90
CA THR E 317 13.38 48.32 9.47
C THR E 317 12.53 47.84 8.32
N GLN E 318 11.73 46.81 8.57
CA GLN E 318 11.22 45.93 7.53
C GLN E 318 9.95 45.19 7.91
N SER E 319 8.99 45.22 7.00
CA SER E 319 7.72 44.52 7.14
C SER E 319 7.26 44.03 5.78
N GLU E 320 6.98 42.74 5.67
CA GLU E 320 6.68 42.17 4.36
C GLU E 320 5.65 41.05 4.44
N THR E 321 4.59 41.17 3.65
CA THR E 321 3.60 40.12 3.54
C THR E 321 3.22 39.90 2.07
N GLY E 322 2.87 38.67 1.70
CA GLY E 322 2.25 38.42 0.41
C GLY E 322 3.11 38.17 -0.80
N SER E 323 4.33 37.67 -0.62
CA SER E 323 5.18 37.30 -1.75
C SER E 323 5.16 35.79 -1.96
N ALA E 324 5.25 35.33 -3.20
CA ALA E 324 5.36 33.89 -3.45
C ALA E 324 6.59 33.31 -2.77
N ILE E 325 7.73 33.94 -3.03
CA ILE E 325 9.00 33.45 -2.54
C ILE E 325 9.82 34.66 -2.12
N THR E 326 10.40 34.60 -0.92
CA THR E 326 11.36 35.61 -0.49
C THR E 326 12.73 35.00 -0.20
N TRP E 327 13.76 35.74 -0.59
CA TRP E 327 15.15 35.31 -0.50
C TRP E 327 15.84 36.66 -0.34
N LYS E 328 16.14 37.05 0.89
CA LYS E 328 16.59 38.41 1.15
C LYS E 328 17.38 38.63 2.44
N TYR E 329 18.39 39.50 2.41
CA TYR E 329 19.15 39.80 3.61
C TYR E 329 19.55 41.27 3.75
N PRO E 330 18.60 42.18 4.02
CA PRO E 330 19.16 43.53 4.19
C PRO E 330 20.34 43.49 5.21
N SER E 331 21.56 43.79 4.77
CA SER E 331 22.78 43.61 5.59
C SER E 331 23.43 44.85 6.23
N CYS E 332 24.41 44.64 7.11
CA CYS E 332 25.23 45.75 7.61
C CYS E 332 26.72 45.50 7.35
N ILE E 333 27.38 46.39 6.60
CA ILE E 333 28.83 46.25 6.39
C ILE E 333 29.61 47.26 7.23
N LEU E 334 30.34 46.79 8.24
CA LEU E 334 30.95 47.75 9.18
C LEU E 334 32.43 48.01 8.96
N ARG E 335 32.80 48.89 8.04
CA ARG E 335 34.23 49.12 7.80
C ARG E 335 34.81 50.30 8.60
N GLY E 336 33.99 51.33 8.77
CA GLY E 336 34.37 52.50 9.54
C GLY E 336 34.56 52.27 11.02
N ASP E 337 35.54 52.95 11.62
CA ASP E 337 35.75 52.84 13.06
C ASP E 337 34.50 53.33 13.79
N ASN E 338 34.16 52.64 14.87
CA ASN E 338 32.97 52.91 15.68
C ASN E 338 31.70 52.74 14.87
N SER E 339 31.74 51.86 13.87
CA SER E 339 30.56 51.58 13.06
C SER E 339 29.51 50.86 13.91
N ILE E 340 28.23 51.07 13.63
CA ILE E 340 27.17 50.45 14.42
C ILE E 340 26.09 49.86 13.51
N GLY E 341 25.70 48.60 13.69
CA GLY E 341 24.63 48.09 12.85
C GLY E 341 23.38 47.50 13.47
N GLU E 342 22.23 47.91 12.95
CA GLU E 342 20.94 47.43 13.46
C GLU E 342 20.04 47.00 12.30
N PHE E 343 19.30 45.94 12.55
CA PHE E 343 18.43 45.32 11.55
C PHE E 343 17.19 44.74 12.22
N TYR E 344 16.03 45.27 11.83
CA TYR E 344 14.74 44.79 12.34
C TYR E 344 13.82 44.49 11.18
N SER E 345 13.39 43.23 11.08
CA SER E 345 12.53 42.82 9.99
C SER E 345 11.37 41.93 10.41
N VAL E 346 10.24 42.21 9.78
CA VAL E 346 9.07 41.35 9.84
C VAL E 346 8.77 40.66 8.51
N ALA E 347 8.49 39.37 8.60
CA ALA E 347 8.19 38.59 7.40
C ALA E 347 7.07 37.63 7.76
N LEU E 348 5.94 37.77 7.08
CA LEU E 348 4.81 36.89 7.31
C LEU E 348 4.61 36.01 6.09
N THR E 349 4.48 34.70 6.34
CA THR E 349 4.06 33.78 5.30
C THR E 349 2.73 33.09 5.60
N SER E 350 1.81 33.15 4.64
CA SER E 350 0.51 32.50 4.74
C SER E 350 0.37 31.50 3.59
N GLY E 351 -0.81 30.92 3.44
CA GLY E 351 -1.09 29.99 2.37
C GLY E 351 0.03 29.00 2.07
N HIS E 352 0.55 29.07 0.85
CA HIS E 352 1.67 28.22 0.45
C HIS E 352 2.93 29.01 0.04
N GLN E 353 3.10 30.23 0.55
CA GLN E 353 4.28 31.06 0.20
C GLN E 353 5.53 30.55 0.91
N GLN E 354 6.69 31.00 0.47
CA GLN E 354 7.94 30.61 1.13
C GLN E 354 8.81 31.85 1.25
N ALA E 355 9.70 31.84 2.22
CA ALA E 355 10.63 32.95 2.42
C ALA E 355 11.98 32.51 2.96
N ASP E 356 13.02 33.23 2.52
CA ASP E 356 14.37 33.04 3.02
C ASP E 356 15.02 34.38 3.36
N THR E 357 14.53 35.00 4.43
CA THR E 357 14.95 36.35 4.79
C THR E 357 16.10 36.24 5.80
N GLY E 358 16.86 37.33 5.98
CA GLY E 358 17.81 37.41 7.09
C GLY E 358 18.75 38.59 6.96
N THR E 359 20.01 38.44 7.38
CA THR E 359 20.98 39.54 7.29
C THR E 359 22.44 39.08 7.28
N LYS E 360 23.34 39.95 6.80
CA LYS E 360 24.78 39.71 6.88
C LYS E 360 25.51 40.90 7.54
N MET E 361 26.36 40.63 8.52
CA MET E 361 27.10 41.69 9.20
C MET E 361 28.63 41.55 9.18
N ILE E 362 29.32 42.37 8.39
CA ILE E 362 30.77 42.26 8.36
C ILE E 362 31.43 43.35 9.19
N HIS E 363 32.07 42.94 10.28
CA HIS E 363 32.72 43.87 11.21
C HIS E 363 34.18 44.14 10.87
N ILE E 364 34.50 45.36 10.49
CA ILE E 364 35.88 45.72 10.16
C ILE E 364 36.46 46.82 11.06
N GLY E 365 35.66 47.85 11.31
CA GLY E 365 36.10 48.98 12.12
C GLY E 365 36.34 48.73 13.59
N LYS E 366 36.96 49.70 14.26
CA LYS E 366 37.20 49.64 15.69
C LYS E 366 35.95 49.91 16.50
N ASN E 367 35.78 49.17 17.59
CA ASN E 367 34.66 49.38 18.50
C ASN E 367 33.31 49.34 17.78
N THR E 368 33.09 48.34 16.92
CA THR E 368 31.81 48.27 16.25
C THR E 368 30.74 47.61 17.12
N LYS E 369 29.47 47.76 16.72
CA LYS E 369 28.36 47.33 17.56
C LYS E 369 27.14 46.96 16.71
N SER E 370 26.60 45.76 16.90
CA SER E 370 25.47 45.33 16.08
C SER E 370 24.24 44.88 16.87
N THR E 371 23.03 45.20 16.40
CA THR E 371 21.82 44.76 17.09
C THR E 371 20.77 44.30 16.09
N ILE E 372 20.47 43.01 16.10
CA ILE E 372 19.48 42.47 15.15
C ILE E 372 18.26 41.78 15.77
N ILE E 373 17.08 42.20 15.34
CA ILE E 373 15.84 41.58 15.78
C ILE E 373 14.94 41.29 14.58
N SER E 374 14.74 40.00 14.30
CA SER E 374 13.90 39.58 13.18
C SER E 374 12.66 38.89 13.73
N LYS E 375 11.49 39.33 13.27
CA LYS E 375 10.25 38.66 13.65
C LYS E 375 9.59 38.04 12.44
N GLY E 376 9.68 36.72 12.33
CA GLY E 376 9.11 35.99 11.21
C GLY E 376 7.88 35.19 11.59
N ILE E 377 6.75 35.47 10.94
CA ILE E 377 5.55 34.69 11.22
C ILE E 377 5.20 33.82 10.01
N SER E 378 4.98 32.55 10.31
CA SER E 378 4.59 31.54 9.33
C SER E 378 3.18 30.99 9.56
N ALA E 379 2.38 30.93 8.50
CA ALA E 379 1.04 30.35 8.57
C ALA E 379 0.80 29.27 7.51
N GLY E 380 -0.29 28.52 7.67
CA GLY E 380 -0.70 27.52 6.71
C GLY E 380 0.36 26.48 6.38
N HIS E 381 0.58 26.21 5.11
CA HIS E 381 1.58 25.23 4.68
C HIS E 381 2.83 25.90 4.14
N SER E 382 3.13 27.07 4.69
CA SER E 382 4.20 27.90 4.18
C SER E 382 5.50 27.67 4.93
N GLN E 383 6.58 28.25 4.44
CA GLN E 383 7.89 28.04 5.06
C GLN E 383 8.72 29.32 5.14
N ASN E 384 8.85 29.89 6.33
CA ASN E 384 9.73 31.04 6.50
C ASN E 384 11.05 30.61 7.12
N SER E 385 12.13 31.21 6.65
CA SER E 385 13.45 30.87 7.13
C SER E 385 14.25 32.12 7.38
N TYR E 386 14.76 32.28 8.60
CA TYR E 386 15.80 33.25 8.83
C TYR E 386 17.14 32.58 8.61
N ARG E 387 17.98 33.23 7.84
CA ARG E 387 19.36 32.83 7.66
C ARG E 387 20.22 34.06 7.76
N GLY E 388 21.40 33.94 8.36
CA GLY E 388 22.25 35.08 8.52
C GLY E 388 23.63 34.66 8.96
N LEU E 389 24.56 35.59 8.86
CA LEU E 389 25.94 35.35 9.18
C LEU E 389 26.51 36.47 10.06
N VAL E 390 27.38 36.12 11.01
CA VAL E 390 28.10 37.14 11.73
C VAL E 390 29.63 36.98 11.64
N LYS E 391 30.30 37.90 10.96
CA LYS E 391 31.72 37.70 10.69
C LYS E 391 32.56 38.84 11.30
N ILE E 392 33.50 38.50 12.17
CA ILE E 392 34.36 39.51 12.79
C ILE E 392 35.83 39.24 12.50
N MET E 393 36.47 40.21 11.84
CA MET E 393 37.87 40.05 11.45
C MET E 393 38.75 40.73 12.50
N PRO E 394 40.01 40.29 12.64
CA PRO E 394 40.90 40.73 13.72
C PRO E 394 41.03 42.24 13.86
N THR E 395 40.68 42.98 12.81
CA THR E 395 40.71 44.44 12.84
C THR E 395 39.62 44.95 13.79
N ALA E 396 38.42 44.42 13.65
CA ALA E 396 37.26 44.94 14.37
C ALA E 396 37.38 44.63 15.86
N THR E 397 38.21 45.41 16.55
CA THR E 397 38.48 45.22 17.97
C THR E 397 37.26 45.64 18.81
N ASN E 398 36.98 44.86 19.85
CA ASN E 398 35.90 45.12 20.80
C ASN E 398 34.58 45.31 20.03
N ALA E 399 34.33 44.39 19.09
CA ALA E 399 33.08 44.44 18.34
C ALA E 399 32.00 43.80 19.18
N ARG E 400 30.75 44.17 18.95
CA ARG E 400 29.64 43.64 19.73
C ARG E 400 28.39 43.43 18.88
N ASN E 401 27.75 42.28 19.04
CA ASN E 401 26.51 42.02 18.30
C ASN E 401 25.44 41.33 19.14
N PHE E 402 24.19 41.72 18.96
CA PHE E 402 23.10 40.93 19.51
C PHE E 402 22.10 40.63 18.40
N THR E 403 22.04 39.35 18.01
CA THR E 403 21.10 38.91 16.99
C THR E 403 20.00 38.12 17.69
N GLN E 404 18.76 38.24 17.20
CA GLN E 404 17.65 37.54 17.82
C GLN E 404 16.58 37.15 16.81
N CYS E 405 16.51 35.86 16.51
CA CYS E 405 15.57 35.36 15.52
C CYS E 405 14.54 34.45 16.14
N ASP E 406 13.30 34.93 16.17
CA ASP E 406 12.21 34.19 16.77
C ASP E 406 11.25 33.76 15.68
N SER E 407 10.61 32.63 15.92
CA SER E 407 9.72 32.02 14.95
C SER E 407 8.36 31.81 15.60
N MET E 408 7.30 32.26 14.92
CA MET E 408 5.96 31.93 15.35
C MET E 408 5.29 31.04 14.33
N LEU E 409 4.86 29.87 14.79
CA LEU E 409 4.16 28.90 13.95
C LEU E 409 2.68 29.00 14.33
N ILE E 410 1.84 29.33 13.34
CA ILE E 410 0.39 29.43 13.55
C ILE E 410 -0.37 28.23 12.98
N GLY E 411 -0.83 27.36 13.88
CA GLY E 411 -1.50 26.13 13.49
C GLY E 411 -0.42 25.07 13.51
N ALA E 412 -0.76 23.81 13.29
CA ALA E 412 0.22 22.74 13.47
C ALA E 412 0.74 22.21 12.14
N ASN E 413 0.41 22.92 11.07
CA ASN E 413 0.78 22.50 9.72
C ASN E 413 1.86 23.38 9.08
N CYS E 414 2.33 24.36 9.85
CA CYS E 414 3.27 25.36 9.33
C CYS E 414 4.76 24.99 9.44
N GLY E 415 5.62 25.81 8.87
CA GLY E 415 7.07 25.69 9.02
C GLY E 415 7.82 27.00 9.26
N ALA E 416 8.82 26.96 10.13
CA ALA E 416 9.66 28.11 10.48
C ALA E 416 11.13 27.74 10.73
N HIS E 417 12.09 28.38 10.08
CA HIS E 417 13.48 27.92 10.21
C HIS E 417 14.47 29.06 10.48
N THR E 418 15.56 28.69 11.16
CA THR E 418 16.56 29.63 11.69
C THR E 418 17.98 29.15 11.47
N PHE E 419 18.76 29.83 10.65
CA PHE E 419 20.15 29.40 10.45
C PHE E 419 21.14 30.54 10.70
N PRO E 420 21.49 30.78 11.98
CA PRO E 420 22.52 31.80 12.18
C PRO E 420 23.95 31.27 11.98
N TYR E 421 24.84 32.16 11.57
CA TYR E 421 26.26 31.86 11.43
C TYR E 421 27.06 32.90 12.22
N VAL E 422 27.87 32.45 13.17
CA VAL E 422 28.68 33.38 13.95
C VAL E 422 30.16 33.04 13.81
N GLU E 423 30.86 33.84 13.01
CA GLU E 423 32.29 33.71 12.80
C GLU E 423 33.05 34.88 13.42
N CYS E 424 33.87 34.59 14.42
CA CYS E 424 34.57 35.65 15.14
C CYS E 424 36.06 35.37 15.28
N ARG E 425 36.89 36.28 14.79
CA ARG E 425 38.34 36.13 14.91
C ARG E 425 38.97 37.29 15.67
N ASN E 426 38.63 37.42 16.95
CA ASN E 426 39.09 38.51 17.80
C ASN E 426 38.83 38.22 19.28
N ASN E 427 39.80 38.51 20.14
CA ASN E 427 39.67 38.23 21.56
C ASN E 427 39.19 39.43 22.35
N SER E 428 38.57 40.37 21.66
CA SER E 428 38.04 41.55 22.33
C SER E 428 36.57 41.70 21.97
N ALA E 429 36.07 40.77 21.17
CA ALA E 429 34.68 40.83 20.75
C ALA E 429 33.78 40.43 21.90
N GLN E 430 32.51 40.82 21.82
CA GLN E 430 31.53 40.40 22.80
C GLN E 430 30.18 40.15 22.16
N LEU E 431 29.85 38.88 21.97
CA LEU E 431 28.64 38.52 21.25
C LEU E 431 27.70 37.71 22.13
N GLU E 432 26.40 37.96 21.97
CA GLU E 432 25.38 37.21 22.67
C GLU E 432 24.32 36.91 21.64
N HIS E 433 24.03 35.63 21.42
CA HIS E 433 22.97 35.28 20.49
C HIS E 433 21.83 34.62 21.24
N GLU E 434 20.59 34.86 20.80
CA GLU E 434 19.43 34.30 21.47
C GLU E 434 18.26 34.11 20.51
N ALA E 435 17.57 32.98 20.63
CA ALA E 435 16.38 32.71 19.81
C ALA E 435 15.29 32.06 20.65
N THR E 436 14.04 32.41 20.39
CA THR E 436 12.93 31.99 21.23
C THR E 436 11.68 31.68 20.39
N THR E 437 11.01 30.58 20.69
CA THR E 437 9.77 30.18 20.01
C THR E 437 8.49 30.63 20.71
N SER E 438 7.54 31.11 19.93
CA SER E 438 6.32 31.66 20.49
C SER E 438 5.18 31.14 19.64
N ARG E 439 3.96 31.28 20.15
CA ARG E 439 2.79 30.74 19.46
C ARG E 439 1.46 31.34 19.91
N ILE E 440 0.43 31.09 19.10
CA ILE E 440 -0.94 31.37 19.48
C ILE E 440 -1.62 30.06 19.92
N GLY E 441 -1.65 29.83 21.23
CA GLY E 441 -2.24 28.63 21.78
C GLY E 441 -3.75 28.70 21.74
N GLU E 442 -4.41 27.57 21.98
CA GLU E 442 -5.86 27.53 21.97
C GLU E 442 -6.42 28.28 23.17
N ASP E 443 -5.68 28.22 24.29
CA ASP E 443 -6.11 28.90 25.51
C ASP E 443 -6.16 30.40 25.28
N GLN E 444 -5.15 30.91 24.58
CA GLN E 444 -5.09 32.31 24.21
C GLN E 444 -6.13 32.72 23.18
N LEU E 445 -6.28 31.96 22.11
CA LEU E 445 -7.24 32.36 21.08
C LEU E 445 -8.67 32.46 21.65
N PHE E 446 -9.06 31.42 22.40
CA PHE E 446 -10.38 31.39 23.00
C PHE E 446 -10.62 32.46 24.06
N TYR E 447 -9.66 32.64 24.97
CA TYR E 447 -9.77 33.67 26.01
C TYR E 447 -10.07 35.06 25.46
N CYS E 448 -9.37 35.44 24.39
CA CYS E 448 -9.59 36.72 23.74
C CYS E 448 -10.97 36.77 23.07
N LEU E 449 -11.32 35.64 22.48
CA LEU E 449 -12.58 35.45 21.78
C LEU E 449 -13.77 35.53 22.75
N GLN E 450 -13.66 34.82 23.87
CA GLN E 450 -14.68 34.73 24.92
C GLN E 450 -15.02 36.14 25.45
N ARG E 451 -14.08 37.07 25.25
CA ARG E 451 -14.27 38.47 25.61
C ARG E 451 -14.97 39.28 24.53
N GLY E 452 -15.36 38.61 23.44
CA GLY E 452 -16.13 39.30 22.42
C GLY E 452 -15.35 39.74 21.21
N ILE E 453 -14.08 39.36 21.17
CA ILE E 453 -13.24 39.78 20.07
C ILE E 453 -13.26 38.67 19.03
N SER E 454 -13.50 39.07 17.78
CA SER E 454 -13.55 38.15 16.66
C SER E 454 -12.26 37.36 16.52
N GLU E 455 -12.37 36.18 15.90
CA GLU E 455 -11.25 35.30 15.63
C GLU E 455 -10.17 36.13 14.94
N GLU E 456 -10.62 37.00 14.05
CA GLU E 456 -9.74 37.76 13.19
C GLU E 456 -8.95 38.84 13.93
N ASP E 457 -9.58 39.56 14.86
CA ASP E 457 -8.85 40.60 15.56
C ASP E 457 -7.86 40.07 16.60
N ALA E 458 -8.26 39.00 17.29
CA ALA E 458 -7.37 38.31 18.23
C ALA E 458 -6.00 37.90 17.69
N ILE E 459 -5.99 37.19 16.56
CA ILE E 459 -4.72 36.75 15.99
C ILE E 459 -3.87 37.99 15.68
N SER E 460 -4.51 38.99 15.07
CA SER E 460 -3.84 40.22 14.69
C SER E 460 -3.25 40.93 15.90
N MET E 461 -4.07 41.13 16.92
CA MET E 461 -3.60 41.71 18.18
C MET E 461 -2.34 41.02 18.72
N ILE E 462 -2.41 39.71 18.91
CA ILE E 462 -1.30 38.95 19.47
C ILE E 462 -0.03 39.02 18.60
N VAL E 463 -0.19 38.87 17.29
CA VAL E 463 0.95 38.92 16.38
C VAL E 463 1.50 40.34 16.43
N ASN E 464 0.61 41.33 16.40
CA ASN E 464 0.98 42.73 16.56
C ASN E 464 1.81 42.87 17.83
N GLY E 465 1.35 42.21 18.88
CA GLY E 465 1.98 42.22 20.18
C GLY E 465 3.40 41.66 20.16
N PHE E 466 3.55 40.57 19.42
CA PHE E 466 4.84 39.94 19.21
C PHE E 466 5.87 40.88 18.56
N CYS E 467 5.40 41.76 17.69
CA CYS E 467 6.30 42.58 16.90
C CYS E 467 6.53 43.99 17.47
N LYS E 468 5.87 44.32 18.57
CA LYS E 468 5.97 45.67 19.15
C LYS E 468 7.37 46.29 19.21
N ASP E 469 8.38 45.52 19.58
CA ASP E 469 9.72 46.09 19.74
C ASP E 469 10.31 46.53 18.38
N VAL E 470 9.79 45.98 17.28
CA VAL E 470 10.28 46.35 15.95
C VAL E 470 9.48 47.49 15.33
N PHE E 471 8.16 47.33 15.30
CA PHE E 471 7.27 48.34 14.74
C PHE E 471 7.47 49.70 15.40
N SER E 472 7.79 49.68 16.68
CA SER E 472 8.06 50.89 17.45
C SER E 472 9.14 51.78 16.83
N GLU E 473 10.15 51.19 16.21
CA GLU E 473 11.25 51.99 15.66
C GLU E 473 10.88 52.52 14.27
N LEU E 474 9.71 52.12 13.78
CA LEU E 474 9.27 52.61 12.48
C LEU E 474 8.54 53.93 12.70
N PRO E 475 8.62 54.85 11.72
CA PRO E 475 7.85 56.09 11.72
C PRO E 475 6.33 55.96 11.83
N LEU E 476 5.77 56.80 12.69
CA LEU E 476 4.40 56.70 13.19
C LEU E 476 3.31 56.59 12.12
N GLU E 477 3.40 57.43 11.09
CA GLU E 477 2.38 57.45 10.04
C GLU E 477 2.37 56.14 9.27
N PHE E 478 3.56 55.63 8.99
CA PHE E 478 3.72 54.40 8.21
C PHE E 478 3.47 53.14 9.04
N ALA E 479 3.70 53.26 10.35
CA ALA E 479 3.41 52.19 11.30
C ALA E 479 1.94 51.79 11.47
N VAL E 480 1.05 52.76 11.62
CA VAL E 480 -0.38 52.44 11.73
C VAL E 480 -0.93 51.63 10.53
N GLU E 481 -0.62 52.05 9.32
CA GLU E 481 -1.17 51.43 8.11
C GLU E 481 -0.70 49.99 8.01
N ALA E 482 0.61 49.81 8.13
CA ALA E 482 1.24 48.49 8.16
C ALA E 482 0.53 47.59 9.17
N GLN E 483 0.24 48.10 10.36
CA GLN E 483 -0.38 47.28 11.39
C GLN E 483 -1.77 46.85 10.91
N LYS E 484 -2.39 47.73 10.15
CA LYS E 484 -3.69 47.44 9.53
C LYS E 484 -3.47 46.47 8.37
N LEU E 485 -2.45 46.77 7.57
CA LEU E 485 -2.06 45.95 6.43
C LEU E 485 -1.60 44.53 6.79
N LEU E 486 -0.81 44.40 7.86
CA LEU E 486 -0.43 43.07 8.35
C LEU E 486 -1.68 42.29 8.77
N ALA E 487 -2.67 43.00 9.28
CA ALA E 487 -3.91 42.41 9.75
C ALA E 487 -4.76 41.80 8.65
N ILE E 488 -4.92 42.51 7.54
CA ILE E 488 -5.75 42.06 6.42
C ILE E 488 -5.10 40.98 5.57
N SER E 489 -3.77 40.94 5.57
CA SER E 489 -3.05 39.88 4.89
C SER E 489 -3.40 38.54 5.52
N LEU E 490 -3.56 38.55 6.84
CA LEU E 490 -3.94 37.35 7.59
C LEU E 490 -5.38 36.87 7.36
N GLU E 491 -6.31 37.79 7.14
CA GLU E 491 -7.70 37.40 6.93
C GLU E 491 -7.89 36.63 5.63
N GLY F 67 49.43 -3.28 15.63
CA GLY F 67 50.61 -3.51 16.46
C GLY F 67 50.27 -4.12 17.81
N GLU F 68 51.26 -4.17 18.70
CA GLU F 68 51.06 -4.75 20.03
C GLU F 68 51.72 -3.89 21.10
N ILE F 69 51.07 -3.79 22.27
CA ILE F 69 51.62 -3.03 23.38
C ILE F 69 51.70 -3.90 24.62
N SER F 70 52.41 -3.45 25.65
CA SER F 70 52.48 -4.25 26.88
C SER F 70 51.56 -3.70 27.98
N PRO F 71 51.18 -4.53 28.94
CA PRO F 71 50.36 -4.06 30.06
C PRO F 71 50.99 -2.97 30.92
N GLN F 72 52.32 -2.95 31.05
CA GLN F 72 53.01 -1.94 31.86
C GLN F 72 52.85 -0.52 31.35
N GLN F 73 52.94 -0.36 30.04
CA GLN F 73 52.80 0.94 29.42
C GLN F 73 51.37 1.42 29.55
N ARG F 74 50.43 0.50 29.43
CA ARG F 74 49.02 0.83 29.53
C ARG F 74 48.68 1.43 30.90
N ASP F 75 49.03 0.75 31.99
CA ASP F 75 48.74 1.28 33.32
C ASP F 75 49.27 2.69 33.50
N ALA F 76 50.47 2.93 32.98
CA ALA F 76 51.09 4.25 33.10
C ALA F 76 50.30 5.32 32.35
N LEU F 77 49.48 4.89 31.38
CA LEU F 77 48.68 5.82 30.60
C LEU F 77 47.18 5.62 30.86
N ALA F 78 46.86 4.55 31.59
CA ALA F 78 45.46 4.21 31.86
C ALA F 78 44.87 5.14 32.92
N LEU F 79 43.56 5.34 32.86
CA LEU F 79 42.90 6.16 33.87
C LEU F 79 42.81 5.29 35.11
N THR F 80 42.76 5.90 36.29
CA THR F 80 42.58 5.11 37.50
C THR F 80 41.10 4.96 37.85
N LEU F 81 40.58 3.76 37.60
CA LEU F 81 39.18 3.49 37.85
C LEU F 81 38.87 1.99 37.87
N ASP F 82 38.00 1.60 38.78
CA ASP F 82 37.58 0.21 38.90
C ASP F 82 36.36 -0.02 38.01
N SER F 83 36.58 -0.66 36.85
CA SER F 83 35.52 -0.89 35.89
C SER F 83 35.69 -2.21 35.15
N VAL F 84 34.78 -2.47 34.22
CA VAL F 84 34.89 -3.63 33.36
C VAL F 84 35.42 -3.02 32.08
N ARG F 85 36.72 -3.17 31.89
CA ARG F 85 37.46 -2.55 30.82
C ARG F 85 37.75 -3.42 29.58
N LEU F 86 37.28 -2.95 28.43
CA LEU F 86 37.56 -3.62 27.16
C LEU F 86 38.61 -2.78 26.43
N VAL F 87 39.67 -3.42 25.97
CA VAL F 87 40.75 -2.72 25.30
C VAL F 87 40.81 -2.99 23.81
N PHE F 88 40.93 -1.91 23.02
CA PHE F 88 41.05 -2.05 21.58
C PHE F 88 42.33 -1.37 21.12
N VAL F 89 43.15 -2.10 20.36
CA VAL F 89 44.41 -1.56 19.85
C VAL F 89 44.46 -1.63 18.34
N ASP F 90 44.83 -0.50 17.72
CA ASP F 90 44.95 -0.34 16.27
C ASP F 90 43.88 -1.07 15.45
N GLY F 91 42.62 -0.91 15.84
CA GLY F 91 41.50 -1.51 15.16
C GLY F 91 41.20 -2.97 15.47
N ARG F 92 41.98 -3.58 16.37
CA ARG F 92 41.72 -4.98 16.70
C ARG F 92 41.46 -5.07 18.21
N TYR F 93 40.41 -5.79 18.60
CA TYR F 93 40.09 -6.02 20.01
C TYR F 93 41.10 -6.94 20.68
N VAL F 94 41.63 -6.55 21.84
CA VAL F 94 42.59 -7.43 22.51
C VAL F 94 42.12 -7.94 23.88
N PRO F 95 41.54 -9.16 23.90
CA PRO F 95 41.02 -9.89 25.06
C PRO F 95 41.96 -9.97 26.26
N ALA F 96 43.19 -10.38 26.01
CA ALA F 96 44.20 -10.55 27.05
C ALA F 96 44.47 -9.31 27.91
N LEU F 97 44.19 -8.13 27.37
CA LEU F 97 44.44 -6.91 28.15
C LEU F 97 43.15 -6.36 28.74
N SER F 98 42.03 -7.01 28.41
CA SER F 98 40.72 -6.56 28.88
C SER F 98 40.22 -7.42 30.04
N ASP F 99 39.23 -6.91 30.75
CA ASP F 99 38.59 -7.59 31.89
C ASP F 99 37.42 -8.49 31.44
N ALA F 100 37.16 -9.55 32.21
CA ALA F 100 36.04 -10.44 31.90
C ALA F 100 34.72 -9.74 32.17
N THR F 101 33.73 -10.08 31.35
CA THR F 101 32.40 -9.47 31.44
C THR F 101 31.32 -10.37 32.02
N GLU F 102 31.58 -11.67 32.13
CA GLU F 102 30.56 -12.54 32.70
C GLU F 102 30.19 -12.14 34.12
N GLY F 103 28.89 -12.04 34.34
CA GLY F 103 28.29 -11.67 35.61
C GLY F 103 28.36 -10.17 35.87
N SER F 104 28.85 -9.42 34.88
CA SER F 104 28.96 -7.97 35.02
C SER F 104 27.65 -7.29 34.64
N GLY F 105 26.83 -8.01 33.88
CA GLY F 105 25.57 -7.47 33.43
C GLY F 105 25.62 -7.07 31.96
N TYR F 106 26.80 -7.21 31.34
CA TYR F 106 26.96 -6.87 29.93
C TYR F 106 27.29 -8.03 28.98
N GLU F 107 26.46 -8.17 27.95
CA GLU F 107 26.63 -9.19 26.92
C GLU F 107 27.55 -8.66 25.83
N VAL F 108 28.70 -9.29 25.65
CA VAL F 108 29.67 -8.79 24.68
C VAL F 108 30.10 -9.87 23.69
N SER F 109 30.04 -9.51 22.41
CA SER F 109 30.44 -10.36 21.30
C SER F 109 31.22 -9.55 20.27
N ILE F 110 32.35 -10.08 19.82
CA ILE F 110 33.15 -9.37 18.82
C ILE F 110 33.22 -10.18 17.52
N ASN F 111 32.61 -9.62 16.48
CA ASN F 111 32.56 -10.20 15.14
C ASN F 111 32.21 -9.12 14.09
N ASP F 112 32.13 -9.50 12.82
CA ASP F 112 31.76 -8.57 11.74
C ASP F 112 30.30 -8.78 11.33
N ASP F 113 29.53 -9.40 12.23
CA ASP F 113 28.11 -9.66 12.07
C ASP F 113 27.25 -8.44 12.41
N ARG F 114 26.36 -8.08 11.48
CA ARG F 114 25.56 -6.86 11.59
C ARG F 114 24.02 -7.04 11.62
N GLN F 115 23.51 -8.26 11.86
CA GLN F 115 22.06 -8.47 11.89
C GLN F 115 21.24 -7.48 12.75
N GLY F 116 21.78 -7.11 13.90
CA GLY F 116 21.07 -6.21 14.81
C GLY F 116 21.24 -4.71 14.59
N LEU F 117 22.40 -4.33 14.08
CA LEU F 117 22.74 -2.93 13.82
C LEU F 117 21.63 -2.09 13.19
N PRO F 118 21.36 -0.92 13.78
CA PRO F 118 20.33 0.00 13.31
C PRO F 118 20.77 0.66 12.01
N ASP F 119 19.83 1.23 11.26
CA ASP F 119 20.20 1.87 10.01
C ASP F 119 20.85 3.20 10.37
N ALA F 120 21.68 3.75 9.48
CA ALA F 120 22.30 5.02 9.80
C ALA F 120 21.28 6.14 9.85
N ILE F 121 21.43 7.04 10.81
CA ILE F 121 20.56 8.20 10.96
C ILE F 121 20.84 9.28 9.93
N GLN F 122 22.13 9.54 9.75
CA GLN F 122 22.66 10.54 8.86
C GLN F 122 23.81 10.00 8.01
N ALA F 123 23.54 9.63 6.76
CA ALA F 123 24.59 9.07 5.91
C ALA F 123 25.60 10.16 5.55
N GLU F 124 26.88 9.77 5.59
CA GLU F 124 27.98 10.67 5.28
C GLU F 124 29.28 9.97 4.85
N VAL F 125 30.06 10.69 4.06
CA VAL F 125 31.30 10.24 3.45
C VAL F 125 32.15 9.34 4.34
N PHE F 126 32.44 9.83 5.55
CA PHE F 126 33.28 9.07 6.48
C PHE F 126 32.60 7.88 7.16
N LEU F 127 31.27 7.83 7.18
CA LEU F 127 30.59 6.67 7.75
C LEU F 127 30.70 5.42 6.91
N HIS F 128 30.56 5.58 5.60
CA HIS F 128 30.67 4.46 4.69
C HIS F 128 32.08 3.96 4.83
N LEU F 129 33.02 4.91 4.95
CA LEU F 129 34.42 4.57 5.10
C LEU F 129 34.53 3.71 6.36
N THR F 130 33.89 4.15 7.43
CA THR F 130 33.90 3.43 8.70
C THR F 130 33.15 2.10 8.60
N GLU F 131 31.97 2.13 7.97
CA GLU F 131 31.12 0.94 7.77
C GLU F 131 31.83 -0.18 7.00
N SER F 132 32.57 0.22 5.98
CA SER F 132 33.28 -0.68 5.08
C SER F 132 34.57 -1.24 5.67
N LEU F 133 35.23 -0.42 6.47
CA LEU F 133 36.50 -0.77 7.09
C LEU F 133 36.53 -1.38 8.51
N ALA F 134 35.42 -1.41 9.24
CA ALA F 134 35.47 -2.02 10.56
C ALA F 134 35.85 -3.50 10.47
N GLN F 135 36.88 -3.90 11.21
CA GLN F 135 37.35 -5.29 11.18
C GLN F 135 36.51 -6.16 12.10
N SER F 136 35.74 -5.51 12.97
CA SER F 136 34.86 -6.21 13.89
C SER F 136 33.81 -5.29 14.50
N VAL F 137 32.79 -5.88 15.11
CA VAL F 137 31.73 -5.13 15.76
C VAL F 137 31.63 -5.49 17.23
N THR F 138 31.55 -4.46 18.09
CA THR F 138 31.41 -4.72 19.51
C THR F 138 29.95 -4.71 19.93
N HIS F 139 29.39 -5.88 20.19
CA HIS F 139 28.00 -5.98 20.63
C HIS F 139 27.88 -5.91 22.15
N ILE F 140 27.26 -4.86 22.68
CA ILE F 140 27.14 -4.76 24.13
C ILE F 140 25.65 -4.70 24.44
N ALA F 141 25.24 -5.44 25.46
CA ALA F 141 23.84 -5.49 25.87
C ALA F 141 23.65 -5.63 27.37
N VAL F 142 22.59 -5.01 27.89
CA VAL F 142 22.25 -5.13 29.30
C VAL F 142 20.83 -5.68 29.39
N LYS F 143 20.71 -6.87 29.99
CA LYS F 143 19.44 -7.58 30.10
C LYS F 143 18.41 -6.81 30.92
N ARG F 144 17.14 -7.21 30.79
CA ARG F 144 16.02 -6.58 31.48
C ARG F 144 16.14 -6.33 32.98
N GLY F 145 15.79 -5.10 33.37
CA GLY F 145 15.76 -4.63 34.75
C GLY F 145 17.09 -4.57 35.48
N GLN F 146 18.17 -4.95 34.79
CA GLN F 146 19.49 -4.94 35.41
C GLN F 146 20.24 -3.62 35.40
N ARG F 147 20.87 -3.30 36.52
CA ARG F 147 21.69 -2.10 36.62
C ARG F 147 23.04 -2.52 37.19
N PRO F 148 23.95 -2.92 36.30
CA PRO F 148 25.30 -3.37 36.62
C PRO F 148 25.99 -2.42 37.61
N ALA F 149 26.76 -2.98 38.52
CA ALA F 149 27.44 -2.20 39.56
C ALA F 149 28.60 -1.37 39.04
N LYS F 150 29.25 -1.80 37.96
CA LYS F 150 30.37 -1.02 37.47
C LYS F 150 30.15 -0.48 36.05
N PRO F 151 30.72 0.70 35.77
CA PRO F 151 30.67 1.43 34.49
C PRO F 151 31.56 0.81 33.41
N LEU F 152 31.17 0.93 32.14
CA LEU F 152 32.02 0.43 31.07
C LEU F 152 33.06 1.46 30.67
N LEU F 153 34.33 1.05 30.62
CA LEU F 153 35.39 1.97 30.24
C LEU F 153 36.06 1.44 28.98
N LEU F 154 35.98 2.23 27.92
CA LEU F 154 36.60 1.86 26.66
C LEU F 154 37.88 2.64 26.39
N MET F 155 39.04 2.01 26.56
CA MET F 155 40.30 2.69 26.33
C MET F 155 40.76 2.36 24.93
N HIS F 156 41.03 3.42 24.18
CA HIS F 156 41.46 3.31 22.80
C HIS F 156 42.90 3.76 22.62
N ILE F 157 43.67 2.85 22.06
CA ILE F 157 45.09 3.00 21.76
C ILE F 157 45.30 2.88 20.26
N THR F 158 45.78 3.98 19.69
CA THR F 158 46.02 4.12 18.26
C THR F 158 47.51 4.35 18.15
N GLN F 159 48.10 3.85 17.08
CA GLN F 159 49.54 3.96 16.90
C GLN F 159 49.90 4.53 15.53
N GLY F 160 51.05 5.20 15.47
CA GLY F 160 51.59 5.77 14.24
C GLY F 160 52.67 4.92 13.61
N VAL F 161 53.11 5.27 12.40
CA VAL F 161 54.18 4.47 11.83
C VAL F 161 55.34 5.44 11.64
N ALA F 162 56.59 4.96 11.64
CA ALA F 162 57.71 5.85 11.41
C ALA F 162 57.61 6.40 9.99
N GLY F 163 58.09 7.62 9.73
CA GLY F 163 57.99 8.12 8.38
C GLY F 163 56.97 9.19 8.09
N GLU F 164 56.69 9.34 6.79
CA GLU F 164 55.75 10.33 6.30
C GLU F 164 54.47 9.58 5.95
N GLU F 165 54.50 8.28 6.20
CA GLU F 165 53.36 7.40 5.94
C GLU F 165 52.37 7.58 7.08
N VAL F 166 51.09 7.51 6.77
CA VAL F 166 50.09 7.69 7.81
C VAL F 166 49.42 6.39 8.23
N ASN F 167 49.76 5.94 9.43
CA ASN F 167 49.18 4.73 10.02
C ASN F 167 47.73 5.03 10.36
N THR F 168 46.82 4.09 10.11
CA THR F 168 45.43 4.35 10.43
C THR F 168 44.71 3.22 11.18
N ALA F 169 43.94 3.61 12.20
CA ALA F 169 43.17 2.65 13.00
C ALA F 169 41.76 3.19 13.21
N HIS F 170 40.75 2.33 13.08
CA HIS F 170 39.36 2.70 13.28
C HIS F 170 38.58 1.85 14.28
N TYR F 171 37.99 2.48 15.30
CA TYR F 171 37.27 1.71 16.32
C TYR F 171 35.77 1.95 16.12
N ARG F 172 34.96 0.90 16.21
CA ARG F 172 33.54 1.04 16.00
C ARG F 172 32.81 0.23 17.08
N HIS F 173 31.89 0.81 17.86
CA HIS F 173 31.21 0.05 18.92
C HIS F 173 29.70 0.28 18.98
N HIS F 174 28.94 -0.77 19.32
CA HIS F 174 27.49 -0.69 19.48
C HIS F 174 26.92 -1.30 20.76
N LEU F 175 26.03 -0.54 21.40
CA LEU F 175 25.37 -0.93 22.64
C LEU F 175 23.85 -1.01 22.54
N ASP F 176 23.29 -2.12 23.02
CA ASP F 176 21.83 -2.30 23.05
C ASP F 176 21.36 -2.32 24.50
N LEU F 177 20.57 -1.30 24.84
CA LEU F 177 19.99 -1.16 26.18
C LEU F 177 18.52 -1.56 26.30
N ALA F 178 18.27 -2.71 26.94
CA ALA F 178 16.90 -3.19 27.12
C ALA F 178 16.06 -2.23 27.96
N GLU F 179 14.76 -2.49 28.06
CA GLU F 179 13.82 -1.62 28.75
C GLU F 179 14.23 -1.25 30.18
N GLY F 180 14.40 -2.26 31.01
CA GLY F 180 14.78 -2.08 32.41
C GLY F 180 16.22 -1.70 32.70
N ALA F 181 17.06 -1.68 31.67
CA ALA F 181 18.47 -1.39 31.87
C ALA F 181 18.80 0.06 32.26
N GLU F 182 19.85 0.17 33.07
CA GLU F 182 20.38 1.42 33.58
C GLU F 182 21.89 1.27 33.52
N ALA F 183 22.57 2.11 32.74
CA ALA F 183 24.02 1.94 32.63
C ALA F 183 24.83 3.22 32.43
N THR F 184 26.13 3.13 32.75
CA THR F 184 27.07 4.22 32.56
C THR F 184 28.12 3.72 31.57
N VAL F 185 28.40 4.48 30.52
CA VAL F 185 29.42 4.07 29.54
C VAL F 185 30.46 5.14 29.28
N ILE F 186 31.74 4.76 29.22
CA ILE F 186 32.80 5.72 28.98
C ILE F 186 33.68 5.35 27.79
N GLU F 187 33.92 6.31 26.89
CA GLU F 187 34.84 6.10 25.77
C GLU F 187 36.09 6.95 25.97
N HIS F 188 37.25 6.29 25.95
CA HIS F 188 38.54 6.94 26.18
C HIS F 188 39.52 6.79 25.00
N PHE F 189 40.04 7.91 24.51
CA PHE F 189 41.00 7.98 23.39
C PHE F 189 42.33 8.57 23.87
N VAL F 190 43.46 7.94 23.53
CA VAL F 190 44.77 8.45 23.93
C VAL F 190 45.81 8.27 22.82
N SER F 191 46.88 9.07 22.88
CA SER F 191 47.97 9.01 21.91
C SER F 191 49.26 8.30 22.30
N LEU F 192 49.78 7.52 21.36
CA LEU F 192 51.04 6.80 21.53
C LEU F 192 52.37 7.48 21.67
N ASN F 193 52.51 8.46 20.78
CA ASN F 193 53.71 9.26 20.66
C ASN F 193 53.48 10.66 20.10
N ASP F 194 54.55 11.26 19.57
CA ASP F 194 54.43 12.60 19.01
C ASP F 194 53.93 12.40 17.59
N ALA F 195 54.04 11.15 17.16
CA ALA F 195 53.68 10.72 15.82
C ALA F 195 52.21 10.84 15.48
N ARG F 196 51.97 11.40 14.29
CA ARG F 196 50.64 11.63 13.77
C ARG F 196 49.88 10.34 13.47
N HIS F 197 48.56 10.35 13.59
CA HIS F 197 47.74 9.19 13.26
C HIS F 197 46.30 9.63 12.94
N PHE F 198 45.52 8.75 12.32
CA PHE F 198 44.14 9.08 11.98
C PHE F 198 43.15 8.13 12.68
N THR F 199 42.45 8.65 13.68
CA THR F 199 41.50 7.85 14.45
C THR F 199 40.07 8.04 13.95
N GLY F 200 39.35 6.93 13.80
CA GLY F 200 37.97 6.92 13.37
C GLY F 200 37.12 6.19 14.40
N ALA F 201 35.93 6.70 14.66
CA ALA F 201 35.06 6.07 15.65
C ALA F 201 33.55 6.19 15.41
N ARG F 202 32.83 5.19 15.90
CA ARG F 202 31.39 5.10 15.80
C ARG F 202 30.78 4.30 16.94
N PHE F 203 30.01 5.00 17.76
CA PHE F 203 29.37 4.33 18.89
C PHE F 203 27.86 4.50 18.66
N THR F 204 27.16 3.41 18.37
CA THR F 204 25.72 3.48 18.19
C THR F 204 25.00 2.93 19.42
N ILE F 205 23.88 3.54 19.78
CA ILE F 205 23.16 3.13 20.98
C ILE F 205 21.64 3.13 20.83
N ASN F 206 21.03 2.05 21.28
CA ASN F 206 19.59 1.88 21.26
C ASN F 206 19.11 1.93 22.68
N VAL F 207 18.19 2.87 22.95
CA VAL F 207 17.68 3.03 24.29
C VAL F 207 16.21 2.66 24.33
N ALA F 208 15.92 1.51 24.93
CA ALA F 208 14.56 1.02 25.03
C ALA F 208 13.77 1.82 26.06
N ALA F 209 12.48 1.51 26.16
CA ALA F 209 11.58 2.17 27.09
C ALA F 209 12.03 2.14 28.54
N ASN F 210 11.93 3.30 29.21
CA ASN F 210 12.32 3.43 30.61
C ASN F 210 13.80 3.20 30.95
N ALA F 211 14.66 3.15 29.92
CA ALA F 211 16.10 2.96 30.13
C ALA F 211 16.79 4.29 30.40
N HIS F 212 17.94 4.24 31.08
CA HIS F 212 18.68 5.45 31.39
C HIS F 212 20.14 5.32 30.98
N LEU F 213 20.59 6.23 30.12
CA LEU F 213 21.96 6.22 29.62
C LEU F 213 22.80 7.40 30.09
N GLN F 214 24.03 7.13 30.52
CA GLN F 214 24.97 8.19 30.86
C GLN F 214 26.24 7.94 30.05
N HIS F 215 26.44 8.76 29.02
CA HIS F 215 27.61 8.62 28.14
C HIS F 215 28.68 9.69 28.31
N ILE F 216 29.92 9.25 28.39
CA ILE F 216 31.08 10.12 28.55
C ILE F 216 32.16 9.81 27.51
N LYS F 217 32.69 10.84 26.86
CA LYS F 217 33.73 10.66 25.86
C LYS F 217 34.98 11.48 26.16
N LEU F 218 36.13 10.80 26.18
CA LEU F 218 37.40 11.47 26.46
C LEU F 218 38.39 11.26 25.31
N ALA F 219 38.43 12.23 24.39
CA ALA F 219 39.36 12.16 23.26
C ALA F 219 40.63 12.89 23.64
N PHE F 220 41.63 12.15 24.09
CA PHE F 220 42.87 12.75 24.56
C PHE F 220 44.11 12.38 23.75
N GLU F 221 44.00 12.43 22.44
CA GLU F 221 45.11 12.09 21.55
C GLU F 221 46.08 13.27 21.43
N ASN F 222 47.25 13.00 20.85
CA ASN F 222 48.32 13.99 20.72
C ASN F 222 47.94 15.21 19.88
N PRO F 223 48.71 16.29 19.97
CA PRO F 223 48.46 17.54 19.24
C PRO F 223 48.51 17.44 17.72
N LEU F 224 49.10 16.38 17.17
CA LEU F 224 49.24 16.25 15.72
C LEU F 224 48.30 15.31 14.98
N SER F 225 47.42 14.63 15.69
CA SER F 225 46.52 13.64 15.11
C SER F 225 45.17 14.14 14.58
N HIS F 226 44.56 13.23 13.83
CA HIS F 226 43.25 13.37 13.20
C HIS F 226 42.25 12.47 13.88
N HIS F 227 41.12 13.09 14.20
CA HIS F 227 40.03 12.39 14.85
C HIS F 227 38.70 12.62 14.17
N PHE F 228 38.15 11.58 13.58
CA PHE F 228 36.87 11.69 12.92
C PHE F 228 36.01 10.61 13.56
N ALA F 229 34.97 10.99 14.30
CA ALA F 229 34.17 9.97 14.96
C ALA F 229 32.69 10.21 14.68
N HIS F 230 31.86 9.18 14.81
CA HIS F 230 30.44 9.42 14.56
C HIS F 230 29.54 8.49 15.36
N ASN F 231 28.90 9.05 16.37
CA ASN F 231 27.99 8.28 17.21
C ASN F 231 26.52 8.51 16.92
N ASP F 232 25.72 7.48 17.12
CA ASP F 232 24.28 7.54 16.92
C ASP F 232 23.53 7.17 18.20
N LEU F 233 22.44 7.86 18.48
CA LEU F 233 21.63 7.55 19.65
C LEU F 233 20.16 7.37 19.27
N LEU F 234 19.61 6.20 19.55
CA LEU F 234 18.21 5.93 19.25
C LEU F 234 17.46 5.66 20.55
N LEU F 235 16.48 6.51 20.83
CA LEU F 235 15.68 6.42 22.05
C LEU F 235 14.22 6.07 21.81
N ALA F 236 13.74 5.16 22.66
CA ALA F 236 12.36 4.73 22.66
C ALA F 236 11.58 5.61 23.64
N GLU F 237 10.41 5.15 24.05
CA GLU F 237 9.54 5.91 24.95
C GLU F 237 10.05 5.93 26.40
N ASP F 238 9.73 6.99 27.12
CA ASP F 238 10.14 7.13 28.52
C ASP F 238 11.64 6.97 28.73
N ALA F 239 12.44 7.37 27.75
CA ALA F 239 13.89 7.23 27.90
C ALA F 239 14.62 8.51 28.28
N THR F 240 15.77 8.32 28.90
CA THR F 240 16.63 9.42 29.33
C THR F 240 18.07 9.15 28.92
N ALA F 241 18.72 10.13 28.32
CA ALA F 241 20.10 9.95 27.89
C ALA F 241 20.88 11.22 28.11
N PHE F 242 21.99 11.08 28.83
CA PHE F 242 22.87 12.19 29.11
C PHE F 242 24.22 11.88 28.49
N SER F 243 24.77 12.85 27.76
CA SER F 243 26.06 12.69 27.12
C SER F 243 27.01 13.86 27.37
N HIS F 244 28.21 13.55 27.87
CA HIS F 244 29.20 14.57 28.17
C HIS F 244 30.46 14.21 27.40
N SER F 245 30.87 15.11 26.52
CA SER F 245 32.04 14.89 25.69
C SER F 245 33.14 15.89 26.01
N PHE F 246 34.35 15.38 26.22
CA PHE F 246 35.50 16.22 26.50
C PHE F 246 36.48 16.02 25.35
N LEU F 247 36.41 16.96 24.41
CA LEU F 247 37.21 16.89 23.21
C LEU F 247 38.53 17.61 23.40
N LEU F 248 39.53 16.87 23.86
CA LEU F 248 40.80 17.48 24.15
C LEU F 248 42.04 16.85 23.51
N GLY F 249 42.12 16.80 22.19
CA GLY F 249 43.30 16.21 21.56
C GLY F 249 43.20 16.00 20.06
N GLY F 250 44.34 16.07 19.38
CA GLY F 250 44.34 15.89 17.94
C GLY F 250 44.58 17.19 17.21
N ALA F 251 45.19 17.12 16.03
CA ALA F 251 45.43 18.32 15.22
C ALA F 251 44.07 18.78 14.76
N VAL F 252 43.25 17.83 14.32
CA VAL F 252 41.90 18.14 13.90
C VAL F 252 41.04 17.03 14.50
N LEU F 253 40.07 17.43 15.33
CA LEU F 253 39.18 16.48 15.98
C LEU F 253 37.76 16.95 15.71
N ARG F 254 36.88 16.04 15.32
CA ARG F 254 35.51 16.44 15.07
C ARG F 254 34.51 15.48 15.72
N HIS F 255 33.80 15.99 16.72
CA HIS F 255 32.84 15.16 17.43
C HIS F 255 31.39 15.59 17.25
N ASN F 256 30.62 14.57 16.96
CA ASN F 256 29.19 14.56 16.71
C ASN F 256 28.31 13.71 17.61
N THR F 257 27.14 14.21 17.96
CA THR F 257 26.21 13.35 18.67
C THR F 257 24.86 13.47 17.98
N SER F 258 24.44 12.41 17.30
CA SER F 258 23.15 12.42 16.63
C SER F 258 22.14 11.58 17.39
N THR F 259 20.94 12.14 17.58
CA THR F 259 19.91 11.43 18.34
C THR F 259 18.52 11.49 17.67
N GLN F 260 17.75 10.43 17.83
CA GLN F 260 16.38 10.35 17.32
C GLN F 260 15.49 9.90 18.46
N LEU F 261 14.46 10.70 18.73
CA LEU F 261 13.50 10.34 19.78
C LEU F 261 12.24 9.76 19.17
N ASN F 262 12.19 8.42 19.05
CA ASN F 262 11.05 7.69 18.42
C ASN F 262 10.09 7.24 19.51
N GLY F 263 10.15 7.84 20.71
CA GLY F 263 9.27 7.44 21.79
C GLY F 263 8.83 8.56 22.71
N GLU F 264 7.64 8.39 23.32
CA GLU F 264 7.07 9.40 24.22
C GLU F 264 7.74 9.55 25.57
N ASN F 265 7.54 10.72 26.17
CA ASN F 265 8.00 11.02 27.52
C ASN F 265 9.51 10.92 27.70
N SER F 266 10.29 11.29 26.69
CA SER F 266 11.73 11.19 26.91
C SER F 266 12.44 12.50 27.19
N THR F 267 13.57 12.40 27.88
CA THR F 267 14.40 13.55 28.24
C THR F 267 15.82 13.35 27.72
N LEU F 268 16.37 14.33 27.03
CA LEU F 268 17.71 14.16 26.50
C LEU F 268 18.63 15.36 26.79
N ARG F 269 19.89 15.07 27.12
CA ARG F 269 20.89 16.10 27.33
C ARG F 269 22.19 15.70 26.67
N ILE F 270 22.75 16.60 25.88
CA ILE F 270 24.00 16.36 25.18
C ILE F 270 24.95 17.54 25.36
N ASN F 271 26.04 17.31 26.09
CA ASN F 271 27.02 18.36 26.33
C ASN F 271 28.38 18.02 25.72
N SER F 272 29.22 19.05 25.60
CA SER F 272 30.57 18.89 25.08
C SER F 272 31.44 20.11 25.37
N LEU F 273 32.74 19.86 25.56
CA LEU F 273 33.71 20.92 25.81
C LEU F 273 34.89 20.84 24.84
N ALA F 274 35.16 21.94 24.16
CA ALA F 274 36.28 22.02 23.23
C ALA F 274 37.34 23.02 23.67
N MET F 275 38.60 22.59 23.72
CA MET F 275 39.70 23.47 24.12
C MET F 275 40.93 23.41 23.18
N PRO F 276 40.81 23.94 21.95
CA PRO F 276 41.91 23.92 20.99
C PRO F 276 43.03 24.93 21.29
N VAL F 277 44.28 24.50 21.16
CA VAL F 277 45.43 25.39 21.36
C VAL F 277 46.09 25.54 19.98
N LYS F 278 47.21 26.25 19.91
CA LYS F 278 47.95 26.56 18.68
C LYS F 278 47.70 25.65 17.48
N ASN F 279 47.04 26.21 16.47
CA ASN F 279 46.75 25.55 15.20
C ASN F 279 45.87 24.31 15.26
N GLU F 280 45.39 23.94 16.43
CA GLU F 280 44.59 22.73 16.48
C GLU F 280 43.16 23.15 16.15
N VAL F 281 42.36 22.22 15.67
CA VAL F 281 40.97 22.53 15.37
C VAL F 281 39.99 21.59 16.04
N CYS F 282 39.10 22.12 16.87
CA CYS F 282 38.12 21.26 17.50
C CYS F 282 36.74 21.69 17.05
N ASP F 283 36.09 20.81 16.30
CA ASP F 283 34.80 21.12 15.71
C ASP F 283 33.79 20.19 16.40
N THR F 284 32.89 20.76 17.18
CA THR F 284 31.91 19.93 17.86
C THR F 284 30.50 20.22 17.36
N ARG F 285 29.86 19.17 16.85
CA ARG F 285 28.55 19.25 16.23
C ARG F 285 27.59 18.19 16.77
N THR F 286 26.30 18.50 16.76
CA THR F 286 25.25 17.60 17.19
C THR F 286 24.07 17.67 16.24
N TRP F 287 23.32 16.58 16.16
CA TRP F 287 22.19 16.49 15.25
C TRP F 287 21.03 15.87 16.01
N LEU F 288 19.92 16.59 16.03
CA LEU F 288 18.75 16.15 16.77
C LEU F 288 17.46 16.18 16.00
N GLU F 289 16.72 15.07 16.05
CA GLU F 289 15.42 15.01 15.42
C GLU F 289 14.37 14.69 16.47
N HIS F 290 13.43 15.61 16.66
CA HIS F 290 12.32 15.36 17.56
C HIS F 290 11.17 14.86 16.71
N ASN F 291 11.05 13.54 16.54
CA ASN F 291 9.99 13.06 15.69
C ASN F 291 8.66 12.85 16.39
N LYS F 292 8.72 12.63 17.70
CA LYS F 292 7.49 12.50 18.47
C LYS F 292 7.43 13.51 19.62
N GLY F 293 6.25 13.71 20.19
CA GLY F 293 6.03 14.65 21.26
C GLY F 293 6.38 14.14 22.66
N PHE F 294 6.11 14.97 23.66
CA PHE F 294 6.35 14.67 25.08
C PHE F 294 7.84 14.48 25.30
N CYS F 295 8.68 15.06 24.44
CA CYS F 295 10.11 14.91 24.63
C CYS F 295 10.80 16.14 25.20
N ASN F 296 11.86 15.89 25.95
CA ASN F 296 12.66 16.95 26.57
C ASN F 296 14.10 16.93 26.10
N SER F 297 14.60 18.07 25.61
CA SER F 297 15.99 18.13 25.17
C SER F 297 16.74 19.31 25.77
N ARG F 298 17.98 19.07 26.20
CA ARG F 298 18.80 20.13 26.75
C ARG F 298 20.18 20.06 26.12
N GLN F 299 20.75 21.18 25.69
CA GLN F 299 22.08 21.13 25.11
C GLN F 299 22.98 22.26 25.63
N LEU F 300 24.18 21.88 26.07
CA LEU F 300 25.15 22.86 26.55
C LEU F 300 26.51 22.59 25.92
N HIS F 301 26.94 23.46 25.03
CA HIS F 301 28.23 23.26 24.39
C HIS F 301 29.14 24.43 24.71
N LYS F 302 30.24 24.19 25.38
CA LYS F 302 31.12 25.30 25.70
C LYS F 302 32.46 25.09 25.03
N THR F 303 33.14 26.18 24.68
CA THR F 303 34.44 26.10 24.03
C THR F 303 35.43 27.13 24.54
N ILE F 304 36.71 26.78 24.51
CA ILE F 304 37.79 27.66 24.92
C ILE F 304 38.83 27.52 23.83
N VAL F 305 39.04 28.57 23.05
CA VAL F 305 40.00 28.47 21.95
C VAL F 305 41.25 29.31 22.14
N SER F 306 42.40 28.64 22.09
CA SER F 306 43.68 29.33 22.23
C SER F 306 44.45 29.56 20.93
N ASP F 307 45.46 30.43 21.07
CA ASP F 307 46.41 30.82 20.02
C ASP F 307 46.12 30.60 18.54
N LYS F 308 45.09 31.27 17.99
CA LYS F 308 44.72 31.21 16.56
C LYS F 308 44.10 29.85 16.18
N GLY F 309 43.73 29.10 17.21
CA GLY F 309 43.10 27.80 17.11
C GLY F 309 41.72 28.05 16.54
N ARG F 310 41.04 27.02 16.07
CA ARG F 310 39.72 27.23 15.50
C ARG F 310 38.68 26.18 15.85
N ALA F 311 37.59 26.66 16.46
CA ALA F 311 36.46 25.84 16.85
C ALA F 311 35.26 26.04 15.93
N VAL F 312 34.58 24.96 15.61
CA VAL F 312 33.40 25.02 14.75
C VAL F 312 32.26 24.31 15.46
N PHE F 313 31.09 24.94 15.52
CA PHE F 313 29.95 24.30 16.16
C PHE F 313 28.76 24.26 15.22
N ASN F 314 28.06 23.13 15.25
CA ASN F 314 26.86 22.93 14.46
C ASN F 314 25.82 22.14 15.24
N GLY F 315 24.67 22.75 15.46
CA GLY F 315 23.64 22.08 16.21
C GLY F 315 22.32 22.23 15.52
N LEU F 316 21.89 21.15 14.88
CA LEU F 316 20.64 21.12 14.15
C LEU F 316 19.59 20.45 15.02
N ILE F 317 18.43 21.08 15.12
CA ILE F 317 17.32 20.49 15.86
C ILE F 317 16.11 20.45 14.97
N ASN F 318 15.62 19.26 14.67
CA ASN F 318 14.43 19.14 13.84
C ASN F 318 13.28 18.59 14.66
N VAL F 319 12.15 19.30 14.63
CA VAL F 319 10.97 18.84 15.36
C VAL F 319 9.87 18.47 14.36
N ALA F 320 9.57 17.18 14.22
CA ALA F 320 8.58 16.66 13.28
C ALA F 320 7.15 17.11 13.65
N GLN F 321 6.24 17.09 12.69
CA GLN F 321 4.88 17.50 12.98
C GLN F 321 4.29 16.56 14.03
N HIS F 322 3.39 17.11 14.84
CA HIS F 322 2.69 16.33 15.86
C HIS F 322 3.58 16.09 17.08
N ALA F 323 4.85 16.49 17.00
CA ALA F 323 5.75 16.30 18.12
C ALA F 323 5.49 17.48 19.05
N ILE F 324 4.23 17.60 19.46
CA ILE F 324 3.73 18.66 20.34
C ILE F 324 4.33 18.58 21.74
N LYS F 325 4.33 19.72 22.45
CA LYS F 325 4.85 19.84 23.83
C LYS F 325 6.34 19.50 23.94
N THR F 326 7.05 19.63 22.82
CA THR F 326 8.49 19.43 22.79
C THR F 326 9.14 20.63 23.47
N ASP F 327 10.17 20.39 24.29
CA ASP F 327 10.86 21.49 24.96
C ASP F 327 12.38 21.42 24.84
N GLY F 328 12.93 22.15 23.87
CA GLY F 328 14.36 22.13 23.63
C GLY F 328 15.17 23.41 23.62
N GLN F 329 16.30 23.39 24.32
CA GLN F 329 17.21 24.53 24.41
C GLN F 329 18.65 24.09 24.15
N MET F 330 19.42 25.03 23.61
CA MET F 330 20.82 24.84 23.27
C MET F 330 21.59 26.12 23.57
N THR F 331 22.69 25.96 24.30
CA THR F 331 23.53 27.08 24.67
C THR F 331 24.98 26.77 24.34
N ASN F 332 25.65 27.77 23.79
CA ASN F 332 27.04 27.64 23.40
C ASN F 332 27.85 28.83 23.86
N ASN F 333 28.68 28.72 24.91
CA ASN F 333 29.43 29.89 25.31
C ASN F 333 30.87 29.72 24.91
N ASN F 334 31.41 30.65 24.13
CA ASN F 334 32.79 30.51 23.62
C ASN F 334 33.75 31.59 24.17
N LEU F 335 34.91 31.12 24.64
CA LEU F 335 35.93 31.99 25.20
C LEU F 335 37.21 31.95 24.34
N LEU F 336 37.60 33.13 23.84
CA LEU F 336 38.79 33.29 23.01
C LEU F 336 39.95 33.87 23.79
N MET F 337 41.11 33.19 23.76
CA MET F 337 42.26 33.65 24.53
C MET F 337 43.18 34.64 23.79
N GLY F 338 43.15 34.69 22.45
CA GLY F 338 44.06 35.62 21.80
C GLY F 338 43.46 36.33 20.60
N LYS F 339 44.23 37.24 20.01
CA LYS F 339 43.72 38.07 18.91
C LYS F 339 43.52 37.42 17.53
N LEU F 340 44.00 36.22 17.32
CA LEU F 340 43.78 35.61 16.02
C LEU F 340 42.93 34.34 16.15
N ALA F 341 42.41 34.09 17.36
CA ALA F 341 41.66 32.85 17.55
C ALA F 341 40.30 33.02 16.88
N GLU F 342 39.73 31.90 16.47
CA GLU F 342 38.46 31.87 15.75
C GLU F 342 37.48 30.81 16.23
N VAL F 343 36.20 31.07 15.99
CA VAL F 343 35.12 30.16 16.33
C VAL F 343 34.02 30.36 15.29
N ASP F 344 33.54 29.24 14.76
CA ASP F 344 32.51 29.25 13.73
C ASP F 344 31.29 28.42 14.09
N THR F 345 30.45 28.96 14.96
CA THR F 345 29.27 28.25 15.39
C THR F 345 28.09 28.48 14.46
N LYS F 346 27.40 27.39 14.10
CA LYS F 346 26.26 27.50 13.21
C LYS F 346 25.10 26.60 13.66
N PRO F 347 24.29 27.11 14.59
CA PRO F 347 23.11 26.44 15.12
C PRO F 347 21.93 26.60 14.16
N GLN F 348 21.03 25.63 14.08
CA GLN F 348 19.92 25.77 13.17
C GLN F 348 18.66 25.21 13.82
N LEU F 349 17.50 25.58 13.29
CA LEU F 349 16.26 25.11 13.89
C LEU F 349 15.21 24.77 12.82
N GLU F 350 14.60 23.58 12.90
CA GLU F 350 13.53 23.22 11.97
C GLU F 350 12.26 22.75 12.69
N ILE F 351 11.28 23.65 12.78
CA ILE F 351 10.03 23.40 13.49
C ILE F 351 8.78 23.28 12.61
N TYR F 352 8.14 22.12 12.65
CA TYR F 352 6.95 21.93 11.83
C TYR F 352 5.73 21.69 12.73
N ALA F 353 5.81 22.14 13.97
CA ALA F 353 4.70 22.03 14.93
C ALA F 353 4.64 23.28 15.79
N ASP F 354 3.46 23.85 15.99
CA ASP F 354 3.39 25.09 16.76
C ASP F 354 3.34 24.91 18.27
N ASP F 355 2.61 23.90 18.74
CA ASP F 355 2.49 23.67 20.17
C ASP F 355 3.76 23.05 20.76
N VAL F 356 4.86 23.79 20.70
CA VAL F 356 6.14 23.30 21.22
C VAL F 356 6.89 24.45 21.88
N LYS F 357 8.01 24.13 22.54
CA LYS F 357 8.86 25.15 23.15
C LYS F 357 10.33 24.86 22.87
N CYS F 358 10.89 25.50 21.86
CA CYS F 358 12.29 25.29 21.50
C CYS F 358 12.97 26.66 21.50
N SER F 359 14.24 26.67 21.91
CA SER F 359 14.97 27.95 21.92
C SER F 359 16.43 27.66 21.93
N HIS F 360 17.22 28.60 21.42
CA HIS F 360 18.63 28.33 21.43
C HIS F 360 19.39 29.64 21.78
N GLY F 361 20.58 29.56 22.34
CA GLY F 361 21.30 30.78 22.67
C GLY F 361 22.77 30.50 22.56
N ALA F 362 23.57 31.47 22.13
CA ALA F 362 25.01 31.24 22.01
C ALA F 362 25.74 32.51 22.35
N THR F 363 26.87 32.39 23.03
CA THR F 363 27.62 33.58 23.38
C THR F 363 29.08 33.45 23.03
N VAL F 364 29.69 34.60 22.81
CA VAL F 364 31.11 34.76 22.51
C VAL F 364 31.58 36.00 23.24
N GLY F 365 32.72 35.91 23.92
CA GLY F 365 33.24 37.05 24.63
C GLY F 365 34.63 36.82 25.15
N ARG F 366 35.21 37.87 25.72
CA ARG F 366 36.57 37.78 26.23
C ARG F 366 36.65 37.69 27.73
N ILE F 367 37.84 37.31 28.19
CA ILE F 367 38.14 37.25 29.61
C ILE F 367 37.86 38.67 30.12
N ASP F 368 37.33 38.83 31.33
CA ASP F 368 37.10 40.18 31.82
C ASP F 368 38.44 40.76 32.26
N ASP F 369 39.02 41.58 31.38
CA ASP F 369 40.34 42.16 31.65
C ASP F 369 40.39 42.97 32.95
N GLU F 370 39.27 43.57 33.33
CA GLU F 370 39.24 44.36 34.55
C GLU F 370 39.34 43.41 35.73
N GLN F 371 38.71 42.25 35.55
CA GLN F 371 38.68 41.16 36.52
C GLN F 371 40.06 40.51 36.62
N ILE F 372 40.72 40.39 35.48
CA ILE F 372 42.06 39.80 35.41
C ILE F 372 43.04 40.63 36.21
N PHE F 373 42.96 41.95 36.03
CA PHE F 373 43.85 42.85 36.75
C PHE F 373 43.61 42.80 38.24
N TYR F 374 42.35 42.67 38.65
CA TYR F 374 42.03 42.59 40.06
C TYR F 374 42.68 41.38 40.69
N LEU F 375 42.57 40.24 40.02
CA LEU F 375 43.15 39.01 40.52
C LEU F 375 44.67 39.20 40.62
N ARG F 376 45.25 39.74 39.54
CA ARG F 376 46.68 40.01 39.46
C ARG F 376 47.20 41.07 40.44
N SER F 377 46.43 42.14 40.62
CA SER F 377 46.84 43.24 41.50
C SER F 377 46.92 42.86 42.96
N ARG F 378 46.37 41.68 43.26
CA ARG F 378 46.41 41.17 44.61
C ARG F 378 47.57 40.14 44.75
N GLY F 379 48.28 39.88 43.64
CA GLY F 379 49.41 38.97 43.68
C GLY F 379 49.48 37.67 42.86
N ILE F 380 48.38 37.23 42.28
CA ILE F 380 48.41 35.99 41.50
C ILE F 380 49.10 36.18 40.15
N ASN F 381 50.08 35.32 39.87
CA ASN F 381 50.86 35.40 38.64
C ASN F 381 49.97 35.13 37.43
N GLN F 382 50.43 35.63 36.28
CA GLN F 382 49.70 35.53 35.01
C GLN F 382 49.14 34.13 34.69
N GLN F 383 49.99 33.09 34.73
CA GLN F 383 49.52 31.74 34.43
C GLN F 383 48.38 31.29 35.36
N ASP F 384 48.57 31.49 36.66
CA ASP F 384 47.58 31.10 37.67
C ASP F 384 46.29 31.93 37.58
N ALA F 385 46.43 33.20 37.19
CA ALA F 385 45.28 34.10 37.03
C ALA F 385 44.34 33.61 35.94
N GLN F 386 44.91 33.29 34.79
CA GLN F 386 44.16 32.77 33.64
C GLN F 386 43.43 31.49 34.05
N GLN F 387 44.13 30.65 34.80
CA GLN F 387 43.62 29.36 35.27
C GLN F 387 42.39 29.35 36.18
N MET F 388 42.31 30.26 37.15
CA MET F 388 41.14 30.30 38.03
C MET F 388 39.81 30.53 37.33
N ILE F 389 39.82 31.43 36.35
CA ILE F 389 38.61 31.79 35.61
C ILE F 389 38.12 30.72 34.64
N ILE F 390 39.07 30.03 34.00
CA ILE F 390 38.73 28.97 33.06
C ILE F 390 38.06 27.75 33.69
N TYR F 391 38.56 27.30 34.84
CA TYR F 391 37.92 26.16 35.48
C TYR F 391 36.49 26.52 35.86
N ALA F 392 36.32 27.77 36.27
CA ALA F 392 35.01 28.28 36.63
C ALA F 392 34.11 28.38 35.41
N PHE F 393 34.71 28.75 34.28
CA PHE F 393 33.98 28.89 33.03
C PHE F 393 33.38 27.56 32.57
N ALA F 394 34.17 26.49 32.67
CA ALA F 394 33.74 25.15 32.26
C ALA F 394 33.09 24.35 33.39
N ALA F 395 33.04 24.93 34.57
CA ALA F 395 32.51 24.31 35.77
C ALA F 395 31.15 23.59 35.71
N GLU F 396 30.14 24.18 35.08
CA GLU F 396 28.82 23.53 35.05
C GLU F 396 28.73 22.20 34.29
N LEU F 397 29.60 22.00 33.31
CA LEU F 397 29.62 20.76 32.54
C LEU F 397 30.44 19.71 33.30
N THR F 398 31.55 20.15 33.88
CA THR F 398 32.51 19.35 34.63
C THR F 398 31.99 18.82 35.97
N GLU F 399 31.13 19.59 36.62
CA GLU F 399 30.54 19.18 37.90
C GLU F 399 29.60 17.99 37.70
N ALA F 400 29.13 17.81 36.46
CA ALA F 400 28.22 16.71 36.12
C ALA F 400 28.95 15.36 36.19
N LEU F 401 30.29 15.42 36.22
CA LEU F 401 31.12 14.23 36.36
C LEU F 401 30.89 13.65 37.75
N ARG F 402 30.27 12.47 37.81
CA ARG F 402 29.94 11.85 39.09
C ARG F 402 31.13 11.37 39.93
N ASP F 403 32.16 10.85 39.28
CA ASP F 403 33.34 10.37 39.99
C ASP F 403 34.28 11.54 40.31
N GLU F 404 34.29 12.01 41.55
CA GLU F 404 35.14 13.13 41.93
C GLU F 404 36.59 12.80 41.54
N GLY F 405 37.00 11.57 41.84
CA GLY F 405 38.32 11.06 41.54
C GLY F 405 38.64 11.23 40.07
N LEU F 406 37.65 10.89 39.23
CA LEU F 406 37.72 10.97 37.77
C LEU F 406 37.84 12.41 37.29
N LYS F 407 37.06 13.30 37.90
CA LYS F 407 37.05 14.70 37.57
C LYS F 407 38.46 15.32 37.50
N GLN F 408 39.32 14.94 38.43
CA GLN F 408 40.67 15.50 38.49
C GLN F 408 41.56 15.19 37.28
N GLN F 409 41.44 14.00 36.69
CA GLN F 409 42.24 13.66 35.51
C GLN F 409 41.70 14.41 34.30
N VAL F 410 40.39 14.62 34.27
CA VAL F 410 39.78 15.36 33.18
C VAL F 410 40.26 16.78 33.37
N LEU F 411 40.29 17.21 34.63
CA LEU F 411 40.76 18.53 34.99
C LEU F 411 42.25 18.66 34.67
N ALA F 412 43.01 17.59 34.89
CA ALA F 412 44.45 17.60 34.62
C ALA F 412 44.80 17.85 33.15
N ARG F 413 44.08 17.26 32.21
CA ARG F 413 44.37 17.50 30.80
C ARG F 413 44.06 18.95 30.48
N ILE F 414 42.98 19.44 31.06
CA ILE F 414 42.61 20.83 30.85
C ILE F 414 43.79 21.56 31.44
N GLY F 415 44.14 21.19 32.67
CA GLY F 415 45.24 21.82 33.34
C GLY F 415 46.51 21.71 32.50
N GLN F 416 46.65 20.61 31.77
CA GLN F 416 47.84 20.44 30.94
C GLN F 416 47.81 21.38 29.74
N ARG F 417 46.62 21.86 29.38
CA ARG F 417 46.50 22.72 28.22
C ARG F 417 46.47 24.20 28.56
N LEU F 418 46.50 24.51 29.85
CA LEU F 418 46.53 25.88 30.30
C LEU F 418 47.99 26.37 30.27
N PRO F 419 48.26 27.60 30.72
CA PRO F 419 49.63 27.94 31.10
C PRO F 419 50.08 27.38 32.45
N GLY F 420 50.72 26.21 32.40
CA GLY F 420 51.21 25.56 33.61
C GLY F 420 50.51 24.23 33.84
N GLY F 421 50.89 23.54 34.90
CA GLY F 421 50.28 22.26 35.23
C GLY F 421 49.94 22.15 36.70
N MET G 1 -33.25 36.29 30.84
CA MET G 1 -33.56 35.08 31.61
C MET G 1 -32.63 33.94 31.23
N LEU G 2 -32.31 33.10 32.21
CA LEU G 2 -31.49 31.93 31.94
C LEU G 2 -32.25 30.68 32.33
N SER G 3 -32.37 29.76 31.39
CA SER G 3 -33.08 28.50 31.57
C SER G 3 -32.24 27.34 31.03
N ILE G 4 -31.83 26.45 31.94
CA ILE G 4 -31.03 25.30 31.56
C ILE G 4 -31.89 24.05 31.61
N LYS G 5 -31.89 23.31 30.50
CA LYS G 5 -32.69 22.11 30.36
C LYS G 5 -31.87 20.89 29.93
N ASP G 6 -31.92 19.85 30.76
CA ASP G 6 -31.29 18.53 30.55
C ASP G 6 -30.07 18.52 29.62
N LEU G 7 -29.15 19.44 29.86
CA LEU G 7 -27.95 19.58 29.02
C LEU G 7 -27.04 18.35 29.14
N HIS G 8 -26.67 17.75 28.02
CA HIS G 8 -25.76 16.60 28.09
C HIS G 8 -24.46 16.91 27.37
N VAL G 9 -23.35 16.72 28.06
CA VAL G 9 -22.02 17.01 27.51
C VAL G 9 -20.97 15.94 27.85
N SER G 10 -20.17 15.59 26.85
CA SER G 10 -19.09 14.62 27.07
C SER G 10 -17.79 15.32 26.71
N VAL G 11 -16.70 14.91 27.36
CA VAL G 11 -15.39 15.51 27.09
C VAL G 11 -14.34 14.44 26.76
N GLU G 12 -13.73 14.58 25.59
CA GLU G 12 -12.68 13.66 25.13
C GLU G 12 -13.13 12.20 25.23
N ASP G 13 -14.35 11.94 24.77
CA ASP G 13 -15.00 10.63 24.73
C ASP G 13 -15.43 10.03 26.07
N LYS G 14 -15.96 10.85 26.97
CA LYS G 14 -16.46 10.37 28.27
C LYS G 14 -17.52 11.33 28.81
N ALA G 15 -18.70 10.78 29.11
CA ALA G 15 -19.84 11.50 29.65
C ALA G 15 -19.69 11.95 31.11
N ILE G 16 -19.67 13.26 31.32
CA ILE G 16 -19.55 13.85 32.65
C ILE G 16 -20.88 14.36 33.18
N LEU G 17 -21.48 15.32 32.48
CA LEU G 17 -22.79 15.84 32.88
C LEU G 17 -23.90 15.03 32.22
N ARG G 18 -24.83 14.57 33.05
CA ARG G 18 -25.92 13.68 32.64
C ARG G 18 -27.33 14.31 32.92
N GLY G 19 -27.57 15.50 32.40
CA GLY G 19 -28.89 16.06 32.64
C GLY G 19 -28.97 17.11 33.72
N LEU G 20 -28.60 18.33 33.37
CA LEU G 20 -28.64 19.43 34.34
C LEU G 20 -29.70 20.44 33.96
N SER G 21 -30.50 20.83 34.96
CA SER G 21 -31.52 21.84 34.74
C SER G 21 -31.42 22.89 35.83
N LEU G 22 -31.44 24.14 35.40
CA LEU G 22 -31.35 25.28 36.30
C LEU G 22 -31.97 26.52 35.68
N ASP G 23 -32.66 27.32 36.48
CA ASP G 23 -33.28 28.52 35.94
C ASP G 23 -32.79 29.70 36.77
N VAL G 24 -32.22 30.67 36.07
CA VAL G 24 -31.66 31.87 36.68
C VAL G 24 -32.26 33.14 36.09
N HIS G 25 -32.83 33.97 36.96
CA HIS G 25 -33.46 35.21 36.54
C HIS G 25 -32.53 36.38 36.84
N PRO G 26 -32.74 37.53 36.15
CA PRO G 26 -31.93 38.73 36.36
C PRO G 26 -31.85 39.17 37.82
N GLY G 27 -30.69 39.67 38.24
CA GLY G 27 -30.51 40.14 39.60
C GLY G 27 -30.32 39.08 40.66
N GLU G 28 -30.18 37.84 40.25
CA GLU G 28 -30.02 36.75 41.20
C GLU G 28 -28.57 36.26 41.25
N VAL G 29 -28.15 35.82 42.43
CA VAL G 29 -26.81 35.28 42.62
C VAL G 29 -26.94 33.80 42.96
N HIS G 30 -26.34 32.95 42.14
CA HIS G 30 -26.42 31.52 42.33
C HIS G 30 -25.05 30.92 42.65
N ALA G 31 -25.01 30.03 43.64
CA ALA G 31 -23.76 29.36 44.00
C ALA G 31 -23.80 27.87 43.68
N ILE G 32 -22.77 27.40 42.96
CA ILE G 32 -22.62 25.99 42.63
C ILE G 32 -21.38 25.40 43.29
N MET G 33 -21.55 24.29 44.01
CA MET G 33 -20.43 23.67 44.73
C MET G 33 -20.33 22.16 44.50
N GLY G 34 -19.40 21.54 45.22
CA GLY G 34 -19.18 20.09 45.15
C GLY G 34 -17.72 19.73 44.93
N PRO G 35 -17.39 18.42 44.94
CA PRO G 35 -16.01 17.97 44.72
C PRO G 35 -15.56 18.00 43.27
N ASN G 36 -14.25 17.99 43.02
CA ASN G 36 -13.73 17.97 41.67
C ASN G 36 -14.01 16.66 40.93
N GLY G 37 -14.18 16.74 39.62
CA GLY G 37 -14.47 15.57 38.81
C GLY G 37 -15.94 15.31 38.58
N SER G 38 -16.77 16.15 39.18
CA SER G 38 -18.21 16.01 39.02
C SER G 38 -18.86 16.93 37.98
N GLY G 39 -18.08 17.71 37.23
CA GLY G 39 -18.66 18.52 36.18
C GLY G 39 -18.56 20.03 36.29
N LYS G 40 -18.16 20.52 37.46
CA LYS G 40 -18.06 21.97 37.72
C LYS G 40 -17.34 22.74 36.60
N SER G 41 -16.12 22.33 36.28
CA SER G 41 -15.29 23.02 35.30
C SER G 41 -15.90 22.89 33.91
N THR G 42 -16.53 21.76 33.64
CA THR G 42 -17.17 21.51 32.35
C THR G 42 -18.38 22.43 32.15
N LEU G 43 -19.12 22.68 33.23
CA LEU G 43 -20.30 23.54 33.14
C LEU G 43 -19.97 24.96 32.70
N SER G 44 -18.97 25.56 33.35
CA SER G 44 -18.55 26.92 33.01
C SER G 44 -18.06 26.95 31.57
N ALA G 45 -17.24 25.96 31.26
CA ALA G 45 -16.65 25.79 29.94
C ALA G 45 -17.70 25.58 28.87
N THR G 46 -18.74 24.82 29.21
CA THR G 46 -19.81 24.52 28.27
C THR G 46 -20.56 25.79 27.94
N LEU G 47 -20.76 26.61 28.96
CA LEU G 47 -21.46 27.87 28.77
C LEU G 47 -20.57 28.83 28.00
N ALA G 48 -19.29 28.84 28.34
CA ALA G 48 -18.34 29.74 27.68
C ALA G 48 -18.09 29.37 26.23
N GLY G 49 -18.07 28.08 25.91
CA GLY G 49 -17.86 27.68 24.53
C GLY G 49 -16.58 26.96 24.14
N ARG G 50 -15.89 26.31 25.08
CA ARG G 50 -14.68 25.58 24.72
C ARG G 50 -15.02 24.52 23.68
N GLU G 51 -14.22 24.49 22.61
CA GLU G 51 -14.44 23.61 21.47
C GLU G 51 -14.07 22.14 21.69
N ASP G 52 -13.37 21.81 22.77
CA ASP G 52 -13.05 20.40 22.92
C ASP G 52 -14.11 19.78 23.83
N TYR G 53 -15.21 20.51 23.97
CA TYR G 53 -16.35 20.06 24.75
C TYR G 53 -17.56 19.90 23.85
N GLU G 54 -17.88 18.65 23.52
CA GLU G 54 -18.99 18.36 22.62
C GLU G 54 -20.35 18.44 23.31
N VAL G 55 -21.18 19.43 22.93
CA VAL G 55 -22.50 19.49 23.53
C VAL G 55 -23.30 18.51 22.69
N THR G 56 -23.70 17.41 23.32
CA THR G 56 -24.44 16.35 22.65
C THR G 56 -25.95 16.38 22.92
N GLY G 57 -26.40 17.25 23.83
CA GLY G 57 -27.82 17.27 24.14
C GLY G 57 -28.28 18.24 25.21
N GLY G 58 -29.59 18.52 25.21
CA GLY G 58 -30.18 19.43 26.16
C GLY G 58 -30.25 20.82 25.57
N THR G 59 -30.76 21.78 26.32
CA THR G 59 -30.90 23.12 25.76
C THR G 59 -30.55 24.20 26.78
N VAL G 60 -30.20 25.36 26.24
CA VAL G 60 -29.85 26.57 26.98
C VAL G 60 -30.46 27.76 26.27
N GLU G 61 -31.46 28.42 26.87
CA GLU G 61 -32.03 29.55 26.16
C GLU G 61 -31.65 30.79 26.94
N PHE G 62 -31.25 31.83 26.20
CA PHE G 62 -30.85 33.09 26.81
C PHE G 62 -31.45 34.27 26.05
N LYS G 63 -32.15 35.16 26.75
CA LYS G 63 -32.78 36.34 26.12
C LYS G 63 -33.56 35.96 24.86
N GLY G 64 -34.24 34.82 24.92
CA GLY G 64 -35.03 34.32 23.81
C GLY G 64 -34.27 33.69 22.65
N LYS G 65 -32.97 33.45 22.81
CA LYS G 65 -32.19 32.79 21.75
C LYS G 65 -31.61 31.46 22.24
N ASP G 66 -31.40 30.51 21.33
CA ASP G 66 -30.78 29.24 21.68
C ASP G 66 -29.29 29.51 21.80
N LEU G 67 -28.76 29.41 23.01
CA LEU G 67 -27.36 29.72 23.22
C LEU G 67 -26.43 28.69 22.60
N LEU G 68 -26.82 27.42 22.65
CA LEU G 68 -25.97 26.38 22.08
C LEU G 68 -25.77 26.54 20.58
N ALA G 69 -26.62 27.36 19.95
CA ALA G 69 -26.53 27.61 18.52
C ALA G 69 -25.71 28.84 18.15
N LEU G 70 -25.38 29.69 19.11
CA LEU G 70 -24.59 30.88 18.81
C LEU G 70 -23.12 30.57 18.94
N SER G 71 -22.33 31.13 18.03
CA SER G 71 -20.89 30.96 18.08
C SER G 71 -20.36 31.74 19.27
N PRO G 72 -19.12 31.44 19.69
CA PRO G 72 -18.44 32.09 20.81
C PRO G 72 -18.40 33.63 20.70
N GLU G 73 -18.10 34.16 19.52
CA GLU G 73 -18.00 35.61 19.34
C GLU G 73 -19.36 36.26 19.62
N ASP G 74 -20.42 35.54 19.28
CA ASP G 74 -21.79 35.97 19.49
C ASP G 74 -22.20 35.91 20.96
N ARG G 75 -21.66 34.93 21.67
CA ARG G 75 -21.94 34.71 23.09
C ARG G 75 -21.53 35.82 24.06
N ALA G 76 -20.39 36.45 23.82
CA ALA G 76 -19.93 37.55 24.67
C ALA G 76 -20.82 38.77 24.52
N GLY G 77 -21.24 39.00 23.27
CA GLY G 77 -22.11 40.09 22.91
C GLY G 77 -23.42 40.03 23.66
N GLU G 78 -23.99 38.83 23.75
CA GLU G 78 -25.24 38.66 24.45
C GLU G 78 -25.11 39.02 25.94
N GLY G 79 -23.91 38.89 26.49
CA GLY G 79 -23.72 39.26 27.89
C GLY G 79 -23.07 38.27 28.86
N ILE G 80 -22.52 37.17 28.36
CA ILE G 80 -21.89 36.21 29.26
C ILE G 80 -20.38 36.41 29.43
N PHE G 81 -19.92 36.50 30.67
CA PHE G 81 -18.50 36.69 30.95
C PHE G 81 -18.03 35.66 31.97
N MET G 82 -16.90 35.01 31.70
CA MET G 82 -16.35 34.02 32.63
C MET G 82 -14.95 34.35 33.13
N ALA G 83 -14.76 34.45 34.44
CA ALA G 83 -13.40 34.67 34.93
C ALA G 83 -12.71 33.30 35.06
N PHE G 84 -11.73 33.05 34.21
CA PHE G 84 -11.01 31.76 34.20
C PHE G 84 -10.16 31.58 35.47
N GLN G 85 -10.01 30.34 35.90
CA GLN G 85 -9.16 29.98 37.03
C GLN G 85 -7.68 30.14 36.68
N TYR G 86 -7.35 29.92 35.42
CA TYR G 86 -5.96 30.04 35.00
C TYR G 86 -5.82 30.91 33.76
N PRO G 87 -5.83 32.25 33.96
CA PRO G 87 -5.71 33.33 32.98
C PRO G 87 -4.50 33.19 32.06
N VAL G 88 -4.72 33.47 30.80
CA VAL G 88 -3.70 33.32 29.77
C VAL G 88 -2.80 34.57 29.69
N GLU G 89 -1.52 34.35 29.40
CA GLU G 89 -0.57 35.44 29.24
C GLU G 89 -0.51 35.94 27.80
N ILE G 90 -0.56 37.26 27.62
CA ILE G 90 -0.51 37.85 26.28
C ILE G 90 0.67 38.79 26.11
N PRO G 91 1.87 38.24 25.88
CA PRO G 91 3.07 39.07 25.73
C PRO G 91 2.99 40.04 24.54
N GLY G 92 3.33 41.30 24.76
CA GLY G 92 3.32 42.28 23.69
C GLY G 92 2.05 43.07 23.50
N VAL G 93 1.02 42.78 24.27
CA VAL G 93 -0.26 43.48 24.11
C VAL G 93 -0.67 44.18 25.38
N SER G 94 -0.66 45.51 25.34
CA SER G 94 -1.02 46.30 26.51
C SER G 94 -2.49 46.12 26.82
N ASN G 95 -2.84 46.25 28.09
CA ASN G 95 -4.22 46.14 28.54
C ASN G 95 -5.16 47.15 27.90
N GLN G 96 -4.66 48.37 27.70
CA GLN G 96 -5.45 49.43 27.09
C GLN G 96 -5.92 49.05 25.69
N PHE G 97 -5.02 48.60 24.83
CA PHE G 97 -5.37 48.21 23.47
C PHE G 97 -6.32 47.01 23.51
N PHE G 98 -6.03 46.07 24.40
CA PHE G 98 -6.84 44.86 24.54
C PHE G 98 -8.26 45.24 24.90
N LEU G 99 -8.41 45.95 26.02
CA LEU G 99 -9.72 46.38 26.48
C LEU G 99 -10.41 47.23 25.43
N GLN G 100 -9.65 48.14 24.82
CA GLN G 100 -10.21 49.02 23.80
C GLN G 100 -10.75 48.20 22.64
N THR G 101 -9.96 47.23 22.18
CA THR G 101 -10.38 46.37 21.09
C THR G 101 -11.58 45.53 21.50
N ALA G 102 -11.52 44.99 22.71
CA ALA G 102 -12.58 44.16 23.24
C ALA G 102 -13.88 44.92 23.43
N LEU G 103 -13.79 46.10 24.04
CA LEU G 103 -14.98 46.92 24.27
C LEU G 103 -15.67 47.31 22.97
N ASN G 104 -14.90 47.85 22.02
CA ASN G 104 -15.45 48.23 20.73
C ASN G 104 -16.14 47.07 20.02
N ALA G 105 -15.48 45.91 20.01
CA ALA G 105 -16.02 44.71 19.37
C ALA G 105 -17.40 44.35 19.90
N VAL G 106 -17.50 44.21 21.22
CA VAL G 106 -18.77 43.85 21.86
C VAL G 106 -19.74 45.02 21.77
N ARG G 107 -19.22 46.23 21.66
CA ARG G 107 -20.04 47.43 21.52
C ARG G 107 -20.71 47.50 20.15
N SER G 108 -19.95 47.16 19.10
CA SER G 108 -20.48 47.13 17.74
C SER G 108 -21.68 46.20 17.77
N TYR G 109 -21.42 44.96 18.17
CA TYR G 109 -22.46 43.96 18.38
C TYR G 109 -23.35 44.55 19.48
N ARG G 110 -24.61 44.13 19.58
CA ARG G 110 -25.56 44.61 20.60
C ARG G 110 -26.15 45.95 20.17
N GLY G 111 -25.62 46.53 19.09
CA GLY G 111 -26.12 47.79 18.56
C GLY G 111 -26.20 49.13 19.26
N GLN G 112 -25.13 49.57 19.93
CA GLN G 112 -25.18 50.87 20.61
C GLN G 112 -24.00 51.72 20.17
N GLU G 113 -23.93 52.94 20.70
CA GLU G 113 -22.84 53.84 20.32
C GLU G 113 -21.52 53.31 20.83
N THR G 114 -20.43 53.76 20.24
CA THR G 114 -19.10 53.30 20.65
C THR G 114 -18.57 54.21 21.75
N LEU G 115 -17.51 53.78 22.42
CA LEU G 115 -16.91 54.54 23.51
C LEU G 115 -16.47 55.92 23.03
N ASP G 116 -16.05 56.78 23.95
CA ASP G 116 -14.90 57.70 23.78
C ASP G 116 -14.41 58.33 25.08
N ARG G 117 -13.63 59.39 24.87
CA ARG G 117 -12.42 59.66 25.62
C ARG G 117 -12.50 59.72 27.16
N PHE G 118 -13.60 60.23 27.70
CA PHE G 118 -13.72 60.34 29.17
C PHE G 118 -14.37 59.25 30.01
N ASP G 119 -15.46 58.63 29.58
CA ASP G 119 -16.01 57.60 30.47
C ASP G 119 -15.07 56.41 30.58
N PHE G 120 -14.64 55.87 29.46
CA PHE G 120 -13.73 54.74 29.47
C PHE G 120 -12.46 55.03 30.27
N GLN G 121 -11.95 56.26 30.19
CA GLN G 121 -10.72 56.53 30.91
C GLN G 121 -10.99 56.66 32.41
N ASP G 122 -12.10 57.35 32.69
CA ASP G 122 -12.56 57.60 34.04
C ASP G 122 -12.98 56.35 34.74
N LEU G 123 -13.42 55.37 33.96
CA LEU G 123 -13.85 54.11 34.50
C LEU G 123 -12.61 53.37 34.94
N MET G 124 -11.57 53.43 34.10
CA MET G 124 -10.33 52.74 34.44
C MET G 124 -9.79 53.19 35.79
N GLU G 125 -9.42 54.47 35.90
CA GLU G 125 -8.89 55.05 37.13
C GLU G 125 -9.61 54.63 38.42
N GLU G 126 -10.92 54.84 38.48
CA GLU G 126 -11.72 54.46 39.65
C GLU G 126 -11.64 52.98 40.01
N LYS G 127 -11.70 52.15 38.98
CA LYS G 127 -11.67 50.71 39.15
C LYS G 127 -10.26 50.20 39.37
N ILE G 128 -9.29 50.78 38.67
CA ILE G 128 -7.91 50.38 38.86
C ILE G 128 -7.54 50.58 40.32
N ALA G 129 -8.10 51.64 40.91
CA ALA G 129 -7.84 51.95 42.31
C ALA G 129 -8.66 50.99 43.17
N LEU G 130 -9.93 50.84 42.80
CA LEU G 130 -10.87 49.98 43.49
C LEU G 130 -10.39 48.54 43.64
N LEU G 131 -9.68 48.05 42.64
CA LEU G 131 -9.21 46.66 42.68
C LEU G 131 -7.71 46.51 42.95
N LYS G 132 -7.08 47.57 43.45
CA LYS G 132 -5.66 47.57 43.79
C LYS G 132 -4.72 47.04 42.69
N MET G 133 -4.90 47.54 41.48
CA MET G 133 -4.05 47.11 40.37
C MET G 133 -2.89 48.07 40.25
N PRO G 134 -1.76 47.62 39.70
CA PRO G 134 -0.64 48.54 39.52
C PRO G 134 -1.09 49.72 38.67
N GLU G 135 -0.76 50.94 39.09
CA GLU G 135 -1.16 52.12 38.35
C GLU G 135 -0.62 52.15 36.92
N ASP G 136 0.41 51.34 36.66
CA ASP G 136 1.01 51.27 35.34
C ASP G 136 0.49 50.05 34.59
N LEU G 137 -0.79 49.74 34.80
CA LEU G 137 -1.41 48.60 34.16
C LEU G 137 -1.58 48.78 32.66
N LEU G 138 -2.18 49.91 32.27
CA LEU G 138 -2.44 50.22 30.87
C LEU G 138 -1.24 49.97 29.96
N THR G 139 -0.03 50.27 30.45
CA THR G 139 1.15 50.10 29.62
C THR G 139 1.82 48.72 29.76
N ARG G 140 1.51 47.96 30.82
CA ARG G 140 2.13 46.65 30.96
C ARG G 140 1.44 45.67 30.03
N SER G 141 2.10 44.57 29.72
CA SER G 141 1.52 43.58 28.84
C SER G 141 0.56 42.72 29.64
N VAL G 142 -0.67 42.54 29.13
CA VAL G 142 -1.73 41.79 29.80
C VAL G 142 -1.25 40.56 30.57
N ASN G 143 -1.25 40.68 31.89
CA ASN G 143 -0.90 39.60 32.83
C ASN G 143 0.55 39.13 32.75
N VAL G 144 1.32 39.71 31.85
CA VAL G 144 2.72 39.33 31.73
C VAL G 144 3.50 39.79 32.96
N GLY G 145 4.23 38.87 33.57
CA GLY G 145 5.02 39.21 34.73
C GLY G 145 4.21 39.32 36.01
N PHE G 146 2.93 38.94 35.94
CA PHE G 146 2.07 39.03 37.11
C PHE G 146 2.10 37.72 37.90
N SER G 147 2.00 37.85 39.21
CA SER G 147 1.93 36.70 40.12
C SER G 147 0.55 36.07 40.07
N GLY G 148 0.39 34.94 40.76
CA GLY G 148 -0.88 34.24 40.82
C GLY G 148 -1.94 35.13 41.43
N GLY G 149 -1.58 35.81 42.50
CA GLY G 149 -2.51 36.70 43.16
C GLY G 149 -2.93 37.82 42.22
N GLU G 150 -1.98 38.25 41.39
CA GLU G 150 -2.20 39.33 40.42
C GLU G 150 -3.07 38.97 39.22
N LYS G 151 -2.99 37.73 38.74
CA LYS G 151 -3.79 37.29 37.60
C LYS G 151 -5.31 37.22 37.78
N LYS G 152 -5.76 36.76 38.94
CA LYS G 152 -7.19 36.66 39.22
C LYS G 152 -7.92 38.00 39.31
N ARG G 153 -7.30 38.95 40.01
CA ARG G 153 -7.85 40.27 40.21
C ARG G 153 -8.00 41.10 38.93
N ASN G 154 -7.11 40.91 37.96
CA ASN G 154 -7.20 41.64 36.70
C ASN G 154 -8.50 41.28 35.99
N ASP G 155 -8.83 39.99 36.01
CA ASP G 155 -10.05 39.49 35.39
C ASP G 155 -11.31 40.13 35.98
N ILE G 156 -11.29 40.41 37.28
CA ILE G 156 -12.45 41.03 37.91
C ILE G 156 -12.56 42.47 37.41
N LEU G 157 -11.42 43.12 37.20
CA LEU G 157 -11.39 44.49 36.67
C LEU G 157 -12.02 44.46 35.28
N GLN G 158 -11.67 43.42 34.54
CA GLN G 158 -12.18 43.18 33.19
C GLN G 158 -13.70 43.05 33.21
N MET G 159 -14.20 42.32 34.20
CA MET G 159 -15.63 42.10 34.36
C MET G 159 -16.38 43.40 34.47
N ALA G 160 -15.84 44.31 35.26
CA ALA G 160 -16.45 45.61 35.48
C ALA G 160 -16.40 46.50 34.24
N VAL G 161 -15.39 46.30 33.40
CA VAL G 161 -15.19 47.12 32.20
C VAL G 161 -16.00 46.69 30.96
N LEU G 162 -16.13 45.39 30.74
CA LEU G 162 -16.80 44.90 29.53
C LEU G 162 -18.31 44.91 29.69
N GLU G 163 -18.75 45.31 30.88
CA GLU G 163 -20.16 45.41 31.29
C GLU G 163 -21.07 44.30 30.74
N PRO G 164 -20.93 43.09 31.30
CA PRO G 164 -21.75 41.93 30.93
C PRO G 164 -23.04 41.93 31.74
N GLU G 165 -23.97 41.05 31.42
CA GLU G 165 -25.21 40.94 32.18
C GLU G 165 -25.13 39.77 33.14
N LEU G 166 -24.47 38.70 32.70
CA LEU G 166 -24.31 37.50 33.51
C LEU G 166 -22.85 37.14 33.69
N CYS G 167 -22.40 37.23 34.93
CA CYS G 167 -21.02 36.96 35.32
C CYS G 167 -20.86 35.61 36.00
N ILE G 168 -19.99 34.77 35.46
CA ILE G 168 -19.74 33.44 36.01
C ILE G 168 -18.35 33.35 36.62
N LEU G 169 -18.27 33.02 37.91
CA LEU G 169 -16.98 32.85 38.58
C LEU G 169 -16.57 31.39 38.70
N ASP G 170 -15.65 30.96 37.84
CA ASP G 170 -15.21 29.57 37.85
C ASP G 170 -14.05 29.30 38.81
N GLU G 171 -14.35 29.11 40.09
CA GLU G 171 -13.34 28.83 41.13
C GLU G 171 -12.20 29.84 41.14
N SER G 172 -12.53 31.08 40.81
CA SER G 172 -11.56 32.18 40.73
C SER G 172 -11.14 32.67 42.11
N ASP G 173 -11.58 31.95 43.15
CA ASP G 173 -11.20 32.29 44.51
C ASP G 173 -9.97 31.52 44.99
N SER G 174 -9.56 30.53 44.20
CA SER G 174 -8.39 29.71 44.51
C SER G 174 -7.08 30.50 44.67
N GLY G 175 -6.34 30.24 45.73
CA GLY G 175 -5.07 30.90 45.96
C GLY G 175 -5.16 32.33 46.45
N LEU G 176 -6.37 32.77 46.76
CA LEU G 176 -6.58 34.15 47.21
C LEU G 176 -6.71 34.21 48.72
N ASP G 177 -6.17 35.27 49.31
CA ASP G 177 -6.24 35.45 50.75
C ASP G 177 -7.39 36.38 51.11
N ILE G 178 -7.60 36.57 52.40
CA ILE G 178 -8.67 37.41 52.92
C ILE G 178 -8.73 38.78 52.24
N ASP G 179 -7.56 39.39 52.06
CA ASP G 179 -7.44 40.71 51.46
C ASP G 179 -7.92 40.69 50.01
N ALA G 180 -7.41 39.75 49.24
CA ALA G 180 -7.78 39.63 47.83
C ALA G 180 -9.25 39.25 47.72
N LEU G 181 -9.72 38.37 48.60
CA LEU G 181 -11.12 37.94 48.59
C LEU G 181 -12.03 39.15 48.74
N LYS G 182 -11.66 40.07 49.63
CA LYS G 182 -12.46 41.27 49.88
C LYS G 182 -12.55 42.23 48.71
N VAL G 183 -11.44 42.39 48.00
CA VAL G 183 -11.42 43.29 46.86
C VAL G 183 -12.33 42.73 45.78
N VAL G 184 -12.23 41.42 45.58
CA VAL G 184 -13.05 40.74 44.60
C VAL G 184 -14.54 40.89 44.94
N ALA G 185 -14.88 40.78 46.23
CA ALA G 185 -16.27 40.93 46.63
C ALA G 185 -16.77 42.34 46.32
N ASP G 186 -15.97 43.33 46.67
CA ASP G 186 -16.32 44.72 46.40
C ASP G 186 -16.41 44.96 44.89
N GLY G 187 -15.61 44.19 44.16
CA GLY G 187 -15.57 44.30 42.71
C GLY G 187 -16.81 43.69 42.10
N VAL G 188 -17.17 42.49 42.54
CA VAL G 188 -18.34 41.82 42.00
C VAL G 188 -19.57 42.64 42.38
N ASN G 189 -19.66 42.98 43.66
CA ASN G 189 -20.77 43.75 44.19
C ASN G 189 -20.95 45.09 43.48
N SER G 190 -19.86 45.77 43.14
CA SER G 190 -20.02 47.04 42.44
C SER G 190 -20.71 46.89 41.08
N LEU G 191 -20.68 45.68 40.51
CA LEU G 191 -21.35 45.48 39.22
C LEU G 191 -22.77 44.97 39.50
N ARG G 192 -23.01 44.66 40.76
CA ARG G 192 -24.30 44.15 41.24
C ARG G 192 -25.32 45.28 41.26
N ASP G 193 -26.29 45.24 40.36
CA ASP G 193 -27.31 46.28 40.32
C ASP G 193 -28.72 45.75 40.48
N GLY G 194 -28.85 44.46 40.78
CA GLY G 194 -30.16 43.87 40.95
C GLY G 194 -30.79 43.45 39.64
N LYS G 195 -30.09 43.74 38.54
CA LYS G 195 -30.56 43.43 37.20
C LYS G 195 -29.64 42.36 36.64
N ARG G 196 -28.34 42.61 36.77
CA ARG G 196 -27.32 41.67 36.36
C ARG G 196 -27.36 40.43 37.25
N SER G 197 -26.95 39.28 36.74
CA SER G 197 -26.90 38.07 37.56
C SER G 197 -25.49 37.49 37.63
N PHE G 198 -25.25 36.68 38.67
CA PHE G 198 -23.93 36.10 38.91
C PHE G 198 -23.97 34.62 39.31
N ILE G 199 -23.01 33.86 38.78
CA ILE G 199 -22.87 32.44 39.10
C ILE G 199 -21.46 32.16 39.64
N ILE G 200 -21.40 31.78 40.91
CA ILE G 200 -20.11 31.48 41.55
C ILE G 200 -19.81 30.00 41.73
N VAL G 201 -18.94 29.46 40.88
CA VAL G 201 -18.54 28.06 40.98
C VAL G 201 -17.36 28.00 41.96
N THR G 202 -17.65 27.65 43.20
CA THR G 202 -16.65 27.64 44.26
C THR G 202 -15.60 26.54 44.18
N HIS G 203 -14.38 26.88 44.58
CA HIS G 203 -13.32 25.91 44.69
C HIS G 203 -13.36 25.48 46.14
N TYR G 204 -13.57 26.47 47.01
CA TYR G 204 -13.70 26.35 48.46
C TYR G 204 -14.76 27.30 48.99
N GLN G 205 -15.17 27.10 50.22
CA GLN G 205 -16.25 27.89 50.76
C GLN G 205 -15.93 29.32 51.08
N ARG G 206 -14.67 29.58 51.37
CA ARG G 206 -14.27 30.88 51.85
C ARG G 206 -14.84 32.10 51.15
N ILE G 207 -15.03 31.99 49.85
CA ILE G 207 -15.59 33.09 49.06
C ILE G 207 -17.02 33.53 49.44
N LEU G 208 -17.84 32.58 49.88
CA LEU G 208 -19.24 32.88 50.22
C LEU G 208 -19.49 33.74 51.45
N ASP G 209 -18.45 34.05 52.22
CA ASP G 209 -18.63 34.92 53.37
C ASP G 209 -18.63 36.39 52.95
N TYR G 210 -18.05 36.67 51.79
CA TYR G 210 -17.93 38.02 51.26
C TYR G 210 -18.89 38.33 50.11
N ILE G 211 -19.34 37.29 49.42
CA ILE G 211 -20.29 37.44 48.33
C ILE G 211 -21.51 36.54 48.52
N LYS G 212 -22.44 36.99 49.35
CA LYS G 212 -23.64 36.23 49.68
C LYS G 212 -24.52 35.87 48.49
N PRO G 213 -24.76 34.57 48.28
CA PRO G 213 -25.59 34.06 47.19
C PRO G 213 -27.06 34.11 47.57
N ASP G 214 -27.96 34.13 46.60
CA ASP G 214 -29.39 34.12 46.91
C ASP G 214 -29.86 32.69 46.90
N TYR G 215 -29.21 31.89 46.04
CA TYR G 215 -29.51 30.48 45.87
C TYR G 215 -28.23 29.69 45.90
N VAL G 216 -28.27 28.48 46.46
CA VAL G 216 -27.10 27.62 46.51
C VAL G 216 -27.45 26.23 45.98
N HIS G 217 -26.63 25.72 45.07
CA HIS G 217 -26.89 24.42 44.47
C HIS G 217 -25.66 23.54 44.62
N VAL G 218 -25.85 22.26 44.90
CA VAL G 218 -24.69 21.38 45.02
C VAL G 218 -24.74 20.32 43.93
N LEU G 219 -23.66 20.24 43.15
CA LEU G 219 -23.55 19.24 42.11
C LEU G 219 -22.81 18.00 42.63
N TYR G 220 -23.24 16.81 42.18
CA TYR G 220 -22.58 15.56 42.58
C TYR G 220 -22.80 14.56 41.45
N GLN G 221 -21.71 14.09 40.85
CA GLN G 221 -21.75 13.17 39.70
C GLN G 221 -22.68 13.65 38.60
N GLY G 222 -22.50 14.91 38.21
CA GLY G 222 -23.23 15.56 37.13
C GLY G 222 -24.70 15.88 37.33
N ARG G 223 -25.14 15.94 38.59
CA ARG G 223 -26.54 16.27 38.86
C ARG G 223 -26.70 17.14 40.10
N ILE G 224 -27.73 17.97 40.13
CA ILE G 224 -28.00 18.78 41.30
C ILE G 224 -28.86 17.90 42.20
N VAL G 225 -28.39 17.58 43.40
CA VAL G 225 -29.18 16.70 44.25
C VAL G 225 -29.70 17.50 45.44
N LYS G 226 -29.41 18.79 45.44
CA LYS G 226 -29.87 19.66 46.52
C LYS G 226 -29.74 21.14 46.20
N SER G 227 -30.79 21.89 46.47
CA SER G 227 -30.77 23.31 46.22
C SER G 227 -31.37 23.98 47.45
N GLY G 228 -30.92 25.21 47.72
CA GLY G 228 -31.42 25.94 48.85
C GLY G 228 -30.89 27.35 48.89
N ASP G 229 -31.07 27.99 50.04
CA ASP G 229 -30.58 29.34 50.29
C ASP G 229 -29.28 29.27 51.09
N PHE G 230 -28.83 30.41 51.60
CA PHE G 230 -27.59 30.50 52.36
C PHE G 230 -27.52 29.49 53.51
N THR G 231 -28.65 29.17 54.12
CA THR G 231 -28.72 28.22 55.23
C THR G 231 -28.20 26.83 54.86
N LEU G 232 -28.18 26.53 53.57
CA LEU G 232 -27.71 25.23 53.08
C LEU G 232 -26.24 24.98 53.44
N VAL G 233 -25.44 26.05 53.48
CA VAL G 233 -24.02 25.92 53.81
C VAL G 233 -23.84 25.32 55.21
N LYS G 234 -24.61 25.80 56.19
CA LYS G 234 -24.53 25.26 57.53
C LYS G 234 -25.08 23.84 57.52
N GLN G 235 -26.11 23.62 56.69
CA GLN G 235 -26.72 22.32 56.55
C GLN G 235 -25.72 21.34 55.92
N LEU G 236 -24.88 21.83 55.02
CA LEU G 236 -23.91 20.97 54.34
C LEU G 236 -22.86 20.53 55.35
N GLU G 237 -22.63 21.34 56.39
CA GLU G 237 -21.68 20.99 57.43
C GLU G 237 -22.10 19.78 58.27
N GLU G 238 -22.84 18.87 57.63
CA GLU G 238 -22.99 17.50 58.10
C GLU G 238 -22.11 16.62 57.19
N GLN G 239 -20.98 17.20 56.78
CA GLN G 239 -19.99 16.54 55.93
C GLN G 239 -18.74 16.16 56.73
N MET H 1 60.15 52.76 52.48
CA MET H 1 60.65 54.00 51.91
C MET H 1 60.15 54.14 50.48
N LEU H 2 59.28 55.11 50.24
CA LEU H 2 58.70 55.36 48.93
C LEU H 2 59.01 56.76 48.42
N SER H 3 59.54 56.85 47.21
CA SER H 3 59.86 58.16 46.64
C SER H 3 59.35 58.34 45.22
N ILE H 4 58.40 59.26 45.09
CA ILE H 4 57.79 59.63 43.82
C ILE H 4 58.23 61.02 43.40
N LYS H 5 58.86 61.16 42.23
CA LYS H 5 59.29 62.50 41.81
C LYS H 5 58.90 62.90 40.37
N ASP H 6 58.22 64.04 40.26
CA ASP H 6 57.79 64.67 38.99
C ASP H 6 57.18 63.74 37.92
N LEU H 7 56.34 62.80 38.31
CA LEU H 7 55.76 61.89 37.30
C LEU H 7 54.76 62.47 36.31
N HIS H 8 55.04 62.29 35.02
CA HIS H 8 54.08 62.73 34.01
C HIS H 8 53.73 61.47 33.20
N VAL H 9 52.43 61.16 33.12
CA VAL H 9 51.94 60.00 32.39
C VAL H 9 50.68 60.35 31.61
N SER H 10 50.62 59.99 30.33
CA SER H 10 49.40 60.24 29.58
C SER H 10 48.80 59.02 28.89
N VAL H 11 47.47 59.00 28.82
CA VAL H 11 46.74 57.94 28.14
C VAL H 11 45.75 58.67 27.21
N GLU H 12 45.78 58.37 25.90
CA GLU H 12 44.94 58.97 24.82
C GLU H 12 45.56 60.34 24.51
N ASP H 13 46.75 60.57 25.07
CA ASP H 13 47.54 61.79 24.96
C ASP H 13 47.04 62.99 25.78
N LYS H 14 46.06 62.81 26.67
CA LYS H 14 45.63 63.95 27.48
C LYS H 14 46.71 64.16 28.55
N ALA H 15 47.25 65.37 28.65
CA ALA H 15 48.29 65.64 29.66
C ALA H 15 47.77 65.62 31.08
N ILE H 16 47.38 64.45 31.58
CA ILE H 16 46.90 64.30 32.95
C ILE H 16 47.86 64.71 34.06
N LEU H 17 48.98 63.99 34.18
CA LEU H 17 50.02 64.27 35.16
C LEU H 17 51.15 65.16 34.68
N ARG H 18 51.42 66.25 35.39
CA ARG H 18 52.52 67.14 35.01
C ARG H 18 53.56 67.41 36.10
N GLY H 19 54.19 66.38 36.63
CA GLY H 19 55.22 66.62 37.64
C GLY H 19 54.91 66.40 39.10
N LEU H 20 54.16 65.34 39.41
CA LEU H 20 53.83 65.03 40.80
C LEU H 20 55.04 64.46 41.53
N SER H 21 55.31 64.96 42.73
CA SER H 21 56.42 64.46 43.53
C SER H 21 55.96 64.13 44.95
N LEU H 22 56.36 62.96 45.44
CA LEU H 22 55.97 62.49 46.76
C LEU H 22 56.96 61.53 47.40
N ASP H 23 57.11 61.63 48.71
CA ASP H 23 58.02 60.80 49.50
C ASP H 23 57.15 60.19 50.59
N VAL H 24 57.14 58.86 50.67
CA VAL H 24 56.33 58.19 51.69
C VAL H 24 57.16 57.24 52.55
N HIS H 25 57.13 57.56 53.84
CA HIS H 25 57.80 56.85 54.92
C HIS H 25 56.87 55.99 55.78
N PRO H 26 57.43 55.00 56.49
CA PRO H 26 56.65 54.15 57.41
C PRO H 26 55.82 54.84 58.49
N GLY H 27 54.64 54.27 58.74
CA GLY H 27 53.71 54.71 59.77
C GLY H 27 52.84 55.93 59.52
N GLU H 28 52.88 56.48 58.33
CA GLU H 28 52.10 57.68 58.05
C GLU H 28 50.87 57.49 57.17
N VAL H 29 49.85 58.31 57.44
CA VAL H 29 48.61 58.31 56.69
C VAL H 29 48.50 59.62 55.94
N HIS H 30 48.41 59.50 54.62
CA HIS H 30 48.35 60.65 53.72
C HIS H 30 47.00 60.72 53.02
N ALA H 31 46.43 61.92 52.98
CA ALA H 31 45.15 62.14 52.32
C ALA H 31 45.34 63.04 51.10
N ILE H 32 44.78 62.59 49.97
CA ILE H 32 44.83 63.32 48.71
C ILE H 32 43.45 63.81 48.25
N MET H 33 43.34 65.10 47.91
CA MET H 33 42.06 65.68 47.51
C MET H 33 42.12 66.48 46.23
N GLY H 34 40.97 67.09 45.89
CA GLY H 34 40.84 67.91 44.71
C GLY H 34 39.61 67.48 43.92
N PRO H 35 39.30 68.22 42.84
CA PRO H 35 38.16 67.95 41.95
C PRO H 35 38.40 66.81 40.97
N ASN H 36 37.32 66.29 40.39
CA ASN H 36 37.38 65.21 39.42
C ASN H 36 38.09 65.62 38.13
N GLY H 37 38.80 64.68 37.50
CA GLY H 37 39.51 64.99 36.27
C GLY H 37 40.93 65.46 36.46
N SER H 38 41.36 65.55 37.71
CA SER H 38 42.71 66.02 38.02
C SER H 38 43.75 64.93 38.26
N GLY H 39 43.39 63.66 38.07
CA GLY H 39 44.39 62.62 38.20
C GLY H 39 44.07 61.65 39.32
N LYS H 40 43.09 62.04 40.14
CA LYS H 40 42.68 61.27 41.31
C LYS H 40 42.53 59.77 41.08
N SER H 41 41.70 59.37 40.12
CA SER H 41 41.47 57.94 39.91
C SER H 41 42.73 57.28 39.37
N THR H 42 43.45 58.02 38.54
CA THR H 42 44.69 57.57 37.91
C THR H 42 45.92 57.33 38.81
N LEU H 43 46.09 58.14 39.84
CA LEU H 43 47.23 57.96 40.75
C LEU H 43 47.25 56.59 41.43
N SER H 44 46.11 56.21 42.02
CA SER H 44 46.00 54.92 42.68
C SER H 44 46.24 53.87 41.60
N ALA H 45 45.58 54.12 40.48
CA ALA H 45 45.62 53.30 39.29
C ALA H 45 47.03 53.17 38.69
N THR H 46 47.78 54.28 38.73
CA THR H 46 49.15 54.33 38.22
C THR H 46 50.09 53.45 39.04
N LEU H 47 49.88 53.47 40.35
CA LEU H 47 50.68 52.71 41.29
C LEU H 47 50.48 51.19 41.21
N ALA H 48 49.25 50.74 41.03
CA ALA H 48 48.95 49.30 40.96
C ALA H 48 49.50 48.60 39.72
N GLY H 49 49.52 49.26 38.56
CA GLY H 49 50.04 48.61 37.36
C GLY H 49 49.11 48.29 36.21
N ARG H 50 47.99 49.00 36.13
CA ARG H 50 47.02 48.82 35.05
C ARG H 50 47.72 49.03 33.71
N GLU H 51 47.42 48.15 32.77
CA GLU H 51 48.07 48.06 31.48
C GLU H 51 47.75 49.18 30.47
N ASP H 52 46.72 49.99 30.66
CA ASP H 52 46.54 51.02 29.64
C ASP H 52 47.14 52.40 30.02
N TYR H 53 48.10 52.43 30.94
CA TYR H 53 48.80 53.67 31.33
C TYR H 53 50.28 53.74 30.96
N GLU H 54 50.56 54.48 29.90
CA GLU H 54 51.92 54.64 29.38
C GLU H 54 52.72 55.64 30.21
N VAL H 55 53.73 55.17 30.93
CA VAL H 55 54.58 56.09 31.69
C VAL H 55 55.66 56.65 30.76
N THR H 56 55.58 57.95 30.51
CA THR H 56 56.53 58.60 29.61
C THR H 56 57.66 59.31 30.36
N GLY H 57 57.59 59.33 31.69
CA GLY H 57 58.62 59.99 32.47
C GLY H 57 58.46 60.03 33.97
N GLY H 58 59.59 60.24 34.64
CA GLY H 58 59.67 60.34 36.10
C GLY H 58 60.00 58.99 36.67
N THR H 59 60.13 58.90 37.99
CA THR H 59 60.46 57.62 38.62
C THR H 59 59.73 57.41 39.93
N VAL H 60 59.57 56.14 40.30
CA VAL H 60 58.99 55.74 41.58
C VAL H 60 59.77 54.56 42.15
N GLU H 61 60.55 54.79 43.20
CA GLU H 61 61.27 53.66 43.76
C GLU H 61 60.80 53.35 45.17
N PHE H 62 60.66 52.07 45.44
CA PHE H 62 60.16 51.58 46.72
C PHE H 62 61.09 50.46 47.16
N LYS H 63 61.50 50.47 48.42
CA LYS H 63 62.42 49.47 48.95
C LYS H 63 63.68 49.33 48.08
N GLY H 64 64.11 50.43 47.47
CA GLY H 64 65.31 50.43 46.64
C GLY H 64 65.20 49.82 45.27
N LYS H 65 63.98 49.55 44.79
CA LYS H 65 63.82 48.99 43.46
C LYS H 65 63.06 49.91 42.52
N ASP H 66 63.31 49.78 41.22
CA ASP H 66 62.60 50.54 40.20
C ASP H 66 61.23 49.88 40.03
N LEU H 67 60.21 50.59 40.45
CA LEU H 67 58.84 50.09 40.42
C LEU H 67 58.15 49.97 39.05
N LEU H 68 58.43 50.90 38.14
CA LEU H 68 57.79 50.86 36.82
C LEU H 68 58.14 49.57 36.06
N ALA H 69 59.17 48.90 36.52
CA ALA H 69 59.62 47.67 35.89
C ALA H 69 58.95 46.44 36.51
N LEU H 70 58.28 46.63 37.64
CA LEU H 70 57.61 45.50 38.30
C LEU H 70 56.17 45.35 37.83
N SER H 71 55.75 44.10 37.64
CA SER H 71 54.37 43.81 37.26
C SER H 71 53.45 44.03 38.47
N PRO H 72 52.13 44.15 38.26
CA PRO H 72 51.21 44.34 39.40
C PRO H 72 51.32 43.27 40.50
N GLU H 73 51.37 42.01 40.11
CA GLU H 73 51.44 40.90 41.06
C GLU H 73 52.70 40.84 41.91
N ASP H 74 53.83 41.27 41.34
CA ASP H 74 55.07 41.26 42.10
C ASP H 74 55.09 42.41 43.12
N ARG H 75 54.52 43.54 42.71
CA ARG H 75 54.44 44.71 43.58
C ARG H 75 53.52 44.42 44.77
N ALA H 76 52.48 43.63 44.53
CA ALA H 76 51.54 43.21 45.56
C ALA H 76 52.33 42.31 46.48
N GLY H 77 53.19 41.52 45.87
CA GLY H 77 54.09 40.62 46.58
C GLY H 77 54.93 41.48 47.51
N GLU H 78 55.40 42.62 47.01
CA GLU H 78 56.21 43.54 47.82
C GLU H 78 55.44 44.07 49.02
N GLY H 79 54.11 44.13 48.92
CA GLY H 79 53.30 44.57 50.04
C GLY H 79 52.30 45.68 49.79
N ILE H 80 52.05 46.03 48.54
CA ILE H 80 51.08 47.09 48.26
C ILE H 80 49.68 46.58 47.94
N PHE H 81 48.69 47.14 48.62
CA PHE H 81 47.30 46.74 48.38
C PHE H 81 46.44 47.98 48.11
N MET H 82 45.63 47.90 47.06
CA MET H 82 44.74 49.00 46.70
C MET H 82 43.28 48.56 46.71
N ALA H 83 42.46 49.25 47.50
CA ALA H 83 41.03 48.97 47.56
C ALA H 83 40.30 49.65 46.40
N PHE H 84 39.76 48.83 45.51
CA PHE H 84 39.08 49.28 44.31
C PHE H 84 37.80 50.07 44.57
N GLN H 85 37.52 51.02 43.67
CA GLN H 85 36.29 51.80 43.74
C GLN H 85 35.10 50.94 43.34
N TYR H 86 35.36 50.02 42.44
CA TYR H 86 34.35 49.09 41.98
C TYR H 86 34.91 47.68 42.00
N PRO H 87 34.93 47.04 43.19
CA PRO H 87 35.44 45.68 43.24
C PRO H 87 34.71 44.84 42.20
N VAL H 88 35.45 44.01 41.48
CA VAL H 88 34.85 43.23 40.41
C VAL H 88 34.27 41.95 40.98
N GLU H 89 33.16 41.51 40.40
CA GLU H 89 32.53 40.28 40.80
C GLU H 89 33.14 39.18 39.94
N ILE H 90 33.53 38.10 40.59
CA ILE H 90 34.14 36.95 39.92
C ILE H 90 33.33 35.69 40.13
N PRO H 91 32.25 35.55 39.35
CA PRO H 91 31.33 34.40 39.43
C PRO H 91 32.05 33.10 39.15
N GLY H 92 31.79 32.09 39.96
CA GLY H 92 32.45 30.81 39.77
C GLY H 92 33.71 30.63 40.60
N VAL H 93 34.12 31.65 41.35
CA VAL H 93 35.32 31.52 42.16
C VAL H 93 35.07 31.74 43.65
N SER H 94 35.17 30.66 44.41
CA SER H 94 34.96 30.70 45.86
C SER H 94 36.09 31.46 46.54
N ASN H 95 35.80 32.08 47.66
CA ASN H 95 36.81 32.80 48.43
C ASN H 95 37.99 31.96 48.91
N GLN H 96 37.73 30.72 49.33
CA GLN H 96 38.81 29.87 49.82
C GLN H 96 39.93 29.60 48.82
N PHE H 97 39.60 29.15 47.62
CA PHE H 97 40.61 28.89 46.62
C PHE H 97 41.27 30.22 46.27
N PHE H 98 40.41 31.23 46.17
CA PHE H 98 40.79 32.59 45.86
C PHE H 98 41.75 33.17 46.89
N LEU H 99 41.30 33.23 48.15
CA LEU H 99 42.16 33.79 49.19
C LEU H 99 43.47 33.05 49.42
N GLN H 100 43.39 31.73 49.46
CA GLN H 100 44.58 30.91 49.70
C GLN H 100 45.75 30.99 48.70
N THR H 101 45.45 30.89 47.40
CA THR H 101 46.50 30.91 46.36
C THR H 101 47.32 32.20 46.21
N ALA H 102 46.66 33.35 46.25
CA ALA H 102 47.38 34.63 46.11
C ALA H 102 48.28 34.74 47.30
N LEU H 103 47.69 34.42 48.45
CA LEU H 103 48.41 34.46 49.70
C LEU H 103 49.56 33.48 49.52
N ASN H 104 49.29 32.28 49.02
CA ASN H 104 50.35 31.30 48.81
C ASN H 104 51.42 31.92 47.93
N ALA H 105 50.97 32.55 46.84
CA ALA H 105 51.83 33.23 45.87
C ALA H 105 52.72 34.28 46.52
N VAL H 106 52.10 35.20 47.27
CA VAL H 106 52.83 36.27 47.93
C VAL H 106 53.68 35.69 49.06
N ARG H 107 53.27 34.54 49.59
CA ARG H 107 54.07 33.88 50.63
C ARG H 107 55.32 33.31 49.97
N SER H 108 55.15 32.70 48.79
CA SER H 108 56.26 32.16 48.01
C SER H 108 57.30 33.22 47.73
N TYR H 109 56.88 34.28 47.03
CA TYR H 109 57.70 35.46 46.78
C TYR H 109 57.93 35.94 48.23
N ARG H 110 58.98 36.72 48.53
CA ARG H 110 59.25 37.17 49.92
C ARG H 110 60.02 36.05 50.62
N GLY H 111 60.14 34.91 49.94
CA GLY H 111 60.89 33.79 50.47
C GLY H 111 60.50 33.13 51.78
N GLN H 112 59.22 32.83 51.95
CA GLN H 112 58.76 32.18 53.16
C GLN H 112 58.03 30.91 52.79
N GLU H 113 57.60 30.14 53.79
CA GLU H 113 56.91 28.88 53.56
C GLU H 113 55.41 29.05 53.77
N THR H 114 54.60 28.18 53.17
CA THR H 114 53.18 28.34 53.37
C THR H 114 52.60 27.51 54.50
N LEU H 115 51.46 28.00 54.98
CA LEU H 115 50.61 27.46 56.02
C LEU H 115 49.94 26.12 55.62
N ASP H 116 50.11 25.07 56.42
CA ASP H 116 49.00 24.23 56.92
C ASP H 116 47.59 24.85 56.88
N ARG H 117 46.69 24.18 56.19
CA ARG H 117 45.27 24.56 56.06
C ARG H 117 44.49 24.95 57.32
N PHE H 118 44.51 24.13 58.37
CA PHE H 118 43.75 24.43 59.59
C PHE H 118 43.96 25.86 60.14
N ASP H 119 45.18 26.38 60.07
CA ASP H 119 45.43 27.76 60.52
C ASP H 119 44.67 28.76 59.63
N PHE H 120 44.74 28.58 58.32
CA PHE H 120 44.09 29.47 57.36
C PHE H 120 42.64 29.67 57.74
N GLN H 121 42.00 28.60 58.21
CA GLN H 121 40.61 28.72 58.61
C GLN H 121 40.57 29.39 59.98
N ASP H 122 41.53 29.02 60.82
CA ASP H 122 41.65 29.58 62.17
C ASP H 122 41.94 31.07 62.05
N LEU H 123 42.58 31.44 60.95
CA LEU H 123 42.92 32.82 60.66
C LEU H 123 41.65 33.54 60.20
N MET H 124 40.94 32.90 59.29
CA MET H 124 39.69 33.38 58.71
C MET H 124 38.55 33.68 59.69
N GLU H 125 38.08 32.66 60.40
CA GLU H 125 37.01 32.80 61.40
C GLU H 125 37.15 34.09 62.22
N GLU H 126 38.34 34.28 62.77
CA GLU H 126 38.70 35.46 63.56
C GLU H 126 38.44 36.79 62.83
N LYS H 127 38.73 36.79 61.53
CA LYS H 127 38.61 37.95 60.64
C LYS H 127 37.19 38.31 60.15
N ILE H 128 36.35 37.33 59.86
CA ILE H 128 34.98 37.57 59.41
C ILE H 128 34.08 38.40 60.36
N ALA H 129 34.32 38.29 61.67
CA ALA H 129 33.50 39.04 62.64
C ALA H 129 33.76 40.55 62.76
N LEU H 130 35.01 40.97 62.82
CA LEU H 130 35.34 42.40 62.94
C LEU H 130 34.74 43.33 61.87
N LEU H 131 34.65 42.87 60.63
CA LEU H 131 34.16 43.72 59.54
C LEU H 131 32.74 43.37 59.03
N LYS H 132 32.00 42.68 59.88
CA LYS H 132 30.61 42.25 59.64
C LYS H 132 30.28 41.44 58.34
N MET H 133 31.07 40.40 58.07
CA MET H 133 30.80 39.58 56.88
C MET H 133 29.96 38.36 57.16
N PRO H 134 29.22 37.90 56.13
CA PRO H 134 28.40 36.70 56.20
C PRO H 134 29.28 35.51 56.55
N GLU H 135 28.86 34.69 57.51
CA GLU H 135 29.65 33.54 57.94
C GLU H 135 29.89 32.53 56.80
N ASP H 136 29.09 32.65 55.73
CA ASP H 136 29.22 31.78 54.57
C ASP H 136 30.01 32.43 53.42
N LEU H 137 31.02 33.21 53.76
CA LEU H 137 31.80 33.92 52.75
C LEU H 137 32.62 32.95 51.87
N LEU H 138 33.37 32.07 52.51
CA LEU H 138 34.22 31.10 51.83
C LEU H 138 33.56 30.36 50.67
N THR H 139 32.29 30.03 50.84
CA THR H 139 31.57 29.25 49.83
C THR H 139 30.90 30.15 48.80
N ARG H 140 30.74 31.42 49.13
CA ARG H 140 30.11 32.33 48.19
C ARG H 140 31.13 32.73 47.13
N SER H 141 30.65 33.16 45.97
CA SER H 141 31.54 33.60 44.90
C SER H 141 31.98 35.04 45.14
N VAL H 142 33.29 35.30 45.06
CA VAL H 142 33.86 36.63 45.29
C VAL H 142 32.99 37.80 44.81
N ASN H 143 32.40 38.52 45.76
CA ASN H 143 31.58 39.70 45.54
C ASN H 143 30.27 39.46 44.77
N VAL H 144 30.04 38.21 44.38
CA VAL H 144 28.82 37.87 43.66
C VAL H 144 27.61 37.91 44.58
N GLY H 145 26.55 38.60 44.17
CA GLY H 145 25.36 38.66 45.00
C GLY H 145 25.55 39.62 46.15
N PHE H 146 26.64 40.37 46.10
CA PHE H 146 26.95 41.33 47.14
C PHE H 146 26.40 42.72 46.80
N SER H 147 25.97 43.43 47.83
CA SER H 147 25.48 44.79 47.68
C SER H 147 26.69 45.69 47.47
N GLY H 148 26.46 46.95 47.18
CA GLY H 148 27.57 47.86 46.98
C GLY H 148 28.45 47.96 48.21
N GLY H 149 27.82 48.07 49.37
CA GLY H 149 28.53 48.15 50.64
C GLY H 149 29.39 46.95 50.99
N GLU H 150 28.92 45.77 50.61
CA GLU H 150 29.62 44.51 50.90
C GLU H 150 30.91 44.25 50.15
N LYS H 151 31.00 44.69 48.89
CA LYS H 151 32.22 44.50 48.12
C LYS H 151 33.39 45.31 48.67
N LYS H 152 33.09 46.52 49.17
CA LYS H 152 34.10 47.43 49.71
C LYS H 152 34.74 46.81 50.94
N ARG H 153 33.89 46.27 51.80
CA ARG H 153 34.34 45.64 53.04
C ARG H 153 35.17 44.40 52.76
N ASN H 154 34.84 43.69 51.68
CA ASN H 154 35.54 42.47 51.30
C ASN H 154 37.00 42.79 51.01
N ASP H 155 37.20 43.91 50.32
CA ASP H 155 38.53 44.40 49.97
C ASP H 155 39.34 44.62 51.25
N ILE H 156 38.67 45.09 52.30
CA ILE H 156 39.30 45.33 53.58
C ILE H 156 39.68 44.01 54.25
N LEU H 157 38.83 43.01 54.11
CA LEU H 157 39.11 41.70 54.68
C LEU H 157 40.36 41.17 54.01
N GLN H 158 40.45 41.40 52.71
CA GLN H 158 41.60 40.99 51.93
C GLN H 158 42.85 41.67 52.47
N MET H 159 42.72 42.96 52.76
CA MET H 159 43.82 43.75 53.30
C MET H 159 44.36 43.17 54.61
N ALA H 160 43.46 42.81 55.52
CA ALA H 160 43.86 42.27 56.81
C ALA H 160 44.47 40.88 56.72
N VAL H 161 44.05 40.11 55.71
CA VAL H 161 44.53 38.75 55.52
C VAL H 161 45.86 38.58 54.76
N LEU H 162 46.08 39.39 53.73
CA LEU H 162 47.28 39.24 52.91
C LEU H 162 48.53 39.90 53.46
N GLU H 163 48.40 40.58 54.60
CA GLU H 163 49.51 41.29 55.24
C GLU H 163 50.38 42.08 54.26
N PRO H 164 49.85 43.19 53.73
CA PRO H 164 50.58 44.06 52.80
C PRO H 164 51.44 45.09 53.54
N GLU H 165 52.29 45.82 52.83
CA GLU H 165 53.13 46.85 53.45
C GLU H 165 52.57 48.26 53.21
N LEU H 166 52.01 48.49 52.02
CA LEU H 166 51.43 49.78 51.66
C LEU H 166 49.99 49.66 51.18
N CYS H 167 49.05 50.23 51.94
CA CYS H 167 47.65 50.13 51.58
C CYS H 167 47.05 51.42 50.97
N ILE H 168 46.47 51.31 49.77
CA ILE H 168 45.86 52.44 49.07
C ILE H 168 44.34 52.39 48.95
N LEU H 169 43.66 53.41 49.46
CA LEU H 169 42.20 53.45 49.33
C LEU H 169 41.80 54.39 48.20
N ASP H 170 41.41 53.79 47.08
CA ASP H 170 41.02 54.50 45.86
C ASP H 170 39.53 54.87 45.90
N GLU H 171 39.19 55.98 46.54
CA GLU H 171 37.79 56.44 46.66
C GLU H 171 36.88 55.37 47.22
N SER H 172 37.41 54.53 48.10
CA SER H 172 36.64 53.44 48.67
C SER H 172 35.60 53.82 49.71
N ASP H 173 35.41 55.11 49.95
CA ASP H 173 34.39 55.51 50.91
C ASP H 173 33.04 55.81 50.24
N SER H 174 33.06 55.91 48.92
CA SER H 174 31.86 56.18 48.14
C SER H 174 30.72 55.17 48.36
N GLY H 175 29.51 55.65 48.59
CA GLY H 175 28.36 54.77 48.77
C GLY H 175 28.24 54.06 50.10
N LEU H 176 29.12 54.38 51.04
CA LEU H 176 29.09 53.74 52.35
C LEU H 176 28.42 54.63 53.40
N ASP H 177 27.66 54.03 54.31
CA ASP H 177 27.00 54.78 55.36
C ASP H 177 27.81 54.73 56.67
N ILE H 178 27.37 55.46 57.69
CA ILE H 178 28.02 55.55 59.00
C ILE H 178 28.38 54.19 59.62
N ASP H 179 27.45 53.25 59.53
CA ASP H 179 27.59 51.91 60.11
C ASP H 179 28.76 51.15 59.50
N ALA H 180 28.81 51.13 58.18
CA ALA H 180 29.86 50.46 57.42
C ALA H 180 31.19 51.16 57.70
N LEU H 181 31.13 52.47 57.80
CA LEU H 181 32.30 53.29 58.09
C LEU H 181 33.00 52.93 59.40
N LYS H 182 32.23 52.69 60.46
CA LYS H 182 32.82 52.38 61.76
C LYS H 182 33.58 51.05 61.77
N VAL H 183 33.02 50.05 61.09
CA VAL H 183 33.65 48.73 60.99
C VAL H 183 34.93 48.83 60.15
N VAL H 184 34.85 49.58 59.05
CA VAL H 184 35.99 49.80 58.15
C VAL H 184 37.12 50.48 58.92
N ALA H 185 36.75 51.45 59.77
CA ALA H 185 37.75 52.17 60.55
C ALA H 185 38.46 51.18 61.47
N ASP H 186 37.70 50.29 62.10
CA ASP H 186 38.27 49.29 62.99
C ASP H 186 39.21 48.35 62.23
N GLY H 187 38.92 48.15 60.95
CA GLY H 187 39.73 47.29 60.11
C GLY H 187 41.06 47.90 59.71
N VAL H 188 41.01 49.15 59.25
CA VAL H 188 42.21 49.85 58.81
C VAL H 188 43.18 50.09 59.96
N ASN H 189 42.65 50.65 61.04
CA ASN H 189 43.43 50.95 62.22
C ASN H 189 44.12 49.72 62.85
N SER H 190 43.44 48.59 62.86
CA SER H 190 43.95 47.33 63.42
C SER H 190 45.24 46.79 62.81
N LEU H 191 45.57 47.26 61.62
CA LEU H 191 46.78 46.81 60.93
C LEU H 191 47.97 47.71 61.27
N ARG H 192 47.73 48.75 62.05
CA ARG H 192 48.78 49.70 62.46
C ARG H 192 49.72 49.04 63.46
N ASP H 193 50.94 48.81 62.98
CA ASP H 193 52.00 48.18 63.73
C ASP H 193 53.21 49.13 63.81
N GLY H 194 53.01 50.37 63.37
CA GLY H 194 54.12 51.31 63.39
C GLY H 194 54.95 51.19 62.13
N LYS H 195 54.63 50.20 61.31
CA LYS H 195 55.31 49.99 60.05
C LYS H 195 54.44 50.23 58.83
N ARG H 196 53.23 49.69 58.84
CA ARG H 196 52.29 49.86 57.73
C ARG H 196 51.80 51.29 57.45
N SER H 197 51.58 51.57 56.17
CA SER H 197 51.05 52.87 55.72
C SER H 197 49.80 52.89 54.80
N PHE H 198 49.14 54.05 54.77
CA PHE H 198 47.92 54.31 53.98
C PHE H 198 47.90 55.63 53.24
N ILE H 199 47.38 55.58 52.03
CA ILE H 199 47.17 56.75 51.20
C ILE H 199 45.69 56.67 50.87
N ILE H 200 44.91 57.61 51.38
CA ILE H 200 43.48 57.60 51.11
C ILE H 200 43.01 58.62 50.08
N VAL H 201 42.73 58.14 48.87
CA VAL H 201 42.23 59.01 47.82
C VAL H 201 40.73 59.05 48.06
N THR H 202 40.32 60.09 48.76
CA THR H 202 38.95 60.33 49.21
C THR H 202 37.87 60.71 48.20
N HIS H 203 36.66 60.19 48.43
CA HIS H 203 35.49 60.55 47.63
C HIS H 203 34.78 61.70 48.34
N TYR H 204 34.66 61.60 49.66
CA TYR H 204 34.04 62.66 50.44
C TYR H 204 34.80 62.82 51.75
N GLN H 205 34.59 63.94 52.43
CA GLN H 205 35.36 64.34 53.61
C GLN H 205 35.07 63.49 54.83
N ARG H 206 33.84 62.98 54.89
CA ARG H 206 33.37 62.20 56.03
C ARG H 206 34.30 61.05 56.48
N ILE H 207 35.02 60.44 55.55
CA ILE H 207 35.90 59.31 55.88
C ILE H 207 37.05 59.68 56.85
N LEU H 208 37.58 60.89 56.73
CA LEU H 208 38.69 61.39 57.55
C LEU H 208 38.37 61.73 59.01
N ASP H 209 37.10 61.67 59.39
CA ASP H 209 36.70 61.98 60.76
C ASP H 209 36.95 60.83 61.72
N TYR H 210 37.04 59.63 61.18
CA TYR H 210 37.24 58.42 61.96
C TYR H 210 38.66 57.84 61.86
N ILE H 211 39.35 58.16 60.78
CA ILE H 211 40.74 57.71 60.61
C ILE H 211 41.59 58.95 60.32
N LYS H 212 41.87 59.70 61.38
CA LYS H 212 42.63 60.94 61.29
C LYS H 212 44.06 60.76 60.75
N PRO H 213 44.37 61.45 59.64
CA PRO H 213 45.62 61.51 58.86
C PRO H 213 46.64 62.48 59.44
N ASP H 214 47.91 62.27 59.12
CA ASP H 214 48.96 63.19 59.57
C ASP H 214 49.21 64.22 58.47
N TYR H 215 49.00 63.82 57.21
CA TYR H 215 49.25 64.70 56.08
C TYR H 215 48.04 64.68 55.13
N VAL H 216 47.77 65.83 54.55
CA VAL H 216 46.68 66.01 53.60
C VAL H 216 47.23 66.71 52.37
N HIS H 217 46.92 66.20 51.18
CA HIS H 217 47.44 66.79 49.96
C HIS H 217 46.31 67.14 49.00
N VAL H 218 46.39 68.28 48.33
CA VAL H 218 45.34 68.64 47.39
C VAL H 218 45.91 68.65 45.97
N LEU H 219 45.30 67.87 45.09
CA LEU H 219 45.72 67.83 43.70
C LEU H 219 44.97 68.77 42.77
N TYR H 220 45.70 69.29 41.78
CA TYR H 220 45.13 70.20 40.82
C TYR H 220 45.87 70.04 39.50
N GLN H 221 45.07 69.56 38.53
CA GLN H 221 45.40 69.24 37.18
C GLN H 221 46.77 68.49 37.21
N GLY H 222 46.77 67.46 38.05
CA GLY H 222 47.94 66.61 38.26
C GLY H 222 49.07 67.19 39.09
N ARG H 223 48.79 68.15 39.99
CA ARG H 223 49.83 68.78 40.80
C ARG H 223 49.47 68.99 42.29
N ILE H 224 50.48 68.94 43.15
CA ILE H 224 50.32 69.25 44.58
C ILE H 224 51.06 70.52 45.01
N VAL H 225 50.37 71.56 45.45
CA VAL H 225 51.10 72.80 45.76
C VAL H 225 51.13 73.11 47.26
N LYS H 226 50.20 72.49 48.00
CA LYS H 226 50.07 72.72 49.44
C LYS H 226 50.02 71.44 50.28
N SER H 227 50.73 71.42 51.41
CA SER H 227 50.67 70.27 52.30
C SER H 227 50.51 70.75 53.73
N GLY H 228 49.82 69.95 54.54
CA GLY H 228 49.60 70.27 55.95
C GLY H 228 48.87 69.17 56.73
N ASP H 229 48.39 69.51 57.92
CA ASP H 229 47.65 68.57 58.76
C ASP H 229 46.12 68.75 58.70
N PHE H 230 45.40 68.09 59.60
CA PHE H 230 43.94 68.14 59.64
C PHE H 230 43.24 69.51 59.66
N THR H 231 43.82 70.52 60.31
CA THR H 231 43.20 71.85 60.37
C THR H 231 42.96 72.43 58.97
N LEU H 232 43.65 71.86 58.00
CA LEU H 232 43.62 72.23 56.58
C LEU H 232 42.30 72.17 55.81
N VAL H 233 41.36 71.30 56.19
CA VAL H 233 40.19 71.14 55.33
C VAL H 233 39.40 72.38 54.88
N LYS H 234 39.13 73.37 55.74
CA LYS H 234 38.44 74.55 55.19
C LYS H 234 39.36 75.13 54.11
N GLN H 235 38.90 75.98 53.18
CA GLN H 235 37.52 76.35 52.91
C GLN H 235 37.24 75.57 51.62
N LEU H 236 36.04 75.62 51.07
CA LEU H 236 35.77 74.88 49.84
C LEU H 236 35.74 75.88 48.69
#